data_5A12
#
_entry.id   5A12
#
_cell.length_a   74.234
_cell.length_b   133.823
_cell.length_c   77.622
_cell.angle_alpha   90.00
_cell.angle_beta   113.03
_cell.angle_gamma   90.00
#
_symmetry.space_group_name_H-M   'P 1 21 1'
#
loop_
_entity.id
_entity.type
_entity.pdbx_description
1 polymer 'CHLORITE DISMUTASE'
2 non-polymer 'PROTOPORPHYRIN IX CONTAINING FE'
3 non-polymer 'AZIDE ION'
4 non-polymer GLYCEROL
5 water water
#
_entity_poly.entity_id   1
_entity_poly.type   'polypeptide(L)'
_entity_poly.pdbx_seq_one_letter_code
;MADRAKLLTTPGVFGNFSTYKVRADYMKLPAAERKAAAAEAQMVIDKHKDKVIVDTYLTRGLGAGSDYLLRVHSTDMAAT
QAFLVDWRATKLGMYSDVTENLVGITKALNYISKDKSPDLNAGLSSATYSDSAPRYVIVIPVKKDAAWWNMSDEQRLKEI
EVHTQPTLQYLVNVKRKLYHSTGLADADFITYFETADLAAFNNLLIALAKVPENTHHVRWGNPTVLGTIQSADVLVKTLS
GM
;
_entity_poly.pdbx_strand_id   A,B,C,D,E
#
loop_
_chem_comp.id
_chem_comp.type
_chem_comp.name
_chem_comp.formula
AZI non-polymer 'AZIDE ION' 'N3 -1'
GOL non-polymer GLYCEROL 'C3 H8 O3'
HEM non-polymer 'PROTOPORPHYRIN IX CONTAINING FE' 'C34 H32 Fe N4 O4'
#
# COMPACT_ATOMS: atom_id res chain seq x y z
N MET A 1 25.63 22.67 -26.91
CA MET A 1 24.37 22.77 -26.10
C MET A 1 23.25 21.86 -26.59
N ALA A 2 22.22 21.70 -25.75
CA ALA A 2 21.21 20.66 -26.00
C ALA A 2 20.49 20.78 -27.37
N ASP A 3 20.36 19.67 -28.08
CA ASP A 3 19.66 19.62 -29.34
C ASP A 3 18.59 18.56 -29.24
N ARG A 4 17.34 18.94 -29.43
CA ARG A 4 16.20 18.02 -29.28
C ARG A 4 16.33 16.80 -30.16
N ALA A 5 16.59 16.99 -31.45
CA ALA A 5 16.65 15.82 -32.33
C ALA A 5 17.73 14.82 -31.90
N LYS A 6 18.91 15.32 -31.52
CA LYS A 6 20.02 14.47 -31.09
C LYS A 6 19.61 13.74 -29.79
N LEU A 7 19.02 14.47 -28.85
CA LEU A 7 18.71 13.86 -27.56
C LEU A 7 17.64 12.80 -27.68
N LEU A 8 16.74 12.92 -28.64
CA LEU A 8 15.68 11.95 -28.83
C LEU A 8 16.05 10.77 -29.68
N THR A 9 17.23 10.78 -30.30
CA THR A 9 17.57 9.75 -31.30
C THR A 9 18.93 9.08 -31.11
N THR A 10 19.60 9.35 -29.99
CA THR A 10 20.94 8.81 -29.74
C THR A 10 20.99 7.98 -28.46
N PRO A 11 21.92 7.02 -28.40
CA PRO A 11 22.17 6.31 -27.16
C PRO A 11 22.91 7.19 -26.16
N GLY A 12 22.82 6.80 -24.88
CA GLY A 12 23.52 7.49 -23.83
C GLY A 12 22.80 8.69 -23.27
N VAL A 13 21.53 8.84 -23.56
CA VAL A 13 20.72 9.99 -23.10
C VAL A 13 19.88 9.53 -21.91
N PHE A 14 19.86 10.36 -20.86
CA PHE A 14 19.02 10.09 -19.71
C PHE A 14 17.65 10.70 -19.95
N GLY A 15 16.65 9.84 -19.73
CA GLY A 15 15.25 10.24 -19.70
C GLY A 15 14.74 10.21 -18.27
N ASN A 16 14.14 11.30 -17.85
CA ASN A 16 13.63 11.50 -16.51
C ASN A 16 12.11 11.76 -16.67
N PHE A 17 11.33 10.84 -16.12
CA PHE A 17 9.86 10.89 -16.17
C PHE A 17 9.34 11.19 -14.77
N SER A 18 8.51 12.19 -14.64
CA SER A 18 7.94 12.51 -13.31
C SER A 18 6.49 12.88 -13.45
N THR A 19 5.66 12.37 -12.53
CA THR A 19 4.23 12.69 -12.51
C THR A 19 3.90 13.38 -11.19
N TYR A 20 2.90 14.27 -11.23
CA TYR A 20 2.58 15.09 -10.08
C TYR A 20 1.07 15.24 -9.98
N LYS A 21 0.60 15.37 -8.73
CA LYS A 21 -0.75 15.85 -8.41
C LYS A 21 -0.68 17.30 -7.96
N VAL A 22 -1.66 18.10 -8.39
CA VAL A 22 -1.74 19.47 -7.94
C VAL A 22 -2.56 19.51 -6.66
N ARG A 23 -2.01 20.12 -5.62
CA ARG A 23 -2.71 20.18 -4.34
CA ARG A 23 -2.68 20.19 -4.32
C ARG A 23 -3.96 21.05 -4.46
N ALA A 24 -4.98 20.66 -3.71
CA ALA A 24 -6.27 21.33 -3.77
C ALA A 24 -6.21 22.84 -3.48
N ASP A 25 -5.26 23.27 -2.65
CA ASP A 25 -5.22 24.69 -2.30
CA ASP A 25 -5.12 24.68 -2.27
C ASP A 25 -4.64 25.58 -3.41
N TYR A 26 -4.12 24.99 -4.48
CA TYR A 26 -3.68 25.79 -5.61
C TYR A 26 -4.86 26.59 -6.19
N MET A 27 -5.99 25.94 -6.38
CA MET A 27 -7.15 26.59 -6.97
C MET A 27 -7.83 27.57 -6.03
N LYS A 28 -7.40 27.62 -4.78
CA LYS A 28 -7.89 28.61 -3.82
C LYS A 28 -7.14 29.94 -3.93
N LEU A 29 -5.99 29.94 -4.59
CA LEU A 29 -5.25 31.15 -4.85
C LEU A 29 -6.07 32.07 -5.77
N PRO A 30 -5.90 33.39 -5.63
CA PRO A 30 -6.60 34.31 -6.54
C PRO A 30 -6.20 34.07 -7.98
N ALA A 31 -7.14 34.27 -8.87
CA ALA A 31 -6.91 34.07 -10.29
C ALA A 31 -5.66 34.78 -10.78
N ALA A 32 -5.41 35.99 -10.29
CA ALA A 32 -4.25 36.75 -10.76
C ALA A 32 -2.95 35.97 -10.50
N GLU A 33 -2.90 35.27 -9.38
CA GLU A 33 -1.72 34.50 -9.01
C GLU A 33 -1.54 33.27 -9.93
N ARG A 34 -2.65 32.62 -10.24
CA ARG A 34 -2.65 31.49 -11.13
C ARG A 34 -2.37 31.89 -12.57
N LYS A 35 -2.85 33.06 -12.97
CA LYS A 35 -2.55 33.58 -14.29
C LYS A 35 -1.03 33.71 -14.57
N ALA A 36 -0.25 34.05 -13.56
CA ALA A 36 1.20 34.21 -13.72
C ALA A 36 1.94 32.87 -13.84
N ALA A 37 1.27 31.79 -13.49
CA ALA A 37 1.98 30.49 -13.41
C ALA A 37 2.54 30.04 -14.76
N ALA A 38 1.79 30.25 -15.84
CA ALA A 38 2.22 29.78 -17.17
C ALA A 38 3.54 30.42 -17.62
N ALA A 39 3.69 31.72 -17.40
CA ALA A 39 4.94 32.38 -17.75
C ALA A 39 6.11 31.83 -16.95
N GLU A 40 5.88 31.52 -15.67
CA GLU A 40 6.96 30.99 -14.82
C GLU A 40 7.44 29.66 -15.32
N ALA A 41 6.50 28.82 -15.77
CA ALA A 41 6.82 27.50 -16.36
C ALA A 41 7.68 27.67 -17.60
N GLN A 42 7.28 28.56 -18.51
CA GLN A 42 8.10 28.73 -19.67
C GLN A 42 9.48 29.31 -19.34
N MET A 43 9.56 30.22 -18.37
CA MET A 43 10.87 30.75 -17.99
C MET A 43 11.80 29.69 -17.44
N VAL A 44 11.29 28.74 -16.65
CA VAL A 44 12.20 27.72 -16.09
C VAL A 44 12.67 26.73 -17.17
N ILE A 45 11.78 26.42 -18.10
CA ILE A 45 12.16 25.59 -19.25
C ILE A 45 13.24 26.32 -20.08
N ASP A 46 13.03 27.61 -20.33
CA ASP A 46 14.02 28.39 -21.06
C ASP A 46 15.36 28.51 -20.31
N LYS A 47 15.31 28.69 -18.99
CA LYS A 47 16.53 28.76 -18.19
C LYS A 47 17.43 27.55 -18.41
N HIS A 48 16.82 26.38 -18.59
CA HIS A 48 17.58 25.14 -18.71
C HIS A 48 17.72 24.61 -20.15
N LYS A 49 17.43 25.46 -21.13
CA LYS A 49 17.41 25.00 -22.52
C LYS A 49 18.80 24.63 -23.08
N ASP A 50 19.86 25.06 -22.39
CA ASP A 50 21.27 24.74 -22.64
CA ASP A 50 21.17 24.65 -22.87
C ASP A 50 21.60 23.26 -22.39
N LYS A 51 20.91 22.71 -21.38
CA LYS A 51 21.24 21.39 -20.85
C LYS A 51 20.19 20.30 -20.99
N VAL A 52 18.92 20.68 -21.06
CA VAL A 52 17.85 19.69 -21.08
C VAL A 52 16.81 20.08 -22.10
N ILE A 53 16.03 19.09 -22.50
CA ILE A 53 14.76 19.33 -23.15
C ILE A 53 13.61 18.82 -22.26
N VAL A 54 12.44 19.42 -22.43
CA VAL A 54 11.29 19.16 -21.59
C VAL A 54 10.03 18.99 -22.44
N ASP A 55 9.26 17.93 -22.14
CA ASP A 55 7.91 17.75 -22.70
C ASP A 55 6.90 17.67 -21.55
N THR A 56 5.70 18.20 -21.81
CA THR A 56 4.63 18.24 -20.84
C THR A 56 3.40 17.51 -21.36
N TYR A 57 2.67 16.88 -20.44
CA TYR A 57 1.48 16.11 -20.77
C TYR A 57 0.44 16.20 -19.64
N LEU A 58 -0.83 16.27 -20.02
CA LEU A 58 -1.92 16.37 -19.08
C LEU A 58 -2.48 14.98 -18.80
N THR A 59 -2.44 14.54 -17.55
CA THR A 59 -2.90 13.20 -17.16
C THR A 59 -4.19 13.26 -16.33
N ARG A 60 -4.54 14.44 -15.81
CA ARG A 60 -5.77 14.58 -15.04
C ARG A 60 -6.94 14.03 -15.85
N GLY A 61 -7.77 13.20 -15.21
CA GLY A 61 -8.97 12.70 -15.86
C GLY A 61 -8.77 11.47 -16.72
N LEU A 62 -7.53 10.98 -16.82
CA LEU A 62 -7.25 9.76 -17.58
C LEU A 62 -6.59 8.66 -16.72
N GLY A 63 -6.48 8.93 -15.43
CA GLY A 63 -5.92 7.99 -14.46
C GLY A 63 -5.91 8.68 -13.11
N ALA A 64 -5.73 7.90 -12.05
CA ALA A 64 -5.78 8.43 -10.70
C ALA A 64 -4.39 8.69 -10.12
N GLY A 65 -3.33 8.38 -10.88
CA GLY A 65 -1.95 8.52 -10.38
C GLY A 65 -1.43 9.94 -10.37
N SER A 66 -1.95 10.77 -11.29
CA SER A 66 -1.37 12.10 -11.46
C SER A 66 -2.27 13.06 -12.19
N ASP A 67 -1.89 14.33 -12.14
CA ASP A 67 -2.49 15.40 -12.99
C ASP A 67 -1.64 15.80 -14.20
N TYR A 68 -0.31 15.73 -14.07
CA TYR A 68 0.55 15.94 -15.22
C TYR A 68 1.84 15.15 -15.15
N LEU A 69 2.43 15.02 -16.33
CA LEU A 69 3.70 14.28 -16.55
C LEU A 69 4.71 15.24 -17.18
N LEU A 70 5.96 15.16 -16.72
CA LEU A 70 7.11 15.80 -17.36
C LEU A 70 8.06 14.73 -17.86
N ARG A 71 8.51 14.86 -19.11
CA ARG A 71 9.58 14.02 -19.64
C ARG A 71 10.75 14.93 -19.94
N VAL A 72 11.88 14.68 -19.31
CA VAL A 72 13.06 15.56 -19.40
C VAL A 72 14.24 14.72 -19.89
N HIS A 73 14.99 15.23 -20.88
CA HIS A 73 16.18 14.52 -21.37
C HIS A 73 17.44 15.37 -21.20
N SER A 74 18.53 14.70 -20.92
CA SER A 74 19.85 15.32 -20.92
C SER A 74 20.91 14.24 -21.01
N THR A 75 22.11 14.62 -21.46
CA THR A 75 23.24 13.71 -21.33
C THR A 75 23.80 13.64 -19.90
N ASP A 76 23.35 14.53 -19.03
CA ASP A 76 23.83 14.62 -17.64
C ASP A 76 22.62 14.36 -16.74
N MET A 77 22.64 13.27 -15.98
CA MET A 77 21.51 12.96 -15.11
C MET A 77 21.22 14.11 -14.12
N ALA A 78 22.29 14.66 -13.54
CA ALA A 78 22.15 15.73 -12.57
C ALA A 78 21.51 16.97 -13.16
N ALA A 79 21.66 17.18 -14.47
CA ALA A 79 21.04 18.32 -15.11
C ALA A 79 19.51 18.15 -15.15
N THR A 80 19.06 16.92 -15.33
CA THR A 80 17.61 16.65 -15.25
C THR A 80 17.06 16.96 -13.86
N GLN A 81 17.86 16.58 -12.85
CA GLN A 81 17.51 16.92 -11.46
C GLN A 81 17.43 18.44 -11.23
N ALA A 82 18.44 19.17 -11.72
CA ALA A 82 18.49 20.61 -11.54
C ALA A 82 17.26 21.28 -12.13
N PHE A 83 16.87 20.82 -13.31
CA PHE A 83 15.64 21.34 -13.92
C PHE A 83 14.41 21.10 -13.02
N LEU A 84 14.26 19.87 -12.52
CA LEU A 84 13.10 19.53 -11.69
C LEU A 84 13.12 20.26 -10.35
N VAL A 85 14.30 20.48 -9.77
CA VAL A 85 14.44 21.30 -8.58
C VAL A 85 13.90 22.71 -8.82
N ASP A 86 14.32 23.31 -9.95
CA ASP A 86 13.81 24.63 -10.30
C ASP A 86 12.31 24.63 -10.64
N TRP A 87 11.84 23.57 -11.32
CA TRP A 87 10.41 23.44 -11.59
C TRP A 87 9.59 23.47 -10.29
N ARG A 88 10.09 22.76 -9.27
CA ARG A 88 9.37 22.70 -8.00
CA ARG A 88 9.38 22.68 -7.99
C ARG A 88 9.29 24.04 -7.28
N ALA A 89 10.17 24.99 -7.66
CA ALA A 89 10.19 26.33 -7.12
C ALA A 89 9.23 27.29 -7.79
N THR A 90 8.71 26.91 -8.95
CA THR A 90 7.68 27.70 -9.62
C THR A 90 6.34 27.64 -8.86
N LYS A 91 5.41 28.52 -9.21
CA LYS A 91 4.15 28.55 -8.50
C LYS A 91 3.41 27.23 -8.60
N LEU A 92 3.26 26.71 -9.81
CA LEU A 92 2.63 25.42 -9.98
C LEU A 92 3.45 24.32 -9.30
N GLY A 93 4.78 24.39 -9.41
CA GLY A 93 5.64 23.36 -8.80
C GLY A 93 5.51 23.30 -7.29
N MET A 94 5.37 24.46 -6.67
CA MET A 94 5.29 24.48 -5.23
CA MET A 94 5.25 24.58 -5.23
C MET A 94 3.98 23.92 -4.72
N TYR A 95 2.95 23.82 -5.60
CA TYR A 95 1.70 23.18 -5.28
C TYR A 95 1.56 21.80 -5.92
N SER A 96 2.67 21.23 -6.32
CA SER A 96 2.70 19.90 -6.95
C SER A 96 3.35 18.88 -6.01
N ASP A 97 2.70 17.75 -5.86
CA ASP A 97 3.22 16.62 -5.08
C ASP A 97 3.64 15.54 -6.10
N VAL A 98 4.88 15.09 -6.02
CA VAL A 98 5.33 14.06 -6.93
C VAL A 98 4.71 12.72 -6.56
N THR A 99 4.23 12.00 -7.55
CA THR A 99 3.63 10.68 -7.36
C THR A 99 4.42 9.52 -7.94
N GLU A 100 5.19 9.78 -8.99
CA GLU A 100 6.11 8.82 -9.55
C GLU A 100 7.23 9.58 -10.23
N ASN A 101 8.45 9.02 -10.21
CA ASN A 101 9.60 9.65 -10.84
C ASN A 101 10.56 8.54 -11.12
N LEU A 102 10.73 8.25 -12.42
CA LEU A 102 11.56 7.14 -12.88
C LEU A 102 12.55 7.71 -13.87
N VAL A 103 13.78 7.21 -13.81
CA VAL A 103 14.79 7.61 -14.75
C VAL A 103 15.38 6.40 -15.43
N GLY A 104 15.93 6.63 -16.62
CA GLY A 104 16.57 5.56 -17.39
C GLY A 104 17.49 6.18 -18.44
N ILE A 105 18.18 5.28 -19.15
CA ILE A 105 19.13 5.69 -20.18
C ILE A 105 18.81 5.01 -21.50
N THR A 106 19.00 5.75 -22.60
CA THR A 106 18.81 5.15 -23.93
C THR A 106 20.07 4.33 -24.27
N LYS A 107 19.87 3.22 -24.95
CA LYS A 107 20.97 2.33 -25.30
C LYS A 107 20.81 1.85 -26.75
N ALA A 108 21.93 1.42 -27.30
CA ALA A 108 21.88 0.70 -28.58
C ALA A 108 20.99 -0.56 -28.47
N LEU A 109 20.46 -0.99 -29.60
CA LEU A 109 19.69 -2.24 -29.67
C LEU A 109 20.52 -3.41 -29.12
N ASN A 110 19.92 -4.14 -28.19
CA ASN A 110 20.51 -5.35 -27.61
C ASN A 110 20.20 -6.62 -28.35
N TYR A 111 19.05 -6.61 -29.03
CA TYR A 111 18.49 -7.85 -29.58
C TYR A 111 18.21 -7.74 -31.08
N ILE A 112 17.35 -6.83 -31.48
CA ILE A 112 16.87 -6.78 -32.87
C ILE A 112 17.72 -5.84 -33.74
N SER A 113 19.02 -6.11 -33.72
CA SER A 113 19.96 -5.44 -34.61
C SER A 113 20.00 -6.15 -35.95
N LYS A 114 20.52 -5.47 -36.96
CA LYS A 114 20.66 -6.08 -38.27
C LYS A 114 21.59 -7.29 -38.17
N ASP A 115 22.61 -7.21 -37.29
CA ASP A 115 23.54 -8.31 -37.10
C ASP A 115 22.79 -9.54 -36.59
N LYS A 116 22.08 -9.37 -35.47
CA LYS A 116 21.49 -10.50 -34.77
C LYS A 116 20.13 -10.96 -35.35
N SER A 117 19.36 -10.08 -35.95
CA SER A 117 18.01 -10.44 -36.34
C SER A 117 17.63 -9.63 -37.56
N PRO A 118 18.24 -9.97 -38.72
CA PRO A 118 18.15 -9.05 -39.83
C PRO A 118 16.76 -8.81 -40.41
N ASP A 119 15.92 -9.84 -40.47
CA ASP A 119 14.60 -9.66 -41.11
C ASP A 119 13.74 -8.72 -40.27
N LEU A 120 13.69 -8.97 -38.96
CA LEU A 120 12.92 -8.09 -38.09
C LEU A 120 13.52 -6.67 -38.02
N ASN A 121 14.83 -6.58 -37.98
CA ASN A 121 15.46 -5.28 -38.02
C ASN A 121 15.10 -4.45 -39.26
N ALA A 122 15.04 -5.12 -40.43
CA ALA A 122 14.59 -4.43 -41.63
C ALA A 122 13.18 -3.86 -41.48
N GLY A 123 12.26 -4.64 -40.88
CA GLY A 123 10.89 -4.17 -40.67
C GLY A 123 10.86 -3.00 -39.68
N LEU A 124 11.71 -3.08 -38.66
CA LEU A 124 11.80 -2.00 -37.68
C LEU A 124 12.33 -0.72 -38.33
N SER A 125 13.35 -0.87 -39.16
CA SER A 125 14.00 0.28 -39.79
C SER A 125 13.16 0.97 -40.85
N SER A 126 12.31 0.22 -41.54
CA SER A 126 11.56 0.77 -42.67
C SER A 126 10.17 1.27 -42.31
N ALA A 127 9.70 0.98 -41.09
CA ALA A 127 8.35 1.38 -40.66
C ALA A 127 8.25 2.89 -40.55
N THR A 128 7.09 3.42 -40.93
CA THR A 128 6.85 4.85 -40.86
C THR A 128 5.49 5.11 -40.21
N TYR A 129 5.48 5.99 -39.22
CA TYR A 129 4.22 6.42 -38.62
C TYR A 129 3.45 7.19 -39.69
N SER A 130 2.16 6.87 -39.87
CA SER A 130 1.41 7.53 -40.94
CA SER A 130 1.37 7.35 -40.99
C SER A 130 -0.04 7.80 -40.58
N ASP A 131 -0.23 8.13 -39.31
CA ASP A 131 -1.52 8.63 -38.85
C ASP A 131 -1.39 10.13 -38.64
N SER A 132 -2.49 10.74 -38.23
CA SER A 132 -2.52 12.12 -37.74
C SER A 132 -1.51 12.32 -36.60
N ALA A 133 -1.14 13.58 -36.37
CA ALA A 133 -0.22 13.93 -35.26
C ALA A 133 -0.68 13.26 -33.97
N PRO A 134 0.26 12.65 -33.22
CA PRO A 134 -0.18 12.05 -31.95
C PRO A 134 -0.86 13.06 -31.01
N ARG A 135 -1.86 12.57 -30.29
CA ARG A 135 -2.56 13.35 -29.28
C ARG A 135 -2.34 12.82 -27.86
N TYR A 136 -1.97 11.54 -27.76
CA TYR A 136 -1.89 10.85 -26.46
C TYR A 136 -0.49 10.31 -26.24
N VAL A 137 -0.12 10.21 -24.95
CA VAL A 137 1.10 9.58 -24.48
C VAL A 137 0.72 8.44 -23.56
N ILE A 138 1.51 7.37 -23.62
CA ILE A 138 1.40 6.30 -22.65
C ILE A 138 2.82 5.98 -22.17
N VAL A 139 2.99 5.88 -20.86
CA VAL A 139 4.26 5.48 -20.23
C VAL A 139 4.01 4.20 -19.42
N ILE A 140 4.79 3.14 -19.69
CA ILE A 140 4.61 1.86 -19.04
C ILE A 140 5.96 1.41 -18.47
N PRO A 141 6.13 1.50 -17.14
CA PRO A 141 7.32 0.91 -16.51
C PRO A 141 7.27 -0.62 -16.60
N VAL A 142 8.41 -1.23 -16.89
CA VAL A 142 8.49 -2.67 -17.03
C VAL A 142 9.61 -3.24 -16.20
N LYS A 143 9.33 -4.33 -15.50
CA LYS A 143 10.35 -5.06 -14.76
C LYS A 143 10.16 -6.54 -15.03
N LYS A 144 11.26 -7.22 -15.29
CA LYS A 144 11.25 -8.65 -15.58
C LYS A 144 11.85 -9.44 -14.42
N ASP A 145 11.35 -10.66 -14.24
CA ASP A 145 11.74 -11.50 -13.12
C ASP A 145 13.18 -12.04 -13.25
N ALA A 146 13.69 -12.58 -12.17
CA ALA A 146 15.04 -13.12 -12.17
C ALA A 146 15.16 -14.24 -13.19
N ALA A 147 14.11 -15.03 -13.40
CA ALA A 147 14.17 -16.12 -14.38
C ALA A 147 14.45 -15.60 -15.76
N TRP A 148 13.86 -14.48 -16.15
CA TRP A 148 14.19 -13.87 -17.45
C TRP A 148 15.67 -13.58 -17.56
N TRP A 149 16.20 -12.82 -16.60
CA TRP A 149 17.60 -12.38 -16.69
C TRP A 149 18.58 -13.57 -16.65
N ASN A 150 18.18 -14.63 -15.97
CA ASN A 150 18.99 -15.85 -15.90
C ASN A 150 18.94 -16.72 -17.16
N MET A 151 18.00 -16.45 -18.06
CA MET A 151 17.99 -17.09 -19.38
CA MET A 151 18.03 -17.14 -19.35
C MET A 151 19.19 -16.64 -20.20
N SER A 152 19.59 -17.46 -21.17
CA SER A 152 20.74 -17.11 -22.00
C SER A 152 20.43 -15.96 -22.97
N ASP A 153 21.48 -15.38 -23.53
CA ASP A 153 21.33 -14.37 -24.58
C ASP A 153 20.47 -14.91 -25.74
N GLU A 154 20.70 -16.15 -26.15
CA GLU A 154 19.96 -16.73 -27.23
C GLU A 154 18.50 -16.96 -26.89
N GLN A 155 18.24 -17.43 -25.69
CA GLN A 155 16.84 -17.62 -25.25
C GLN A 155 16.09 -16.30 -25.21
N ARG A 156 16.73 -15.27 -24.69
CA ARG A 156 16.10 -13.96 -24.62
C ARG A 156 15.88 -13.37 -26.00
N LEU A 157 16.87 -13.54 -26.88
CA LEU A 157 16.71 -13.06 -28.26
C LEU A 157 15.47 -13.65 -28.91
N LYS A 158 15.27 -14.96 -28.76
CA LYS A 158 14.09 -15.55 -29.36
C LYS A 158 12.80 -14.94 -28.83
N GLU A 159 12.73 -14.67 -27.53
CA GLU A 159 11.51 -14.11 -26.94
C GLU A 159 11.28 -12.66 -27.40
N ILE A 160 12.36 -11.91 -27.63
CA ILE A 160 12.25 -10.54 -28.12
C ILE A 160 11.90 -10.49 -29.63
N GLU A 161 12.35 -11.48 -30.38
CA GLU A 161 11.89 -11.63 -31.76
C GLU A 161 10.39 -11.89 -31.80
N VAL A 162 9.90 -12.67 -30.86
CA VAL A 162 8.43 -12.93 -30.75
C VAL A 162 7.63 -11.69 -30.27
N HIS A 163 8.25 -10.87 -29.43
CA HIS A 163 7.73 -9.54 -29.08
C HIS A 163 7.56 -8.63 -30.31
N THR A 164 8.57 -8.67 -31.18
CA THR A 164 8.64 -7.77 -32.32
C THR A 164 7.75 -8.17 -33.49
N GLN A 165 7.66 -9.46 -33.79
CA GLN A 165 6.94 -9.91 -34.97
C GLN A 165 5.50 -9.36 -35.07
N PRO A 166 4.70 -9.48 -33.99
CA PRO A 166 3.31 -9.05 -34.10
C PRO A 166 3.06 -7.56 -33.84
N THR A 167 4.10 -6.82 -33.49
CA THR A 167 3.96 -5.44 -33.13
C THR A 167 4.48 -4.50 -34.22
N LEU A 168 5.31 -4.98 -35.15
CA LEU A 168 5.81 -4.08 -36.19
C LEU A 168 4.69 -3.37 -36.94
N GLN A 169 3.57 -4.07 -37.17
CA GLN A 169 2.45 -3.44 -37.89
C GLN A 169 1.92 -2.16 -37.21
N TYR A 170 2.05 -2.08 -35.91
CA TYR A 170 1.57 -0.94 -35.14
C TYR A 170 2.45 0.29 -35.20
N LEU A 171 3.62 0.17 -35.83
CA LEU A 171 4.46 1.35 -36.03
C LEU A 171 3.86 2.35 -37.01
N VAL A 172 2.88 1.92 -37.79
CA VAL A 172 2.05 2.86 -38.58
C VAL A 172 1.22 3.80 -37.72
N ASN A 173 0.85 3.32 -36.53
CA ASN A 173 -0.17 3.91 -35.66
C ASN A 173 0.41 4.45 -34.31
N VAL A 174 1.64 4.04 -33.96
CA VAL A 174 2.18 4.23 -32.61
C VAL A 174 3.67 4.50 -32.72
N LYS A 175 4.17 5.58 -32.08
CA LYS A 175 5.60 5.82 -31.96
C LYS A 175 6.05 5.26 -30.63
N ARG A 176 7.25 4.68 -30.60
CA ARG A 176 7.78 4.01 -29.38
C ARG A 176 9.17 4.51 -29.04
N LYS A 177 9.50 4.49 -27.76
CA LYS A 177 10.87 4.74 -27.31
C LYS A 177 11.14 3.98 -26.03
N LEU A 178 12.31 3.33 -26.00
CA LEU A 178 12.74 2.46 -24.90
C LEU A 178 13.88 3.09 -24.08
N TYR A 179 13.75 3.05 -22.76
CA TYR A 179 14.80 3.49 -21.82
C TYR A 179 15.09 2.32 -20.87
N HIS A 180 16.34 2.29 -20.39
CA HIS A 180 16.81 1.22 -19.54
C HIS A 180 17.10 1.76 -18.15
N SER A 181 16.54 1.08 -17.13
CA SER A 181 16.47 1.59 -15.77
C SER A 181 17.02 0.70 -14.64
N THR A 182 17.40 -0.55 -14.90
CA THR A 182 17.88 -1.43 -13.84
C THR A 182 18.96 -0.72 -13.07
N GLY A 183 18.82 -0.73 -11.73
CA GLY A 183 19.76 -0.06 -10.83
C GLY A 183 19.52 1.41 -10.56
N LEU A 184 18.66 2.04 -11.37
CA LEU A 184 18.39 3.48 -11.25
C LEU A 184 17.00 3.79 -10.75
N ALA A 185 16.16 2.76 -10.70
CA ALA A 185 14.74 2.85 -10.37
C ALA A 185 14.25 1.44 -10.11
N ASP A 186 13.02 1.32 -9.57
CA ASP A 186 12.41 -0.01 -9.36
C ASP A 186 11.73 -0.48 -10.63
N ALA A 187 12.51 -0.52 -11.71
CA ALA A 187 12.05 -0.98 -13.03
C ALA A 187 13.31 -1.39 -13.81
N ASP A 188 13.17 -2.31 -14.76
CA ASP A 188 14.21 -2.57 -15.73
C ASP A 188 14.15 -1.64 -16.94
N PHE A 189 12.96 -1.18 -17.29
CA PHE A 189 12.74 -0.35 -18.48
C PHE A 189 11.68 0.68 -18.22
N ILE A 190 11.77 1.79 -18.94
CA ILE A 190 10.65 2.72 -19.09
C ILE A 190 10.32 2.73 -20.56
N THR A 191 9.05 2.49 -20.89
CA THR A 191 8.60 2.49 -22.25
C THR A 191 7.64 3.67 -22.46
N TYR A 192 7.79 4.33 -23.62
CA TYR A 192 7.14 5.58 -23.94
C TYR A 192 6.51 5.47 -25.33
N PHE A 193 5.24 5.87 -25.40
CA PHE A 193 4.49 5.77 -26.65
C PHE A 193 3.71 7.03 -26.92
N GLU A 194 3.60 7.35 -28.21
CA GLU A 194 2.73 8.42 -28.70
C GLU A 194 1.80 7.90 -29.77
N THR A 195 0.56 8.35 -29.74
CA THR A 195 -0.42 7.87 -30.70
C THR A 195 -1.59 8.82 -30.76
N ALA A 196 -2.31 8.76 -31.88
CA ALA A 196 -3.64 9.40 -31.98
C ALA A 196 -4.76 8.36 -31.78
N ASP A 197 -4.39 7.08 -31.78
CA ASP A 197 -5.34 5.97 -31.91
C ASP A 197 -5.24 4.98 -30.75
N LEU A 198 -6.02 5.28 -29.71
CA LEU A 198 -6.03 4.43 -28.52
C LEU A 198 -6.65 3.06 -28.73
N ALA A 199 -7.56 2.95 -29.72
CA ALA A 199 -8.05 1.63 -30.15
C ALA A 199 -6.90 0.75 -30.65
N ALA A 200 -6.06 1.31 -31.50
CA ALA A 200 -4.90 0.59 -31.98
C ALA A 200 -3.95 0.25 -30.82
N PHE A 201 -3.77 1.20 -29.91
CA PHE A 201 -2.83 0.99 -28.80
C PHE A 201 -3.29 -0.18 -27.91
N ASN A 202 -4.59 -0.24 -27.63
CA ASN A 202 -5.15 -1.36 -26.89
C ASN A 202 -4.87 -2.69 -27.60
N ASN A 203 -5.05 -2.70 -28.92
CA ASN A 203 -4.77 -3.91 -29.70
C ASN A 203 -3.30 -4.32 -29.68
N LEU A 204 -2.43 -3.32 -29.71
CA LEU A 204 -0.99 -3.55 -29.63
C LEU A 204 -0.63 -4.25 -28.30
N LEU A 205 -1.14 -3.73 -27.20
CA LEU A 205 -0.75 -4.28 -25.89
CA LEU A 205 -0.77 -4.24 -25.89
C LEU A 205 -1.35 -5.67 -25.68
N ILE A 206 -2.55 -5.88 -26.22
CA ILE A 206 -3.14 -7.23 -26.22
C ILE A 206 -2.22 -8.21 -26.96
N ALA A 207 -1.68 -7.82 -28.11
CA ALA A 207 -0.74 -8.67 -28.85
C ALA A 207 0.49 -9.05 -27.99
N LEU A 208 1.01 -8.08 -27.22
CA LEU A 208 2.15 -8.33 -26.34
C LEU A 208 1.81 -9.19 -25.11
N ALA A 209 0.57 -9.08 -24.63
CA ALA A 209 0.16 -9.91 -23.52
C ALA A 209 0.23 -11.41 -23.86
N LYS A 210 0.01 -11.69 -25.16
CA LYS A 210 -0.12 -13.05 -25.65
C LYS A 210 1.18 -13.80 -25.89
N VAL A 211 2.33 -13.13 -25.73
CA VAL A 211 3.60 -13.77 -26.00
C VAL A 211 4.28 -14.30 -24.74
N PRO A 212 5.16 -15.32 -24.89
CA PRO A 212 5.78 -15.88 -23.72
C PRO A 212 6.62 -14.92 -22.89
N GLU A 213 7.20 -13.88 -23.49
CA GLU A 213 7.90 -12.86 -22.73
C GLU A 213 7.06 -12.33 -21.55
N ASN A 214 5.75 -12.24 -21.77
CA ASN A 214 4.86 -11.62 -20.80
C ASN A 214 4.77 -12.45 -19.50
N THR A 215 5.06 -13.75 -19.57
CA THR A 215 5.11 -14.56 -18.38
C THR A 215 6.22 -14.14 -17.40
N HIS A 216 7.14 -13.28 -17.82
CA HIS A 216 8.26 -12.84 -16.98
C HIS A 216 8.06 -11.46 -16.37
N HIS A 217 6.94 -10.80 -16.68
CA HIS A 217 6.73 -9.44 -16.16
C HIS A 217 6.26 -9.43 -14.71
N VAL A 218 7.03 -8.75 -13.87
CA VAL A 218 6.61 -8.46 -12.49
C VAL A 218 6.12 -7.02 -12.32
N ARG A 219 6.43 -6.15 -13.29
CA ARG A 219 5.85 -4.81 -13.40
C ARG A 219 5.60 -4.58 -14.89
N TRP A 220 4.41 -4.06 -15.21
CA TRP A 220 4.01 -3.79 -16.60
C TRP A 220 2.92 -2.74 -16.53
N GLY A 221 3.33 -1.59 -16.02
CA GLY A 221 2.46 -0.53 -15.61
C GLY A 221 2.69 -0.22 -14.14
N ASN A 222 1.60 0.02 -13.44
CA ASN A 222 1.64 0.37 -12.02
CA ASN A 222 1.64 0.35 -12.01
C ASN A 222 2.64 1.49 -11.72
N PRO A 223 2.40 2.67 -12.30
CA PRO A 223 1.24 3.08 -13.10
C PRO A 223 1.40 2.87 -14.61
N THR A 224 0.27 2.66 -15.28
CA THR A 224 0.17 2.86 -16.71
C THR A 224 -0.25 4.31 -16.85
N VAL A 225 0.67 5.18 -17.30
CA VAL A 225 0.41 6.64 -17.31
C VAL A 225 -0.19 6.98 -18.68
N LEU A 226 -1.41 7.50 -18.70
CA LEU A 226 -2.08 7.89 -19.92
C LEU A 226 -2.35 9.39 -19.86
N GLY A 227 -1.96 10.10 -20.92
CA GLY A 227 -2.08 11.56 -20.94
C GLY A 227 -2.34 12.09 -22.34
N THR A 228 -2.63 13.37 -22.40
CA THR A 228 -2.65 14.10 -23.66
C THR A 228 -1.43 15.01 -23.78
N ILE A 229 -0.89 15.04 -24.98
CA ILE A 229 0.23 15.93 -25.33
C ILE A 229 -0.26 17.37 -25.31
N GLN A 230 0.44 18.24 -24.59
CA GLN A 230 0.06 19.63 -24.50
C GLN A 230 1.31 20.45 -24.46
N SER A 231 1.23 21.65 -25.01
CA SER A 231 2.31 22.64 -24.75
C SER A 231 2.39 22.97 -23.25
N ALA A 232 3.54 23.45 -22.80
CA ALA A 232 3.70 23.83 -21.39
C ALA A 232 2.68 24.94 -21.03
N ASP A 233 2.48 25.88 -21.94
CA ASP A 233 1.53 26.95 -21.73
C ASP A 233 0.11 26.43 -21.50
N VAL A 234 -0.35 25.56 -22.39
CA VAL A 234 -1.69 25.02 -22.27
C VAL A 234 -1.81 24.13 -21.02
N LEU A 235 -0.78 23.33 -20.75
CA LEU A 235 -0.83 22.49 -19.56
C LEU A 235 -1.03 23.32 -18.30
N VAL A 236 -0.18 24.33 -18.13
CA VAL A 236 -0.21 25.10 -16.90
C VAL A 236 -1.52 25.90 -16.82
N LYS A 237 -1.94 26.48 -17.94
CA LYS A 237 -3.23 27.19 -17.97
C LYS A 237 -4.39 26.29 -17.58
N THR A 238 -4.41 25.08 -18.13
CA THR A 238 -5.45 24.12 -17.82
C THR A 238 -5.52 23.79 -16.34
N LEU A 239 -4.37 23.50 -15.75
CA LEU A 239 -4.35 23.17 -14.32
C LEU A 239 -4.53 24.38 -13.41
N SER A 240 -4.49 25.60 -14.00
CA SER A 240 -4.62 26.82 -13.23
C SER A 240 -5.99 27.50 -13.44
N GLY A 241 -6.89 26.85 -14.18
CA GLY A 241 -8.17 27.46 -14.54
C GLY A 241 -8.06 28.72 -15.41
N MET A 242 -7.07 28.76 -16.31
CA MET A 242 -6.79 29.93 -17.17
C MET A 242 -6.86 29.62 -18.67
N MET B 1 -41.26 0.62 13.10
CA MET B 1 -39.95 0.33 13.78
C MET B 1 -39.40 -1.04 13.37
N ALA B 2 -38.19 -1.07 12.78
CA ALA B 2 -37.60 -2.34 12.32
C ALA B 2 -37.48 -3.35 13.47
N ASP B 3 -37.63 -4.63 13.13
CA ASP B 3 -37.63 -5.72 14.12
C ASP B 3 -36.19 -6.25 14.22
N ARG B 4 -35.52 -5.87 15.31
CA ARG B 4 -34.11 -6.18 15.50
CA ARG B 4 -34.10 -6.18 15.51
C ARG B 4 -33.83 -7.69 15.48
N ALA B 5 -34.61 -8.46 16.24
CA ALA B 5 -34.36 -9.91 16.32
C ALA B 5 -34.54 -10.57 14.96
N LYS B 6 -35.53 -10.12 14.21
CA LYS B 6 -35.76 -10.64 12.87
C LYS B 6 -34.56 -10.31 11.98
N LEU B 7 -34.15 -9.06 11.97
CA LEU B 7 -33.01 -8.65 11.13
C LEU B 7 -31.73 -9.39 11.46
N LEU B 8 -31.55 -9.75 12.73
CA LEU B 8 -30.38 -10.47 13.16
C LEU B 8 -30.40 -11.97 12.95
N THR B 9 -31.58 -12.54 12.64
CA THR B 9 -31.69 -14.01 12.60
C THR B 9 -32.30 -14.62 11.34
N THR B 10 -32.55 -13.82 10.31
CA THR B 10 -33.17 -14.29 9.08
C THR B 10 -32.24 -14.16 7.86
N PRO B 11 -32.47 -14.99 6.83
CA PRO B 11 -31.78 -14.81 5.55
C PRO B 11 -32.32 -13.61 4.79
N GLY B 12 -31.51 -13.06 3.89
CA GLY B 12 -31.87 -11.97 3.00
C GLY B 12 -31.71 -10.59 3.62
N VAL B 13 -30.94 -10.51 4.69
CA VAL B 13 -30.70 -9.23 5.34
C VAL B 13 -29.31 -8.74 4.95
N PHE B 14 -29.24 -7.47 4.63
CA PHE B 14 -27.93 -6.85 4.32
C PHE B 14 -27.26 -6.38 5.61
N GLY B 15 -26.00 -6.78 5.78
CA GLY B 15 -25.14 -6.30 6.83
C GLY B 15 -24.14 -5.34 6.24
N ASN B 16 -24.00 -4.17 6.84
CA ASN B 16 -23.09 -3.14 6.38
C ASN B 16 -22.16 -2.79 7.53
N PHE B 17 -20.89 -3.07 7.31
CA PHE B 17 -19.84 -2.89 8.32
C PHE B 17 -18.98 -1.71 7.91
N SER B 18 -18.77 -0.74 8.79
CA SER B 18 -17.88 0.36 8.46
C SER B 18 -17.02 0.75 9.65
N THR B 19 -15.75 1.03 9.38
CA THR B 19 -14.85 1.47 10.43
C THR B 19 -14.35 2.86 10.08
N TYR B 20 -14.07 3.65 11.12
CA TYR B 20 -13.68 5.05 10.98
C TYR B 20 -12.54 5.40 11.92
N LYS B 21 -11.70 6.35 11.48
CA LYS B 21 -10.78 7.05 12.37
C LYS B 21 -11.31 8.45 12.63
N VAL B 22 -11.18 8.89 13.87
CA VAL B 22 -11.55 10.23 14.23
C VAL B 22 -10.39 11.17 13.87
N ARG B 23 -10.71 12.20 13.11
CA ARG B 23 -9.70 13.18 12.68
CA ARG B 23 -9.75 13.24 12.68
C ARG B 23 -9.13 13.95 13.86
N ALA B 24 -7.86 14.32 13.72
CA ALA B 24 -7.09 14.96 14.77
C ALA B 24 -7.72 16.27 15.25
N ASP B 25 -8.42 16.96 14.37
CA ASP B 25 -8.98 18.24 14.77
C ASP B 25 -10.33 18.13 15.48
N TYR B 26 -10.90 16.93 15.59
CA TYR B 26 -12.15 16.79 16.36
C TYR B 26 -11.98 17.26 17.81
N MET B 27 -10.91 16.86 18.46
CA MET B 27 -10.68 17.24 19.86
C MET B 27 -10.31 18.70 20.04
N LYS B 28 -10.09 19.41 18.92
CA LYS B 28 -9.82 20.84 18.94
C LYS B 28 -11.11 21.65 18.97
N LEU B 29 -12.23 20.99 18.69
CA LEU B 29 -13.52 21.65 18.74
C LEU B 29 -13.85 22.06 20.16
N PRO B 30 -14.63 23.13 20.32
CA PRO B 30 -15.09 23.53 21.66
C PRO B 30 -15.81 22.40 22.36
N ALA B 31 -15.66 22.36 23.68
CA ALA B 31 -16.27 21.32 24.48
C ALA B 31 -17.75 21.16 24.20
N ALA B 32 -18.47 22.28 24.06
CA ALA B 32 -19.93 22.21 23.86
C ALA B 32 -20.30 21.44 22.60
N GLU B 33 -19.48 21.55 21.54
CA GLU B 33 -19.78 20.84 20.30
C GLU B 33 -19.58 19.36 20.46
N ARG B 34 -18.55 19.01 21.21
CA ARG B 34 -18.29 17.61 21.50
C ARG B 34 -19.31 17.03 22.49
N LYS B 35 -19.78 17.83 23.45
CA LYS B 35 -20.80 17.36 24.40
C LYS B 35 -22.14 17.10 23.70
N ALA B 36 -22.42 17.84 22.63
CA ALA B 36 -23.62 17.64 21.83
C ALA B 36 -23.60 16.41 20.91
N ALA B 37 -22.43 15.84 20.68
CA ALA B 37 -22.28 14.79 19.67
C ALA B 37 -23.10 13.54 20.02
N ALA B 38 -23.14 13.15 21.30
CA ALA B 38 -23.84 11.92 21.67
C ALA B 38 -25.33 12.01 21.34
N ALA B 39 -25.97 13.15 21.62
CA ALA B 39 -27.40 13.28 21.24
C ALA B 39 -27.64 13.29 19.74
N GLU B 40 -26.70 13.88 18.99
CA GLU B 40 -26.81 13.89 17.53
C GLU B 40 -26.75 12.44 17.00
N ALA B 41 -25.86 11.64 17.61
CA ALA B 41 -25.77 10.24 17.23
C ALA B 41 -27.07 9.49 17.51
N GLN B 42 -27.63 9.69 18.70
CA GLN B 42 -28.88 9.02 18.99
C GLN B 42 -29.99 9.47 18.05
N MET B 43 -30.03 10.75 17.69
CA MET B 43 -31.07 11.27 16.81
C MET B 43 -31.03 10.66 15.41
N VAL B 44 -29.85 10.45 14.88
CA VAL B 44 -29.75 9.87 13.54
C VAL B 44 -30.11 8.38 13.56
N ILE B 45 -29.73 7.68 14.61
CA ILE B 45 -30.14 6.27 14.78
C ILE B 45 -31.68 6.21 14.85
N ASP B 46 -32.27 7.10 15.63
CA ASP B 46 -33.73 7.15 15.78
CA ASP B 46 -33.73 7.15 15.78
C ASP B 46 -34.42 7.51 14.45
N LYS B 47 -33.86 8.46 13.71
CA LYS B 47 -34.42 8.88 12.41
C LYS B 47 -34.62 7.70 11.47
N HIS B 48 -33.69 6.73 11.53
CA HIS B 48 -33.70 5.60 10.62
C HIS B 48 -34.23 4.29 11.24
N LYS B 49 -34.88 4.38 12.39
CA LYS B 49 -35.27 3.18 13.14
C LYS B 49 -36.35 2.36 12.45
N ASP B 50 -37.06 2.95 11.49
CA ASP B 50 -38.06 2.25 10.70
C ASP B 50 -37.44 1.30 9.70
N LYS B 51 -36.19 1.54 9.30
CA LYS B 51 -35.58 0.78 8.21
C LYS B 51 -34.33 0.03 8.57
N VAL B 52 -33.57 0.51 9.56
CA VAL B 52 -32.29 -0.11 9.90
C VAL B 52 -32.15 -0.28 11.41
N ILE B 53 -31.25 -1.19 11.79
CA ILE B 53 -30.72 -1.27 13.14
C ILE B 53 -29.23 -0.95 13.08
N VAL B 54 -28.69 -0.47 14.19
CA VAL B 54 -27.31 -0.01 14.30
C VAL B 54 -26.68 -0.51 15.59
N ASP B 55 -25.48 -1.08 15.47
CA ASP B 55 -24.64 -1.42 16.61
C ASP B 55 -23.33 -0.66 16.51
N THR B 56 -22.80 -0.27 17.68
CA THR B 56 -21.59 0.51 17.80
C THR B 56 -20.54 -0.19 18.63
N TYR B 57 -19.27 -0.03 18.22
CA TYR B 57 -18.17 -0.69 18.93
C TYR B 57 -16.95 0.21 18.93
N LEU B 58 -16.18 0.16 20.01
CA LEU B 58 -14.97 0.94 20.15
C LEU B 58 -13.77 0.09 19.80
N THR B 59 -13.05 0.53 18.76
CA THR B 59 -11.87 -0.19 18.27
C THR B 59 -10.54 0.54 18.59
N ARG B 60 -10.60 1.83 18.96
CA ARG B 60 -9.39 2.56 19.33
C ARG B 60 -8.62 1.77 20.41
N GLY B 61 -7.32 1.62 20.24
CA GLY B 61 -6.49 1.00 21.24
C GLY B 61 -6.40 -0.53 21.10
N LEU B 62 -7.17 -1.12 20.19
CA LEU B 62 -7.14 -2.57 19.95
C LEU B 62 -6.69 -2.96 18.53
N GLY B 63 -6.35 -1.95 17.75
CA GLY B 63 -5.84 -2.10 16.39
C GLY B 63 -5.61 -0.73 15.78
N ALA B 64 -4.90 -0.69 14.66
CA ALA B 64 -4.50 0.58 14.06
C ALA B 64 -5.40 0.97 12.89
N GLY B 65 -6.36 0.11 12.58
CA GLY B 65 -7.23 0.33 11.43
C GLY B 65 -8.31 1.36 11.64
N SER B 66 -8.71 1.54 12.90
CA SER B 66 -9.88 2.37 13.19
C SER B 66 -10.00 2.72 14.65
N ASP B 67 -10.91 3.67 14.88
CA ASP B 67 -11.35 4.08 16.22
C ASP B 67 -12.73 3.57 16.62
N TYR B 68 -13.62 3.39 15.66
CA TYR B 68 -14.90 2.77 15.92
C TYR B 68 -15.46 2.02 14.72
N LEU B 69 -16.38 1.11 15.01
CA LEU B 69 -17.06 0.27 14.04
C LEU B 69 -18.55 0.45 14.18
N LEU B 70 -19.24 0.55 13.04
CA LEU B 70 -20.68 0.50 12.92
C LEU B 70 -21.11 -0.73 12.16
N ARG B 71 -22.07 -1.46 12.74
CA ARG B 71 -22.70 -2.58 12.03
C ARG B 71 -24.18 -2.21 11.84
N VAL B 72 -24.62 -2.16 10.60
CA VAL B 72 -25.95 -1.69 10.24
C VAL B 72 -26.65 -2.75 9.42
N HIS B 73 -27.89 -3.09 9.79
CA HIS B 73 -28.66 -4.06 9.01
C HIS B 73 -29.94 -3.46 8.47
N SER B 74 -30.31 -3.93 7.28
CA SER B 74 -31.62 -3.63 6.68
C SER B 74 -31.92 -4.66 5.61
N THR B 75 -33.20 -4.85 5.30
CA THR B 75 -33.54 -5.62 4.12
C THR B 75 -33.30 -4.84 2.81
N ASP B 76 -33.02 -3.53 2.90
CA ASP B 76 -32.77 -2.64 1.75
C ASP B 76 -31.33 -2.15 1.87
N MET B 77 -30.47 -2.55 0.94
CA MET B 77 -29.09 -2.09 0.98
C MET B 77 -28.97 -0.56 0.97
N ALA B 78 -29.78 0.08 0.12
CA ALA B 78 -29.77 1.54 0.04
C ALA B 78 -30.16 2.23 1.34
N ALA B 79 -30.98 1.58 2.16
CA ALA B 79 -31.33 2.12 3.49
C ALA B 79 -30.13 2.14 4.43
N THR B 80 -29.22 1.16 4.30
CA THR B 80 -28.02 1.18 5.11
C THR B 80 -27.14 2.35 4.66
N GLN B 81 -27.07 2.57 3.35
CA GLN B 81 -26.33 3.72 2.83
C GLN B 81 -26.92 5.05 3.33
N ALA B 82 -28.24 5.15 3.29
CA ALA B 82 -28.89 6.40 3.70
C ALA B 82 -28.59 6.73 5.17
N PHE B 83 -28.61 5.70 6.02
CA PHE B 83 -28.19 5.88 7.40
C PHE B 83 -26.76 6.42 7.49
N LEU B 84 -25.83 5.76 6.79
CA LEU B 84 -24.44 6.13 6.88
C LEU B 84 -24.17 7.53 6.32
N VAL B 85 -24.89 7.91 5.27
CA VAL B 85 -24.81 9.29 4.73
C VAL B 85 -25.21 10.28 5.84
N ASP B 86 -26.32 10.01 6.53
CA ASP B 86 -26.74 10.93 7.62
C ASP B 86 -25.80 10.86 8.85
N TRP B 87 -25.25 9.68 9.12
CA TRP B 87 -24.21 9.56 10.17
C TRP B 87 -23.05 10.49 9.88
N ARG B 88 -22.60 10.53 8.62
CA ARG B 88 -21.44 11.34 8.28
C ARG B 88 -21.72 12.85 8.40
N ALA B 89 -23.00 13.22 8.45
CA ALA B 89 -23.43 14.62 8.64
C ALA B 89 -23.47 15.05 10.11
N THR B 90 -23.41 14.10 11.05
CA THR B 90 -23.33 14.44 12.47
C THR B 90 -21.95 14.99 12.78
N LYS B 91 -21.82 15.62 13.95
CA LYS B 91 -20.55 16.24 14.28
C LYS B 91 -19.42 15.23 14.34
N LEU B 92 -19.62 14.11 15.02
CA LEU B 92 -18.60 13.07 15.04
C LEU B 92 -18.38 12.52 13.61
N GLY B 93 -19.47 12.26 12.89
CA GLY B 93 -19.35 11.75 11.54
C GLY B 93 -18.54 12.62 10.59
N MET B 94 -18.73 13.93 10.73
CA MET B 94 -18.06 14.90 9.87
C MET B 94 -16.52 14.90 10.11
N TYR B 95 -16.13 14.55 11.31
CA TYR B 95 -14.75 14.45 11.74
C TYR B 95 -14.23 13.00 11.72
N SER B 96 -14.92 12.15 10.98
CA SER B 96 -14.55 10.72 10.83
C SER B 96 -14.10 10.42 9.41
N ASP B 97 -12.99 9.70 9.28
CA ASP B 97 -12.53 9.21 7.98
C ASP B 97 -12.84 7.73 7.92
N VAL B 98 -13.51 7.28 6.87
CA VAL B 98 -13.81 5.88 6.73
C VAL B 98 -12.54 5.13 6.34
N THR B 99 -12.28 4.03 7.01
CA THR B 99 -11.09 3.22 6.73
C THR B 99 -11.39 1.85 6.08
N GLU B 100 -12.57 1.31 6.34
CA GLU B 100 -13.05 0.08 5.72
CA GLU B 100 -13.06 0.11 5.66
C GLU B 100 -14.58 0.15 5.71
N ASN B 101 -15.20 -0.41 4.70
CA ASN B 101 -16.67 -0.46 4.61
C ASN B 101 -16.98 -1.61 3.69
N LEU B 102 -17.54 -2.67 4.27
CA LEU B 102 -17.83 -3.89 3.57
C LEU B 102 -19.29 -4.24 3.81
N VAL B 103 -19.96 -4.70 2.77
CA VAL B 103 -21.34 -5.13 2.86
C VAL B 103 -21.47 -6.59 2.45
N GLY B 104 -22.55 -7.22 2.90
CA GLY B 104 -22.84 -8.58 2.55
C GLY B 104 -24.28 -8.90 2.86
N ILE B 105 -24.70 -10.11 2.48
CA ILE B 105 -26.08 -10.58 2.66
C ILE B 105 -26.09 -11.88 3.48
N THR B 106 -27.08 -12.02 4.36
CA THR B 106 -27.26 -13.24 5.06
C THR B 106 -27.98 -14.25 4.15
N LYS B 107 -27.59 -15.51 4.28
CA LYS B 107 -28.15 -16.56 3.41
C LYS B 107 -28.48 -17.81 4.21
N ALA B 108 -29.35 -18.64 3.65
CA ALA B 108 -29.54 -19.99 4.15
C ALA B 108 -28.21 -20.76 4.12
N LEU B 109 -28.15 -21.76 4.98
CA LEU B 109 -26.97 -22.65 5.01
C LEU B 109 -26.72 -23.33 3.66
N ASN B 110 -25.49 -23.23 3.18
CA ASN B 110 -25.06 -23.84 1.92
C ASN B 110 -24.51 -25.23 2.05
N TYR B 111 -23.95 -25.54 3.24
CA TYR B 111 -23.21 -26.77 3.47
C TYR B 111 -23.73 -27.59 4.65
N ILE B 112 -23.76 -26.98 5.85
CA ILE B 112 -24.07 -27.74 7.05
C ILE B 112 -25.56 -27.65 7.34
N SER B 113 -26.35 -28.08 6.36
CA SER B 113 -27.79 -28.07 6.44
C SER B 113 -28.26 -29.43 6.93
N LYS B 114 -29.52 -29.48 7.34
CA LYS B 114 -30.12 -30.73 7.76
C LYS B 114 -30.05 -31.76 6.64
N ASP B 115 -30.34 -31.34 5.41
CA ASP B 115 -30.32 -32.26 4.29
C ASP B 115 -28.92 -32.74 3.91
N LYS B 116 -27.94 -31.83 3.95
CA LYS B 116 -26.58 -32.19 3.47
C LYS B 116 -25.65 -32.78 4.52
N SER B 117 -25.82 -32.39 5.78
CA SER B 117 -24.87 -32.79 6.82
C SER B 117 -25.60 -32.86 8.16
N PRO B 118 -26.53 -33.83 8.30
CA PRO B 118 -27.43 -33.78 9.45
C PRO B 118 -26.79 -33.85 10.85
N ASP B 119 -25.76 -34.65 11.03
CA ASP B 119 -25.16 -34.76 12.37
C ASP B 119 -24.55 -33.44 12.83
N LEU B 120 -23.75 -32.82 11.97
CA LEU B 120 -23.13 -31.54 12.32
C LEU B 120 -24.18 -30.45 12.39
N ASN B 121 -25.18 -30.51 11.52
CA ASN B 121 -26.28 -29.54 11.60
C ASN B 121 -27.05 -29.63 12.93
N ALA B 122 -27.23 -30.85 13.45
CA ALA B 122 -27.89 -31.01 14.74
C ALA B 122 -27.09 -30.33 15.84
N GLY B 123 -25.77 -30.49 15.81
CA GLY B 123 -24.86 -29.88 16.78
C GLY B 123 -24.86 -28.38 16.69
N LEU B 124 -24.95 -27.85 15.48
CA LEU B 124 -25.07 -26.41 15.28
C LEU B 124 -26.39 -25.89 15.84
N SER B 125 -27.45 -26.65 15.59
CA SER B 125 -28.80 -26.28 15.95
C SER B 125 -29.06 -26.29 17.48
N SER B 126 -28.40 -27.20 18.20
CA SER B 126 -28.56 -27.40 19.64
C SER B 126 -27.60 -26.56 20.48
N ALA B 127 -26.58 -26.01 19.85
CA ALA B 127 -25.54 -25.27 20.56
C ALA B 127 -26.10 -24.01 21.21
N THR B 128 -25.67 -23.73 22.44
CA THR B 128 -26.14 -22.55 23.17
C THR B 128 -24.98 -21.81 23.82
N TYR B 129 -24.92 -20.49 23.62
CA TYR B 129 -23.96 -19.66 24.32
C TYR B 129 -24.36 -19.61 25.79
N SER B 130 -23.40 -19.91 26.68
CA SER B 130 -23.68 -19.94 28.12
C SER B 130 -22.68 -19.22 29.03
N ASP B 131 -21.79 -18.43 28.45
CA ASP B 131 -20.77 -17.68 29.18
C ASP B 131 -21.37 -16.35 29.63
N SER B 132 -20.56 -15.56 30.32
CA SER B 132 -20.85 -14.15 30.64
C SER B 132 -21.21 -13.37 29.36
N ALA B 133 -21.94 -12.27 29.52
CA ALA B 133 -22.32 -11.43 28.40
C ALA B 133 -21.07 -11.06 27.58
N PRO B 134 -21.19 -11.14 26.23
CA PRO B 134 -20.03 -10.71 25.45
C PRO B 134 -19.58 -9.26 25.72
N ARG B 135 -18.27 -9.04 25.69
CA ARG B 135 -17.67 -7.71 25.82
C ARG B 135 -16.93 -7.27 24.54
N TYR B 136 -16.52 -8.24 23.71
CA TYR B 136 -15.66 -7.95 22.54
C TYR B 136 -16.34 -8.37 21.27
N VAL B 137 -15.99 -7.66 20.19
CA VAL B 137 -16.39 -8.00 18.83
C VAL B 137 -15.14 -8.27 18.01
N ILE B 138 -15.22 -9.22 17.10
CA ILE B 138 -14.19 -9.47 16.09
C ILE B 138 -14.90 -9.57 14.75
N VAL B 139 -14.39 -8.83 13.75
CA VAL B 139 -14.85 -8.92 12.37
C VAL B 139 -13.68 -9.35 11.49
N ILE B 140 -13.88 -10.43 10.73
CA ILE B 140 -12.83 -10.99 9.87
C ILE B 140 -13.37 -11.13 8.45
N PRO B 141 -12.91 -10.28 7.52
CA PRO B 141 -13.25 -10.46 6.12
C PRO B 141 -12.51 -11.69 5.58
N VAL B 142 -13.18 -12.48 4.77
CA VAL B 142 -12.60 -13.70 4.21
C VAL B 142 -12.81 -13.78 2.71
N LYS B 143 -11.74 -14.16 2.00
CA LYS B 143 -11.81 -14.38 0.56
C LYS B 143 -11.06 -15.67 0.26
N LYS B 144 -11.66 -16.51 -0.57
CA LYS B 144 -11.08 -17.79 -0.95
C LYS B 144 -10.65 -17.74 -2.41
N ASP B 145 -9.58 -18.49 -2.69
CA ASP B 145 -8.96 -18.51 -4.01
C ASP B 145 -9.82 -19.20 -5.07
N ALA B 146 -9.46 -18.99 -6.33
CA ALA B 146 -10.19 -19.62 -7.43
C ALA B 146 -10.21 -21.13 -7.33
N ALA B 147 -9.13 -21.72 -6.81
CA ALA B 147 -9.07 -23.17 -6.68
C ALA B 147 -10.18 -23.70 -5.77
N TRP B 148 -10.47 -22.97 -4.69
CA TRP B 148 -11.56 -23.35 -3.81
C TRP B 148 -12.87 -23.42 -4.60
N TRP B 149 -13.19 -22.33 -5.24
CA TRP B 149 -14.49 -22.21 -5.89
C TRP B 149 -14.61 -23.22 -7.03
N ASN B 150 -13.48 -23.56 -7.67
CA ASN B 150 -13.44 -24.54 -8.73
C ASN B 150 -13.57 -25.99 -8.24
N MET B 151 -13.44 -26.23 -6.95
CA MET B 151 -13.71 -27.56 -6.40
CA MET B 151 -13.71 -27.56 -6.39
C MET B 151 -15.21 -27.87 -6.48
N SER B 152 -15.52 -29.15 -6.48
CA SER B 152 -16.94 -29.55 -6.54
C SER B 152 -17.70 -29.23 -5.25
N ASP B 153 -19.02 -29.25 -5.35
CA ASP B 153 -19.88 -29.05 -4.18
C ASP B 153 -19.51 -30.06 -3.08
N GLU B 154 -19.26 -31.32 -3.46
CA GLU B 154 -18.97 -32.38 -2.47
C GLU B 154 -17.60 -32.14 -1.82
N GLN B 155 -16.61 -31.70 -2.61
CA GLN B 155 -15.29 -31.46 -2.09
C GLN B 155 -15.32 -30.31 -1.09
N ARG B 156 -16.02 -29.26 -1.47
CA ARG B 156 -16.19 -28.12 -0.56
C ARG B 156 -16.97 -28.48 0.68
N LEU B 157 -18.04 -29.27 0.54
CA LEU B 157 -18.77 -29.70 1.73
C LEU B 157 -17.86 -30.44 2.74
N LYS B 158 -17.05 -31.36 2.25
CA LYS B 158 -16.14 -32.08 3.13
C LYS B 158 -15.23 -31.10 3.90
N GLU B 159 -14.73 -30.06 3.23
CA GLU B 159 -13.84 -29.12 3.88
C GLU B 159 -14.56 -28.25 4.92
N ILE B 160 -15.84 -27.93 4.66
CA ILE B 160 -16.63 -27.18 5.62
C ILE B 160 -17.07 -28.06 6.80
N GLU B 161 -17.30 -29.35 6.58
CA GLU B 161 -17.52 -30.26 7.67
C GLU B 161 -16.31 -30.28 8.61
N VAL B 162 -15.11 -30.27 8.03
CA VAL B 162 -13.87 -30.24 8.82
C VAL B 162 -13.68 -28.89 9.56
N HIS B 163 -14.14 -27.80 8.95
CA HIS B 163 -14.23 -26.49 9.62
C HIS B 163 -15.11 -26.56 10.86
N THR B 164 -16.25 -27.23 10.72
CA THR B 164 -17.31 -27.21 11.73
C THR B 164 -17.01 -28.16 12.91
N GLN B 165 -16.49 -29.34 12.62
CA GLN B 165 -16.35 -30.33 13.69
C GLN B 165 -15.54 -29.83 14.90
N PRO B 166 -14.38 -29.16 14.71
CA PRO B 166 -13.58 -28.75 15.86
C PRO B 166 -14.01 -27.43 16.48
N THR B 167 -14.96 -26.75 15.84
CA THR B 167 -15.35 -25.43 16.28
C THR B 167 -16.71 -25.38 16.99
N LEU B 168 -17.53 -26.42 16.83
CA LEU B 168 -18.83 -26.46 17.56
C LEU B 168 -18.67 -26.21 19.07
N GLN B 169 -17.59 -26.74 19.65
CA GLN B 169 -17.36 -26.61 21.08
C GLN B 169 -17.26 -25.14 21.51
N TYR B 170 -16.84 -24.25 20.61
CA TYR B 170 -16.72 -22.82 20.94
C TYR B 170 -18.03 -22.04 20.93
N LEU B 171 -19.13 -22.69 20.53
CA LEU B 171 -20.41 -21.96 20.53
C LEU B 171 -20.94 -21.70 21.96
N VAL B 172 -20.32 -22.34 22.96
CA VAL B 172 -20.67 -22.06 24.36
CA VAL B 172 -20.66 -22.06 24.36
C VAL B 172 -20.14 -20.68 24.79
N ASN B 173 -19.09 -20.20 24.13
CA ASN B 173 -18.49 -18.92 24.55
C ASN B 173 -18.12 -17.94 23.43
N VAL B 174 -18.55 -18.25 22.22
CA VAL B 174 -18.37 -17.37 21.06
C VAL B 174 -19.66 -17.41 20.27
N LYS B 175 -20.21 -16.23 19.98
CA LYS B 175 -21.35 -16.08 19.08
C LYS B 175 -20.80 -15.75 17.69
N ARG B 176 -21.39 -16.35 16.66
CA ARG B 176 -20.94 -16.20 15.25
C ARG B 176 -22.05 -15.76 14.32
N LYS B 177 -21.71 -14.99 13.30
CA LYS B 177 -22.66 -14.67 12.23
C LYS B 177 -21.92 -14.49 10.92
N LEU B 178 -22.44 -15.13 9.88
CA LEU B 178 -21.86 -15.16 8.52
C LEU B 178 -22.67 -14.30 7.53
N TYR B 179 -21.94 -13.50 6.74
CA TYR B 179 -22.50 -12.72 5.66
C TYR B 179 -21.73 -13.07 4.41
N HIS B 180 -22.43 -12.95 3.29
CA HIS B 180 -21.90 -13.31 1.98
C HIS B 180 -21.72 -12.07 1.09
N SER B 181 -20.50 -11.90 0.54
CA SER B 181 -20.10 -10.63 -0.05
C SER B 181 -19.55 -10.69 -1.49
N THR B 182 -19.36 -11.88 -2.06
CA THR B 182 -18.79 -11.94 -3.41
C THR B 182 -19.60 -11.05 -4.34
N GLY B 183 -18.90 -10.22 -5.10
CA GLY B 183 -19.54 -9.27 -6.00
C GLY B 183 -19.93 -7.94 -5.42
N LEU B 184 -19.95 -7.84 -4.08
CA LEU B 184 -20.41 -6.64 -3.39
C LEU B 184 -19.28 -5.90 -2.68
N ALA B 185 -18.14 -6.57 -2.56
CA ALA B 185 -16.96 -6.08 -1.85
C ALA B 185 -15.80 -6.97 -2.28
N ASP B 186 -14.58 -6.59 -1.90
CA ASP B 186 -13.38 -7.40 -2.17
C ASP B 186 -13.22 -8.47 -1.08
N ALA B 187 -14.26 -9.27 -0.94
CA ALA B 187 -14.32 -10.37 0.01
C ALA B 187 -15.40 -11.32 -0.43
N ASP B 188 -15.24 -12.60 -0.09
CA ASP B 188 -16.31 -13.55 -0.28
C ASP B 188 -17.30 -13.59 0.89
N PHE B 189 -16.81 -13.26 2.09
CA PHE B 189 -17.58 -13.35 3.33
C PHE B 189 -17.17 -12.26 4.26
N ILE B 190 -18.11 -11.84 5.10
CA ILE B 190 -17.78 -11.08 6.30
C ILE B 190 -18.20 -11.97 7.47
N THR B 191 -17.28 -12.19 8.40
CA THR B 191 -17.57 -12.99 9.59
C THR B 191 -17.53 -12.10 10.82
N TYR B 192 -18.48 -12.35 11.74
CA TYR B 192 -18.72 -11.48 12.87
C TYR B 192 -18.82 -12.34 14.13
N PHE B 193 -18.08 -11.96 15.17
CA PHE B 193 -18.06 -12.73 16.42
C PHE B 193 -18.19 -11.83 17.64
N GLU B 194 -18.84 -12.41 18.66
CA GLU B 194 -18.94 -11.76 19.98
C GLU B 194 -18.49 -12.75 21.02
N THR B 195 -17.73 -12.25 21.99
CA THR B 195 -17.21 -13.09 23.05
C THR B 195 -16.84 -12.26 24.26
N ALA B 196 -16.80 -12.91 25.42
CA ALA B 196 -16.12 -12.35 26.58
C ALA B 196 -14.71 -12.91 26.80
N ASP B 197 -14.34 -13.94 26.04
CA ASP B 197 -13.16 -14.75 26.31
C ASP B 197 -12.25 -14.75 25.08
N LEU B 198 -11.35 -13.79 25.04
CA LEU B 198 -10.43 -13.69 23.92
C LEU B 198 -9.40 -14.80 23.92
N ALA B 199 -9.10 -15.40 25.07
CA ALA B 199 -8.23 -16.58 25.09
C ALA B 199 -8.87 -17.71 24.29
N ALA B 200 -10.16 -17.94 24.53
CA ALA B 200 -10.89 -18.94 23.77
C ALA B 200 -10.91 -18.58 22.28
N PHE B 201 -11.13 -17.32 21.97
CA PHE B 201 -11.23 -16.90 20.59
C PHE B 201 -9.92 -17.14 19.83
N ASN B 202 -8.79 -16.87 20.48
CA ASN B 202 -7.49 -17.19 19.89
C ASN B 202 -7.40 -18.70 19.62
N ASN B 203 -7.80 -19.51 20.57
CA ASN B 203 -7.74 -20.96 20.37
C ASN B 203 -8.69 -21.44 19.24
N LEU B 204 -9.83 -20.79 19.12
CA LEU B 204 -10.77 -21.08 18.04
C LEU B 204 -10.12 -20.84 16.66
N LEU B 205 -9.51 -19.66 16.50
CA LEU B 205 -8.90 -19.33 15.22
C LEU B 205 -7.71 -20.20 14.91
N ILE B 206 -6.95 -20.58 15.92
CA ILE B 206 -5.87 -21.55 15.75
C ILE B 206 -6.43 -22.86 15.21
N ALA B 207 -7.55 -23.34 15.77
CA ALA B 207 -8.14 -24.58 15.27
C ALA B 207 -8.47 -24.48 13.78
N LEU B 208 -9.00 -23.34 13.36
CA LEU B 208 -9.35 -23.16 11.94
C LEU B 208 -8.11 -22.97 11.04
N ALA B 209 -7.03 -22.43 11.57
CA ALA B 209 -5.80 -22.28 10.79
C ALA B 209 -5.29 -23.68 10.37
N LYS B 210 -5.55 -24.67 11.21
CA LYS B 210 -4.98 -26.01 11.05
C LYS B 210 -5.68 -26.92 10.06
N VAL B 211 -6.78 -26.47 9.46
CA VAL B 211 -7.55 -27.33 8.57
C VAL B 211 -7.29 -27.01 7.09
N PRO B 212 -7.55 -27.98 6.19
CA PRO B 212 -7.20 -27.73 4.79
C PRO B 212 -7.92 -26.57 4.12
N GLU B 213 -9.13 -26.23 4.56
CA GLU B 213 -9.80 -25.05 4.05
C GLU B 213 -8.87 -23.82 4.08
N ASN B 214 -8.06 -23.72 5.13
CA ASN B 214 -7.23 -22.52 5.31
C ASN B 214 -6.20 -22.34 4.21
N THR B 215 -5.83 -23.43 3.54
CA THR B 215 -4.91 -23.31 2.41
C THR B 215 -5.50 -22.53 1.23
N HIS B 216 -6.80 -22.23 1.28
CA HIS B 216 -7.49 -21.51 0.20
C HIS B 216 -7.71 -20.04 0.49
N HIS B 217 -7.36 -19.58 1.69
CA HIS B 217 -7.64 -18.18 2.04
C HIS B 217 -6.65 -17.22 1.41
N VAL B 218 -7.17 -16.25 0.65
CA VAL B 218 -6.37 -15.14 0.18
C VAL B 218 -6.62 -13.86 0.99
N ARG B 219 -7.71 -13.83 1.76
CA ARG B 219 -7.95 -12.79 2.76
C ARG B 219 -8.55 -13.52 3.93
N TRP B 220 -8.09 -13.17 5.13
CA TRP B 220 -8.54 -13.77 6.41
C TRP B 220 -8.23 -12.76 7.48
N GLY B 221 -8.88 -11.61 7.37
CA GLY B 221 -8.53 -10.42 8.12
C GLY B 221 -8.18 -9.28 7.18
N ASN B 222 -7.15 -8.50 7.52
CA ASN B 222 -6.69 -7.37 6.70
CA ASN B 222 -6.69 -7.38 6.70
C ASN B 222 -7.87 -6.46 6.33
N PRO B 223 -8.54 -5.91 7.34
CA PRO B 223 -8.22 -5.97 8.78
C PRO B 223 -8.92 -7.08 9.55
N THR B 224 -8.27 -7.52 10.61
CA THR B 224 -8.94 -8.19 11.71
C THR B 224 -9.38 -7.10 12.68
N VAL B 225 -10.68 -6.84 12.71
CA VAL B 225 -11.23 -5.74 13.51
C VAL B 225 -11.58 -6.24 14.89
N LEU B 226 -10.89 -5.75 15.93
CA LEU B 226 -11.12 -6.11 17.33
C LEU B 226 -11.65 -4.87 18.05
N GLY B 227 -12.74 -5.02 18.78
CA GLY B 227 -13.33 -3.90 19.49
C GLY B 227 -14.02 -4.31 20.74
N THR B 228 -14.43 -3.33 21.54
CA THR B 228 -15.37 -3.58 22.64
C THR B 228 -16.79 -3.14 22.27
N ILE B 229 -17.75 -3.93 22.69
CA ILE B 229 -19.17 -3.61 22.52
C ILE B 229 -19.48 -2.42 23.44
N GLN B 230 -20.13 -1.40 22.89
CA GLN B 230 -20.50 -0.20 23.67
C GLN B 230 -21.81 0.32 23.20
N SER B 231 -22.54 0.99 24.09
CA SER B 231 -23.70 1.73 23.63
C SER B 231 -23.25 2.92 22.78
N ALA B 232 -24.15 3.40 21.94
CA ALA B 232 -23.85 4.57 21.12
C ALA B 232 -23.44 5.77 21.97
N ASP B 233 -24.15 5.95 23.09
CA ASP B 233 -23.86 7.06 23.99
C ASP B 233 -22.44 6.96 24.55
N VAL B 234 -22.09 5.76 25.03
CA VAL B 234 -20.76 5.58 25.62
C VAL B 234 -19.68 5.72 24.52
N LEU B 235 -19.93 5.13 23.35
CA LEU B 235 -18.98 5.25 22.24
C LEU B 235 -18.67 6.70 21.93
N VAL B 236 -19.73 7.47 21.67
CA VAL B 236 -19.52 8.83 21.24
C VAL B 236 -18.90 9.70 22.34
N LYS B 237 -19.39 9.55 23.57
CA LYS B 237 -18.78 10.26 24.70
C LYS B 237 -17.30 9.95 24.83
N THR B 238 -16.95 8.68 24.73
CA THR B 238 -15.54 8.27 24.86
C THR B 238 -14.67 8.95 23.81
N LEU B 239 -15.16 8.99 22.56
CA LEU B 239 -14.36 9.57 21.49
C LEU B 239 -14.38 11.09 21.49
N SER B 240 -15.29 11.66 22.29
CA SER B 240 -15.46 13.11 22.38
C SER B 240 -14.85 13.69 23.66
N GLY B 241 -14.26 12.85 24.50
CA GLY B 241 -13.72 13.29 25.79
C GLY B 241 -14.78 13.79 26.75
N MET B 242 -15.94 13.14 26.72
CA MET B 242 -17.10 13.54 27.50
C MET B 242 -17.59 12.43 28.41
N MET C 1 -4.55 -5.53 42.89
CA MET C 1 -3.70 -4.49 42.22
C MET C 1 -2.74 -5.18 41.25
N ALA C 2 -2.42 -4.49 40.15
CA ALA C 2 -1.56 -5.05 39.10
C ALA C 2 -0.09 -5.11 39.55
N ASP C 3 0.49 -6.30 39.52
CA ASP C 3 1.89 -6.52 39.87
C ASP C 3 2.76 -6.73 38.64
N ARG C 4 3.79 -5.91 38.49
CA ARG C 4 4.58 -5.95 37.27
C ARG C 4 5.27 -7.28 37.01
N ALA C 5 5.98 -7.82 38.00
CA ALA C 5 6.72 -9.05 37.77
C ALA C 5 5.77 -10.21 37.43
N LYS C 6 4.60 -10.24 38.08
CA LYS C 6 3.60 -11.27 37.77
C LYS C 6 3.05 -11.09 36.35
N LEU C 7 2.68 -9.87 35.99
CA LEU C 7 2.14 -9.65 34.64
C LEU C 7 3.15 -9.95 33.55
N LEU C 8 4.44 -9.82 33.85
CA LEU C 8 5.44 -10.10 32.83
C LEU C 8 5.89 -11.56 32.75
N THR C 9 5.46 -12.42 33.70
CA THR C 9 5.97 -13.80 33.75
C THR C 9 4.94 -14.90 33.86
N THR C 10 3.67 -14.57 33.73
CA THR C 10 2.61 -15.58 33.80
C THR C 10 1.81 -15.69 32.52
N PRO C 11 1.22 -16.87 32.28
CA PRO C 11 0.30 -17.03 31.15
C PRO C 11 -1.02 -16.28 31.40
N GLY C 12 -1.75 -16.02 30.35
CA GLY C 12 -3.06 -15.38 30.41
C GLY C 12 -3.08 -13.86 30.49
N VAL C 13 -1.93 -13.23 30.23
CA VAL C 13 -1.80 -11.80 30.26
C VAL C 13 -1.87 -11.27 28.82
N PHE C 14 -2.66 -10.24 28.63
CA PHE C 14 -2.72 -9.52 27.35
C PHE C 14 -1.63 -8.49 27.25
N GLY C 15 -0.91 -8.54 26.14
CA GLY C 15 0.09 -7.55 25.77
C GLY C 15 -0.47 -6.75 24.59
N ASN C 16 -0.40 -5.44 24.73
CA ASN C 16 -0.94 -4.52 23.76
C ASN C 16 0.20 -3.61 23.34
N PHE C 17 0.57 -3.71 22.05
CA PHE C 17 1.69 -3.00 21.47
C PHE C 17 1.15 -1.94 20.52
N SER C 18 1.59 -0.68 20.68
CA SER C 18 1.10 0.38 19.80
C SER C 18 2.23 1.35 19.49
N THR C 19 2.30 1.71 18.20
CA THR C 19 3.29 2.67 17.72
C THR C 19 2.58 3.89 17.14
N TYR C 20 3.24 5.04 17.28
CA TYR C 20 2.65 6.34 16.93
C TYR C 20 3.67 7.21 16.27
N LYS C 21 3.20 8.05 15.34
CA LYS C 21 3.96 9.20 14.83
C LYS C 21 3.42 10.46 15.48
N VAL C 22 4.32 11.36 15.85
CA VAL C 22 3.95 12.68 16.35
C VAL C 22 3.64 13.59 15.18
N ARG C 23 2.47 14.20 15.21
CA ARG C 23 2.07 15.09 14.14
C ARG C 23 2.93 16.34 14.13
N ALA C 24 3.09 16.86 12.92
CA ALA C 24 3.99 17.96 12.69
C ALA C 24 3.62 19.22 13.51
N ASP C 25 2.33 19.42 13.79
CA ASP C 25 1.92 20.62 14.52
C ASP C 25 2.11 20.54 16.06
N TYR C 26 2.58 19.40 16.58
CA TYR C 26 2.90 19.31 18.02
C TYR C 26 4.00 20.31 18.40
N MET C 27 5.06 20.37 17.60
CA MET C 27 6.17 21.25 17.93
C MET C 27 5.84 22.72 17.69
N LYS C 28 4.73 22.99 17.01
CA LYS C 28 4.21 24.36 16.86
C LYS C 28 3.46 24.85 18.11
N LEU C 29 3.15 23.96 19.04
CA LEU C 29 2.52 24.36 20.31
C LEU C 29 3.45 25.22 21.16
N PRO C 30 2.87 26.08 22.00
CA PRO C 30 3.70 26.83 22.93
C PRO C 30 4.52 25.97 23.88
N ALA C 31 5.72 26.42 24.20
CA ALA C 31 6.64 25.68 25.05
C ALA C 31 6.05 25.23 26.39
N ALA C 32 5.31 26.11 27.08
CA ALA C 32 4.60 25.73 28.31
C ALA C 32 3.67 24.50 28.15
N GLU C 33 2.95 24.44 27.04
CA GLU C 33 2.07 23.31 26.75
C GLU C 33 2.88 22.01 26.62
N ARG C 34 4.02 22.12 25.95
CA ARG C 34 4.87 20.94 25.76
C ARG C 34 5.63 20.59 27.03
N LYS C 35 5.98 21.60 27.84
CA LYS C 35 6.65 21.35 29.11
C LYS C 35 5.78 20.51 30.05
N ALA C 36 4.47 20.73 29.97
CA ALA C 36 3.47 20.03 30.82
C ALA C 36 3.11 18.62 30.35
N ALA C 37 3.49 18.29 29.12
CA ALA C 37 3.14 17.01 28.54
C ALA C 37 3.69 15.84 29.35
N ALA C 38 4.91 15.96 29.87
CA ALA C 38 5.54 14.84 30.58
C ALA C 38 4.76 14.46 31.85
N ALA C 39 4.30 15.47 32.60
CA ALA C 39 3.54 15.21 33.82
C ALA C 39 2.17 14.64 33.49
N GLU C 40 1.57 15.05 32.37
CA GLU C 40 0.31 14.46 31.96
C GLU C 40 0.49 12.96 31.65
N ALA C 41 1.60 12.59 31.04
CA ALA C 41 1.87 11.20 30.74
C ALA C 41 2.01 10.39 32.01
N GLN C 42 2.76 10.90 32.97
CA GLN C 42 2.89 10.18 34.23
CA GLN C 42 2.92 10.28 34.28
C GLN C 42 1.56 10.04 34.95
N MET C 43 0.72 11.06 34.89
CA MET C 43 -0.56 11.00 35.57
CA MET C 43 -0.57 11.01 35.57
C MET C 43 -1.47 9.92 34.98
N VAL C 44 -1.45 9.78 33.66
CA VAL C 44 -2.32 8.79 33.04
C VAL C 44 -1.83 7.35 33.28
N ILE C 45 -0.53 7.15 33.29
CA ILE C 45 0.04 5.85 33.68
C ILE C 45 -0.35 5.54 35.14
N ASP C 46 -0.19 6.52 36.03
CA ASP C 46 -0.53 6.32 37.43
C ASP C 46 -2.04 6.08 37.64
N LYS C 47 -2.86 6.81 36.89
CA LYS C 47 -4.30 6.61 36.94
C LYS C 47 -4.71 5.15 36.73
N HIS C 48 -3.98 4.43 35.88
CA HIS C 48 -4.32 3.05 35.48
C HIS C 48 -3.43 2.00 36.16
N LYS C 49 -2.71 2.38 37.20
CA LYS C 49 -1.72 1.49 37.80
C LYS C 49 -2.32 0.29 38.51
N ASP C 50 -3.61 0.34 38.85
CA ASP C 50 -4.25 -0.82 39.48
C ASP C 50 -4.74 -1.83 38.44
N LYS C 51 -4.66 -1.48 37.16
CA LYS C 51 -5.18 -2.37 36.11
C LYS C 51 -4.13 -2.79 35.08
N VAL C 52 -3.17 -1.92 34.81
CA VAL C 52 -2.20 -2.11 33.71
C VAL C 52 -0.80 -1.72 34.12
N ILE C 53 0.19 -2.23 33.37
CA ILE C 53 1.53 -1.73 33.43
C ILE C 53 1.85 -1.19 32.02
N VAL C 54 2.77 -0.24 31.97
CA VAL C 54 3.12 0.50 30.75
C VAL C 54 4.64 0.62 30.65
N ASP C 55 5.15 0.34 29.44
CA ASP C 55 6.53 0.58 29.05
C ASP C 55 6.53 1.49 27.83
N THR C 56 7.54 2.36 27.77
CA THR C 56 7.72 3.35 26.73
C THR C 56 9.08 3.20 26.03
N TYR C 57 9.09 3.47 24.72
CA TYR C 57 10.29 3.31 23.90
C TYR C 57 10.30 4.34 22.78
N LEU C 58 11.51 4.85 22.52
CA LEU C 58 11.73 5.83 21.45
C LEU C 58 12.16 5.11 20.18
N THR C 59 11.32 5.25 19.15
CA THR C 59 11.59 4.63 17.82
C THR C 59 12.01 5.65 16.74
N ARG C 60 11.77 6.94 16.97
CA ARG C 60 12.16 7.98 16.01
C ARG C 60 13.65 7.80 15.68
N GLY C 61 13.97 7.85 14.38
CA GLY C 61 15.37 7.76 13.98
C GLY C 61 15.92 6.36 13.79
N LEU C 62 15.13 5.34 14.12
CA LEU C 62 15.58 3.96 13.99
C LEU C 62 14.67 3.14 13.03
N GLY C 63 13.72 3.82 12.40
CA GLY C 63 12.77 3.23 11.47
C GLY C 63 11.78 4.31 11.05
N ALA C 64 11.08 4.07 9.96
CA ALA C 64 10.13 5.05 9.40
C ALA C 64 8.71 4.81 9.84
N GLY C 65 8.47 3.74 10.59
CA GLY C 65 7.10 3.39 10.95
C GLY C 65 6.50 4.21 12.08
N SER C 66 7.35 4.77 12.93
CA SER C 66 6.87 5.39 14.15
C SER C 66 7.91 6.30 14.80
N ASP C 67 7.44 7.08 15.77
CA ASP C 67 8.28 7.84 16.69
C ASP C 67 8.37 7.25 18.09
N TYR C 68 7.33 6.57 18.55
CA TYR C 68 7.40 5.88 19.84
C TYR C 68 6.49 4.66 19.89
N LEU C 69 6.82 3.78 20.83
CA LEU C 69 6.15 2.53 21.08
C LEU C 69 5.66 2.49 22.54
N LEU C 70 4.44 2.02 22.74
CA LEU C 70 3.91 1.66 24.06
C LEU C 70 3.64 0.17 24.12
N ARG C 71 4.10 -0.46 25.20
CA ARG C 71 3.77 -1.85 25.52
C ARG C 71 2.97 -1.83 26.82
N VAL C 72 1.74 -2.32 26.77
CA VAL C 72 0.82 -2.27 27.91
C VAL C 72 0.38 -3.69 28.21
N HIS C 73 0.37 -4.08 29.48
CA HIS C 73 -0.13 -5.42 29.87
C HIS C 73 -1.26 -5.32 30.89
N SER C 74 -2.18 -6.28 30.81
CA SER C 74 -3.25 -6.44 31.81
C SER C 74 -3.81 -7.84 31.64
N THR C 75 -4.39 -8.37 32.70
CA THR C 75 -5.23 -9.57 32.55
C THR C 75 -6.61 -9.29 31.87
N ASP C 76 -6.97 -8.02 31.66
CA ASP C 76 -8.23 -7.61 31.03
C ASP C 76 -7.89 -6.83 29.73
N MET C 77 -8.27 -7.39 28.59
CA MET C 77 -7.95 -6.72 27.34
C MET C 77 -8.55 -5.32 27.27
N ALA C 78 -9.80 -5.19 27.71
CA ALA C 78 -10.46 -3.89 27.67
C ALA C 78 -9.73 -2.86 28.55
N ALA C 79 -9.03 -3.30 29.60
CA ALA C 79 -8.28 -2.38 30.45
C ALA C 79 -7.10 -1.79 29.70
N THR C 80 -6.50 -2.58 28.80
CA THR C 80 -5.45 -2.03 27.97
C THR C 80 -6.00 -0.94 27.04
N GLN C 81 -7.17 -1.22 26.50
CA GLN C 81 -7.87 -0.27 25.66
C GLN C 81 -8.16 1.04 26.41
N ALA C 82 -8.70 0.93 27.63
CA ALA C 82 -9.03 2.10 28.41
C ALA C 82 -7.81 2.97 28.68
N PHE C 83 -6.68 2.35 29.00
CA PHE C 83 -5.47 3.10 29.17
C PHE C 83 -5.11 3.85 27.91
N LEU C 84 -5.17 3.17 26.76
CA LEU C 84 -4.79 3.82 25.49
C LEU C 84 -5.73 4.92 25.05
N VAL C 85 -7.03 4.77 25.37
CA VAL C 85 -8.01 5.83 25.16
C VAL C 85 -7.61 7.08 25.96
N ASP C 86 -7.26 6.87 27.22
CA ASP C 86 -6.84 7.99 28.06
C ASP C 86 -5.49 8.57 27.64
N TRP C 87 -4.56 7.71 27.22
CA TRP C 87 -3.29 8.21 26.66
C TRP C 87 -3.54 9.17 25.48
N ARG C 88 -4.48 8.81 24.62
CA ARG C 88 -4.74 9.60 23.42
CA ARG C 88 -4.76 9.58 23.41
C ARG C 88 -5.34 10.96 23.77
N ALA C 89 -5.90 11.10 24.98
CA ALA C 89 -6.42 12.38 25.47
C ALA C 89 -5.37 13.31 26.06
N THR C 90 -4.18 12.78 26.32
CA THR C 90 -3.08 13.60 26.82
C THR C 90 -2.64 14.51 25.68
N LYS C 91 -1.87 15.55 26.04
CA LYS C 91 -1.39 16.50 25.03
C LYS C 91 -0.59 15.80 23.94
N LEU C 92 0.42 15.02 24.32
CA LEU C 92 1.17 14.25 23.32
C LEU C 92 0.27 13.25 22.58
N GLY C 93 -0.62 12.57 23.30
CA GLY C 93 -1.49 11.62 22.66
C GLY C 93 -2.39 12.24 21.62
N MET C 94 -2.86 13.45 21.89
CA MET C 94 -3.73 14.14 20.97
CA MET C 94 -3.74 14.16 20.99
C MET C 94 -3.06 14.49 19.66
N TYR C 95 -1.73 14.65 19.73
CA TYR C 95 -0.90 14.95 18.58
C TYR C 95 -0.16 13.69 18.07
N SER C 96 -0.68 12.52 18.39
CA SER C 96 -0.10 11.25 17.97
C SER C 96 -1.05 10.53 17.00
N ASP C 97 -0.52 10.05 15.87
CA ASP C 97 -1.26 9.20 14.92
C ASP C 97 -0.81 7.76 15.12
N VAL C 98 -1.72 6.82 15.33
CA VAL C 98 -1.32 5.43 15.53
C VAL C 98 -0.94 4.84 14.17
N THR C 99 0.19 4.13 14.14
CA THR C 99 0.64 3.49 12.89
C THR C 99 0.58 1.97 12.90
N GLU C 100 0.68 1.37 14.08
CA GLU C 100 0.47 -0.06 14.25
C GLU C 100 -0.03 -0.28 15.66
N ASN C 101 -0.85 -1.32 15.84
CA ASN C 101 -1.41 -1.63 17.19
C ASN C 101 -1.83 -3.09 17.12
N LEU C 102 -1.08 -3.92 17.83
CA LEU C 102 -1.26 -5.37 17.79
C LEU C 102 -1.42 -5.83 19.22
N VAL C 103 -2.36 -6.74 19.44
CA VAL C 103 -2.55 -7.36 20.75
C VAL C 103 -2.35 -8.87 20.67
N GLY C 104 -2.01 -9.45 21.81
CA GLY C 104 -1.84 -10.88 21.94
C GLY C 104 -1.92 -11.31 23.39
N ILE C 105 -1.88 -12.62 23.60
CA ILE C 105 -2.01 -13.19 24.94
C ILE C 105 -0.79 -14.08 25.22
N THR C 106 -0.33 -14.06 26.46
CA THR C 106 0.74 -14.98 26.87
C THR C 106 0.15 -16.33 27.16
N LYS C 107 0.91 -17.37 26.84
CA LYS C 107 0.44 -18.75 26.97
C LYS C 107 1.52 -19.63 27.54
N ALA C 108 1.08 -20.77 28.11
CA ALA C 108 2.02 -21.84 28.43
C ALA C 108 2.78 -22.31 27.18
N LEU C 109 3.91 -22.95 27.40
CA LEU C 109 4.72 -23.50 26.32
C LEU C 109 3.91 -24.56 25.56
N ASN C 110 3.83 -24.41 24.25
CA ASN C 110 3.18 -25.37 23.37
C ASN C 110 4.08 -26.50 22.93
N TYR C 111 5.39 -26.24 22.89
CA TYR C 111 6.33 -27.14 22.21
C TYR C 111 7.46 -27.54 23.13
N ILE C 112 8.23 -26.54 23.60
CA ILE C 112 9.47 -26.80 24.34
C ILE C 112 9.18 -26.86 25.83
N SER C 113 8.26 -27.74 26.17
CA SER C 113 7.84 -27.98 27.55
C SER C 113 8.67 -29.11 28.16
N LYS C 114 8.62 -29.22 29.48
CA LYS C 114 9.32 -30.29 30.17
C LYS C 114 8.81 -31.64 29.66
N ASP C 115 7.51 -31.75 29.43
CA ASP C 115 6.91 -33.03 28.96
C ASP C 115 7.34 -33.39 27.53
N LYS C 116 7.31 -32.39 26.64
CA LYS C 116 7.53 -32.66 25.22
C LYS C 116 8.98 -32.60 24.74
N SER C 117 9.82 -31.78 25.37
CA SER C 117 11.19 -31.58 24.90
C SER C 117 12.07 -31.25 26.09
N PRO C 118 12.25 -32.20 27.01
CA PRO C 118 12.85 -31.84 28.31
C PRO C 118 14.26 -31.28 28.25
N ASP C 119 15.11 -31.74 27.33
CA ASP C 119 16.49 -31.27 27.32
CA ASP C 119 16.52 -31.26 27.28
C ASP C 119 16.57 -29.79 26.91
N LEU C 120 15.90 -29.45 25.81
CA LEU C 120 15.81 -28.05 25.40
C LEU C 120 15.06 -27.18 26.44
N ASN C 121 14.01 -27.72 27.02
CA ASN C 121 13.31 -27.01 28.09
C ASN C 121 14.26 -26.67 29.28
N ALA C 122 15.14 -27.61 29.63
CA ALA C 122 16.11 -27.38 30.71
C ALA C 122 17.06 -26.24 30.35
N GLY C 123 17.54 -26.21 29.12
CA GLY C 123 18.42 -25.13 28.66
C GLY C 123 17.73 -23.77 28.65
N LEU C 124 16.46 -23.79 28.32
CA LEU C 124 15.68 -22.58 28.29
C LEU C 124 15.52 -22.02 29.72
N SER C 125 15.22 -22.90 30.67
CA SER C 125 14.95 -22.50 32.05
CA SER C 125 14.95 -22.48 32.04
C SER C 125 16.22 -22.11 32.80
N SER C 126 17.35 -22.74 32.45
CA SER C 126 18.63 -22.48 33.15
C SER C 126 19.46 -21.28 32.62
N ALA C 127 19.09 -20.77 31.44
CA ALA C 127 19.75 -19.63 30.88
C ALA C 127 19.63 -18.37 31.73
N THR C 128 20.72 -17.61 31.77
CA THR C 128 20.78 -16.36 32.51
C THR C 128 21.34 -15.22 31.65
N TYR C 129 20.56 -14.16 31.53
CA TYR C 129 21.06 -12.95 30.86
C TYR C 129 22.20 -12.38 31.69
N SER C 130 23.31 -12.09 31.04
CA SER C 130 24.55 -11.70 31.72
C SER C 130 25.24 -10.48 31.09
N ASP C 131 24.51 -9.73 30.29
CA ASP C 131 25.07 -8.53 29.67
C ASP C 131 24.67 -7.26 30.44
N SER C 132 25.12 -6.10 29.95
CA SER C 132 24.70 -4.82 30.46
C SER C 132 23.19 -4.65 30.40
N ALA C 133 22.65 -3.70 31.15
CA ALA C 133 21.22 -3.45 31.08
C ALA C 133 20.81 -3.24 29.61
N PRO C 134 19.68 -3.84 29.19
CA PRO C 134 19.23 -3.62 27.82
C PRO C 134 19.02 -2.15 27.52
N ARG C 135 19.38 -1.77 26.30
CA ARG C 135 19.19 -0.41 25.81
C ARG C 135 18.18 -0.33 24.66
N TYR C 136 17.99 -1.44 23.97
CA TYR C 136 17.18 -1.49 22.74
C TYR C 136 16.04 -2.48 22.89
N VAL C 137 14.96 -2.15 22.21
CA VAL C 137 13.82 -3.03 22.03
C VAL C 137 13.66 -3.37 20.54
N ILE C 138 13.25 -4.61 20.26
CA ILE C 138 12.81 -5.03 18.91
C ILE C 138 11.49 -5.75 19.07
N VAL C 139 10.50 -5.35 18.27
CA VAL C 139 9.22 -6.06 18.16
C VAL C 139 9.09 -6.57 16.73
N ILE C 140 8.84 -7.88 16.61
CA ILE C 140 8.68 -8.55 15.31
C ILE C 140 7.35 -9.30 15.28
N PRO C 141 6.35 -8.79 14.56
CA PRO C 141 5.13 -9.56 14.33
C PRO C 141 5.43 -10.73 13.42
N VAL C 142 4.83 -11.88 13.69
CA VAL C 142 5.08 -13.09 12.94
C VAL C 142 3.76 -13.74 12.56
N LYS C 143 3.69 -14.17 11.29
CA LYS C 143 2.54 -14.92 10.81
C LYS C 143 3.06 -16.08 9.98
N LYS C 144 2.50 -17.27 10.21
CA LYS C 144 2.86 -18.49 9.48
C LYS C 144 1.77 -18.89 8.50
N ASP C 145 2.21 -19.52 7.42
CA ASP C 145 1.31 -19.91 6.35
C ASP C 145 0.39 -21.07 6.73
N ALA C 146 -0.62 -21.30 5.91
CA ALA C 146 -1.55 -22.37 6.17
C ALA C 146 -0.84 -23.73 6.21
N ALA C 147 0.19 -23.89 5.37
CA ALA C 147 0.95 -25.14 5.35
C ALA C 147 1.59 -25.49 6.70
N TRP C 148 2.10 -24.49 7.39
CA TRP C 148 2.61 -24.70 8.75
C TRP C 148 1.55 -25.26 9.67
N TRP C 149 0.41 -24.57 9.74
CA TRP C 149 -0.62 -24.95 10.69
C TRP C 149 -1.24 -26.30 10.35
N ASN C 150 -1.20 -26.68 9.07
CA ASN C 150 -1.73 -27.96 8.63
C ASN C 150 -0.76 -29.12 8.88
N MET C 151 0.50 -28.83 9.20
CA MET C 151 1.44 -29.87 9.64
CA MET C 151 1.42 -29.89 9.62
C MET C 151 1.02 -30.44 10.98
N SER C 152 1.48 -31.66 11.25
CA SER C 152 1.12 -32.30 12.50
C SER C 152 1.79 -31.66 13.71
N ASP C 153 1.26 -31.96 14.90
CA ASP C 153 1.90 -31.54 16.15
C ASP C 153 3.35 -31.97 16.21
N GLU C 154 3.61 -33.20 15.77
CA GLU C 154 4.96 -33.77 15.80
C GLU C 154 5.89 -33.08 14.82
N GLN C 155 5.39 -32.80 13.62
CA GLN C 155 6.20 -32.10 12.62
C GLN C 155 6.56 -30.70 13.12
N ARG C 156 5.55 -29.99 13.64
CA ARG C 156 5.81 -28.65 14.16
C ARG C 156 6.78 -28.64 15.34
N LEU C 157 6.61 -29.60 16.24
CA LEU C 157 7.53 -29.72 17.39
C LEU C 157 8.97 -29.82 16.89
N LYS C 158 9.22 -30.67 15.90
CA LYS C 158 10.60 -30.84 15.41
CA LYS C 158 10.59 -30.83 15.40
C LYS C 158 11.16 -29.50 14.90
N GLU C 159 10.34 -28.73 14.18
CA GLU C 159 10.79 -27.45 13.64
CA GLU C 159 10.82 -27.45 13.63
C GLU C 159 11.06 -26.41 14.72
N ILE C 160 10.31 -26.46 15.81
CA ILE C 160 10.51 -25.55 16.93
C ILE C 160 11.71 -25.98 17.77
N GLU C 161 11.98 -27.28 17.85
CA GLU C 161 13.26 -27.70 18.43
C GLU C 161 14.47 -27.18 17.65
N VAL C 162 14.36 -27.18 16.32
CA VAL C 162 15.40 -26.63 15.47
C VAL C 162 15.51 -25.09 15.61
N HIS C 163 14.39 -24.41 15.83
CA HIS C 163 14.38 -22.98 16.22
C HIS C 163 15.17 -22.72 17.48
N THR C 164 14.98 -23.58 18.47
CA THR C 164 15.49 -23.38 19.80
C THR C 164 16.98 -23.75 19.95
N GLN C 165 17.39 -24.85 19.34
CA GLN C 165 18.77 -25.33 19.51
C GLN C 165 19.87 -24.26 19.24
N PRO C 166 19.79 -23.51 18.12
CA PRO C 166 20.83 -22.54 17.84
C PRO C 166 20.67 -21.19 18.50
N THR C 167 19.53 -20.98 19.17
CA THR C 167 19.22 -19.70 19.75
C THR C 167 19.39 -19.63 21.25
N LEU C 168 19.43 -20.76 21.93
CA LEU C 168 19.61 -20.73 23.37
C LEU C 168 20.86 -19.95 23.79
N GLN C 169 21.92 -20.05 23.00
CA GLN C 169 23.14 -19.32 23.31
C GLN C 169 22.96 -17.82 23.44
N TYR C 170 21.94 -17.29 22.75
CA TYR C 170 21.70 -15.85 22.78
C TYR C 170 20.94 -15.36 24.00
N LEU C 171 20.52 -16.29 24.85
CA LEU C 171 19.82 -15.85 26.05
C LEU C 171 20.77 -15.17 27.04
N VAL C 172 22.09 -15.25 26.85
CA VAL C 172 23.02 -14.49 27.67
C VAL C 172 22.95 -13.00 27.34
N ASN C 173 22.51 -12.64 26.14
CA ASN C 173 22.52 -11.21 25.77
C ASN C 173 21.29 -10.67 25.07
N VAL C 174 20.25 -11.49 25.01
CA VAL C 174 18.95 -11.08 24.48
C VAL C 174 17.86 -11.64 25.40
N LYS C 175 16.96 -10.79 25.86
CA LYS C 175 15.74 -11.20 26.56
C LYS C 175 14.61 -11.31 25.56
N ARG C 176 13.80 -12.35 25.69
CA ARG C 176 12.72 -12.64 24.75
C ARG C 176 11.38 -12.78 25.44
N LYS C 177 10.31 -12.45 24.75
CA LYS C 177 8.98 -12.74 25.22
C LYS C 177 8.02 -12.94 24.04
N LEU C 178 7.20 -13.97 24.14
CA LEU C 178 6.28 -14.43 23.08
C LEU C 178 4.84 -14.15 23.46
N TYR C 179 4.08 -13.57 22.55
CA TYR C 179 2.64 -13.42 22.67
C TYR C 179 1.93 -14.07 21.47
N HIS C 180 0.70 -14.51 21.68
CA HIS C 180 -0.06 -15.23 20.67
C HIS C 180 -1.25 -14.37 20.24
N SER C 181 -1.40 -14.21 18.91
CA SER C 181 -2.31 -13.23 18.33
C SER C 181 -3.33 -13.69 17.31
N THR C 182 -3.25 -14.95 16.88
CA THR C 182 -4.17 -15.44 15.85
C THR C 182 -5.61 -15.12 16.27
N GLY C 183 -6.37 -14.53 15.36
CA GLY C 183 -7.74 -14.11 15.62
C GLY C 183 -7.92 -12.74 16.26
N LEU C 184 -6.85 -12.16 16.80
CA LEU C 184 -6.92 -10.87 17.47
C LEU C 184 -6.22 -9.72 16.72
N ALA C 185 -5.46 -10.11 15.68
CA ALA C 185 -4.67 -9.21 14.86
C ALA C 185 -4.29 -9.97 13.60
N ASP C 186 -3.71 -9.26 12.63
CA ASP C 186 -3.20 -9.88 11.40
C ASP C 186 -1.76 -10.42 11.64
N ALA C 187 -1.67 -11.30 12.63
CA ALA C 187 -0.44 -11.95 13.01
C ALA C 187 -0.79 -13.17 13.82
N ASP C 188 0.08 -14.19 13.76
CA ASP C 188 -0.06 -15.32 14.69
C ASP C 188 0.62 -15.02 16.02
N PHE C 189 1.68 -14.23 16.03
CA PHE C 189 2.48 -13.97 17.23
C PHE C 189 3.01 -12.55 17.22
N ILE C 190 3.25 -12.02 18.41
CA ILE C 190 4.06 -10.82 18.58
C ILE C 190 5.26 -11.28 19.35
N THR C 191 6.45 -10.98 18.86
CA THR C 191 7.68 -11.32 19.54
C THR C 191 8.37 -10.04 19.97
N TYR C 192 8.94 -10.06 21.19
CA TYR C 192 9.45 -8.90 21.87
C TYR C 192 10.83 -9.22 22.42
N PHE C 193 11.80 -8.34 22.19
CA PHE C 193 13.19 -8.56 22.58
C PHE C 193 13.81 -7.33 23.18
N GLU C 194 14.67 -7.55 24.16
CA GLU C 194 15.46 -6.50 24.75
C GLU C 194 16.92 -6.88 24.70
N THR C 195 17.79 -5.91 24.35
CA THR C 195 19.22 -6.22 24.26
C THR C 195 20.02 -4.95 24.43
N ALA C 196 21.29 -5.11 24.76
CA ALA C 196 22.27 -4.05 24.62
C ALA C 196 23.13 -4.23 23.37
N ASP C 197 23.07 -5.40 22.74
CA ASP C 197 24.02 -5.82 21.71
C ASP C 197 23.31 -6.15 20.39
N LEU C 198 23.15 -5.13 19.55
CA LEU C 198 22.48 -5.32 18.27
C LEU C 198 23.26 -6.14 17.29
N ALA C 199 24.59 -6.18 17.41
CA ALA C 199 25.38 -7.13 16.60
C ALA C 199 24.98 -8.56 16.90
N ALA C 200 24.84 -8.87 18.19
CA ALA C 200 24.37 -10.19 18.58
C ALA C 200 22.95 -10.44 18.06
N PHE C 201 22.10 -9.42 18.15
CA PHE C 201 20.71 -9.56 17.71
C PHE C 201 20.61 -9.88 16.22
N ASN C 202 21.41 -9.20 15.41
CA ASN C 202 21.48 -9.49 13.99
C ASN C 202 21.92 -10.92 13.76
N ASN C 203 22.94 -11.37 14.51
CA ASN C 203 23.38 -12.78 14.37
C ASN C 203 22.31 -13.79 14.79
N LEU C 204 21.54 -13.47 15.84
CA LEU C 204 20.47 -14.33 16.28
C LEU C 204 19.40 -14.49 15.16
N LEU C 205 19.00 -13.37 14.56
CA LEU C 205 17.95 -13.46 13.53
CA LEU C 205 17.97 -13.39 13.54
C LEU C 205 18.44 -14.13 12.26
N ILE C 206 19.71 -13.94 11.91
CA ILE C 206 20.31 -14.70 10.81
C ILE C 206 20.23 -16.19 11.11
N ALA C 207 20.54 -16.60 12.35
CA ALA C 207 20.44 -18.02 12.70
C ALA C 207 19.04 -18.55 12.47
N LEU C 208 18.03 -17.75 12.81
CA LEU C 208 16.64 -18.17 12.61
C LEU C 208 16.20 -18.13 11.14
N ALA C 209 16.79 -17.25 10.36
CA ALA C 209 16.46 -17.23 8.93
C ALA C 209 16.86 -18.54 8.23
N LYS C 210 17.88 -19.19 8.78
CA LYS C 210 18.48 -20.37 8.18
C LYS C 210 17.79 -21.71 8.47
N VAL C 211 16.78 -21.71 9.34
CA VAL C 211 16.08 -22.94 9.67
C VAL C 211 14.82 -23.17 8.85
N PRO C 212 14.37 -24.43 8.73
CA PRO C 212 13.22 -24.68 7.86
C PRO C 212 11.92 -24.01 8.27
N GLU C 213 11.76 -23.74 9.56
CA GLU C 213 10.59 -22.97 10.03
C GLU C 213 10.41 -21.68 9.22
N ASN C 214 11.52 -21.04 8.86
CA ASN C 214 11.46 -19.74 8.21
C ASN C 214 10.78 -19.82 6.82
N THR C 215 10.78 -21.00 6.21
CA THR C 215 10.08 -21.20 4.94
C THR C 215 8.56 -21.01 5.03
N HIS C 216 8.05 -20.95 6.26
CA HIS C 216 6.62 -20.81 6.49
C HIS C 216 6.19 -19.40 6.85
N HIS C 217 7.12 -18.46 6.98
CA HIS C 217 6.73 -17.12 7.39
C HIS C 217 6.14 -16.32 6.25
N VAL C 218 4.94 -15.79 6.45
CA VAL C 218 4.33 -14.80 5.57
C VAL C 218 4.40 -13.40 6.17
N ARG C 219 4.67 -13.30 7.47
CA ARG C 219 5.00 -12.00 8.09
C ARG C 219 6.11 -12.30 9.09
N TRP C 220 7.14 -11.47 9.09
CA TRP C 220 8.31 -11.64 9.95
C TRP C 220 8.94 -10.28 10.12
N GLY C 221 8.13 -9.37 10.67
CA GLY C 221 8.40 -7.94 10.67
C GLY C 221 7.23 -7.20 10.03
N ASN C 222 7.53 -6.16 9.26
CA ASN C 222 6.53 -5.38 8.54
CA ASN C 222 6.52 -5.39 8.53
C ASN C 222 5.42 -4.88 9.49
N PRO C 223 5.82 -4.10 10.49
CA PRO C 223 7.14 -3.56 10.71
C PRO C 223 8.05 -4.37 11.63
N THR C 224 9.35 -4.29 11.39
CA THR C 224 10.33 -4.63 12.42
C THR C 224 10.54 -3.35 13.26
N VAL C 225 10.03 -3.33 14.50
CA VAL C 225 10.05 -2.11 15.31
C VAL C 225 11.32 -2.12 16.15
N LEU C 226 12.20 -1.16 15.91
CA LEU C 226 13.47 -1.00 16.64
C LEU C 226 13.42 0.31 17.42
N GLY C 227 13.70 0.25 18.74
CA GLY C 227 13.67 1.45 19.54
C GLY C 227 14.68 1.40 20.67
N THR C 228 14.78 2.51 21.38
CA THR C 228 15.53 2.54 22.63
C THR C 228 14.56 2.59 23.83
N ILE C 229 14.96 1.85 24.85
CA ILE C 229 14.24 1.85 26.13
C ILE C 229 14.41 3.22 26.77
N GLN C 230 13.29 3.84 27.14
CA GLN C 230 13.31 5.13 27.82
C GLN C 230 12.27 5.15 28.92
N SER C 231 12.55 5.94 29.96
CA SER C 231 11.49 6.24 30.90
C SER C 231 10.41 7.08 30.22
N ALA C 232 9.20 7.03 30.75
CA ALA C 232 8.14 7.83 30.20
C ALA C 232 8.47 9.34 30.19
N ASP C 233 9.09 9.81 31.27
CA ASP C 233 9.50 11.20 31.34
C ASP C 233 10.48 11.58 30.22
N VAL C 234 11.52 10.78 30.06
CA VAL C 234 12.52 11.06 29.03
C VAL C 234 11.90 10.97 27.64
N LEU C 235 11.05 9.97 27.44
CA LEU C 235 10.42 9.80 26.14
C LEU C 235 9.62 11.04 25.77
N VAL C 236 8.74 11.46 26.66
CA VAL C 236 7.85 12.58 26.34
C VAL C 236 8.65 13.90 26.25
N LYS C 237 9.62 14.12 27.13
CA LYS C 237 10.47 15.31 27.03
C LYS C 237 11.21 15.35 25.68
N THR C 238 11.70 14.18 25.24
CA THR C 238 12.45 14.09 24.00
C THR C 238 11.58 14.49 22.82
N LEU C 239 10.37 13.96 22.76
CA LEU C 239 9.45 14.28 21.68
C LEU C 239 8.80 15.64 21.77
N SER C 240 8.98 16.31 22.91
CA SER C 240 8.39 17.63 23.14
C SER C 240 9.40 18.75 23.09
N GLY C 241 10.66 18.47 22.77
CA GLY C 241 11.72 19.49 22.82
C GLY C 241 12.00 20.03 24.22
N MET C 242 11.89 19.17 25.22
CA MET C 242 12.07 19.56 26.64
C MET C 242 13.17 18.75 27.33
N MET D 1 -26.49 17.83 -29.56
CA MET D 1 -26.31 16.98 -28.35
C MET D 1 -25.80 15.60 -28.76
N ALA D 2 -24.85 15.06 -28.00
CA ALA D 2 -24.41 13.68 -28.24
C ALA D 2 -25.60 12.73 -28.10
N ASP D 3 -25.54 11.61 -28.80
CA ASP D 3 -26.64 10.63 -28.85
C ASP D 3 -26.34 9.60 -27.77
N ARG D 4 -27.04 9.70 -26.64
CA ARG D 4 -26.80 8.81 -25.50
C ARG D 4 -26.98 7.32 -25.86
N ALA D 5 -28.10 6.98 -26.48
CA ALA D 5 -28.37 5.61 -26.82
C ALA D 5 -27.27 5.01 -27.71
N LYS D 6 -26.80 5.80 -28.67
CA LYS D 6 -25.74 5.35 -29.56
C LYS D 6 -24.42 5.16 -28.78
N LEU D 7 -24.05 6.14 -27.96
CA LEU D 7 -22.82 6.03 -27.15
C LEU D 7 -22.85 4.82 -26.21
N LEU D 8 -24.04 4.46 -25.71
CA LEU D 8 -24.16 3.32 -24.80
C LEU D 8 -24.23 1.95 -25.46
N THR D 9 -24.39 1.88 -26.77
CA THR D 9 -24.70 0.60 -27.42
C THR D 9 -23.85 0.27 -28.63
N THR D 10 -22.83 1.07 -28.92
CA THR D 10 -22.00 0.84 -30.09
C THR D 10 -20.52 0.60 -29.76
N PRO D 11 -19.81 -0.15 -30.61
CA PRO D 11 -18.36 -0.25 -30.47
C PRO D 11 -17.63 1.05 -30.76
N GLY D 12 -16.41 1.16 -30.24
CA GLY D 12 -15.52 2.28 -30.49
C GLY D 12 -15.80 3.49 -29.63
N VAL D 13 -16.52 3.30 -28.54
CA VAL D 13 -16.79 4.36 -27.58
C VAL D 13 -15.87 4.20 -26.37
N PHE D 14 -15.30 5.30 -25.93
CA PHE D 14 -14.49 5.31 -24.72
C PHE D 14 -15.37 5.51 -23.50
N GLY D 15 -15.19 4.64 -22.52
CA GLY D 15 -15.78 4.78 -21.19
C GLY D 15 -14.72 5.21 -20.20
N ASN D 16 -15.04 6.22 -19.42
CA ASN D 16 -14.14 6.79 -18.44
C ASN D 16 -14.84 6.72 -17.10
N PHE D 17 -14.24 5.95 -16.20
CA PHE D 17 -14.80 5.73 -14.85
C PHE D 17 -13.91 6.40 -13.83
N SER D 18 -14.48 7.22 -12.94
CA SER D 18 -13.67 7.85 -11.91
C SER D 18 -14.43 7.92 -10.60
N THR D 19 -13.72 7.61 -9.52
CA THR D 19 -14.28 7.66 -8.19
C THR D 19 -13.54 8.71 -7.37
N TYR D 20 -14.26 9.33 -6.46
CA TYR D 20 -13.72 10.44 -5.66
C TYR D 20 -14.19 10.35 -4.22
N LYS D 21 -13.31 10.78 -3.31
CA LYS D 21 -13.69 11.09 -1.93
C LYS D 21 -13.90 12.59 -1.79
N VAL D 22 -14.93 12.98 -1.04
CA VAL D 22 -15.12 14.37 -0.68
C VAL D 22 -14.27 14.73 0.52
N ARG D 23 -13.45 15.77 0.36
CA ARG D 23 -12.56 16.20 1.43
C ARG D 23 -13.31 16.66 2.65
N ALA D 24 -12.68 16.46 3.79
CA ALA D 24 -13.30 16.71 5.09
C ALA D 24 -13.69 18.16 5.25
N ASP D 25 -12.94 19.07 4.62
CA ASP D 25 -13.24 20.49 4.77
C ASP D 25 -14.37 21.01 3.88
N TYR D 26 -14.91 20.17 3.01
CA TYR D 26 -16.02 20.59 2.15
C TYR D 26 -17.20 21.03 2.98
N MET D 27 -17.57 20.21 3.97
CA MET D 27 -18.72 20.50 4.79
C MET D 27 -18.52 21.63 5.82
N LYS D 28 -17.28 22.08 5.97
CA LYS D 28 -16.95 23.27 6.75
C LYS D 28 -17.24 24.56 5.96
N LEU D 29 -17.45 24.47 4.64
CA LEU D 29 -17.70 25.66 3.83
C LEU D 29 -19.03 26.29 4.20
N PRO D 30 -19.15 27.62 4.04
CA PRO D 30 -20.46 28.25 4.25
C PRO D 30 -21.56 27.65 3.40
N ALA D 31 -22.75 27.61 3.96
CA ALA D 31 -23.89 27.03 3.28
C ALA D 31 -24.15 27.61 1.90
N ALA D 32 -23.97 28.93 1.75
CA ALA D 32 -24.24 29.55 0.44
C ALA D 32 -23.29 29.05 -0.63
N GLU D 33 -22.06 28.76 -0.21
CA GLU D 33 -21.06 28.21 -1.12
C GLU D 33 -21.48 26.78 -1.57
N ARG D 34 -21.92 25.97 -0.62
CA ARG D 34 -22.39 24.62 -0.94
C ARG D 34 -23.71 24.58 -1.70
N LYS D 35 -24.59 25.54 -1.44
CA LYS D 35 -25.86 25.57 -2.14
C LYS D 35 -25.67 25.75 -3.64
N ALA D 36 -24.59 26.43 -4.03
CA ALA D 36 -24.30 26.72 -5.44
C ALA D 36 -23.73 25.52 -6.19
N ALA D 37 -23.29 24.49 -5.48
CA ALA D 37 -22.60 23.36 -6.10
C ALA D 37 -23.47 22.64 -7.14
N ALA D 38 -24.75 22.39 -6.84
CA ALA D 38 -25.58 21.58 -7.72
C ALA D 38 -25.76 22.22 -9.07
N ALA D 39 -25.99 23.52 -9.09
CA ALA D 39 -26.15 24.19 -10.39
C ALA D 39 -24.81 24.20 -11.15
N GLU D 40 -23.69 24.35 -10.44
CA GLU D 40 -22.38 24.30 -11.09
C GLU D 40 -22.18 22.95 -11.77
N ALA D 41 -22.58 21.87 -11.09
CA ALA D 41 -22.49 20.53 -11.70
C ALA D 41 -23.32 20.41 -12.97
N GLN D 42 -24.56 20.88 -12.91
CA GLN D 42 -25.42 20.85 -14.09
C GLN D 42 -24.82 21.64 -15.25
N MET D 43 -24.26 22.82 -14.96
CA MET D 43 -23.69 23.66 -16.00
C MET D 43 -22.51 23.00 -16.69
N VAL D 44 -21.67 22.30 -15.94
CA VAL D 44 -20.52 21.65 -16.59
C VAL D 44 -20.96 20.47 -17.45
N ILE D 45 -21.95 19.71 -16.98
CA ILE D 45 -22.47 18.60 -17.79
C ILE D 45 -23.10 19.15 -19.08
N ASP D 46 -23.84 20.24 -18.97
CA ASP D 46 -24.43 20.88 -20.14
CA ASP D 46 -24.45 20.90 -20.11
C ASP D 46 -23.39 21.42 -21.11
N LYS D 47 -22.33 22.04 -20.57
CA LYS D 47 -21.24 22.59 -21.40
C LYS D 47 -20.69 21.54 -22.35
N HIS D 48 -20.60 20.30 -21.87
CA HIS D 48 -19.99 19.22 -22.63
C HIS D 48 -20.99 18.29 -23.34
N LYS D 49 -22.26 18.68 -23.40
CA LYS D 49 -23.30 17.78 -23.88
C LYS D 49 -23.19 17.41 -25.36
N ASP D 50 -22.42 18.18 -26.13
CA ASP D 50 -22.19 17.88 -27.52
C ASP D 50 -21.21 16.75 -27.76
N LYS D 51 -20.37 16.46 -26.76
CA LYS D 51 -19.31 15.50 -26.96
C LYS D 51 -19.34 14.31 -25.99
N VAL D 52 -19.92 14.49 -24.80
CA VAL D 52 -19.89 13.44 -23.79
C VAL D 52 -21.25 13.28 -23.15
N ILE D 53 -21.47 12.06 -22.63
CA ILE D 53 -22.54 11.80 -21.68
C ILE D 53 -21.94 11.43 -20.32
N VAL D 54 -22.69 11.73 -19.27
CA VAL D 54 -22.24 11.62 -17.88
C VAL D 54 -23.35 10.94 -17.04
N ASP D 55 -22.94 9.96 -16.27
CA ASP D 55 -23.77 9.31 -15.25
C ASP D 55 -23.11 9.46 -13.88
N THR D 56 -23.95 9.61 -12.85
CA THR D 56 -23.50 9.87 -11.47
C THR D 56 -24.03 8.80 -10.54
N TYR D 57 -23.21 8.41 -9.57
CA TYR D 57 -23.61 7.36 -8.61
C TYR D 57 -23.02 7.69 -7.26
N LEU D 58 -23.80 7.38 -6.20
CA LEU D 58 -23.38 7.61 -4.80
C LEU D 58 -22.81 6.32 -4.23
N THR D 59 -21.53 6.37 -3.85
CA THR D 59 -20.85 5.20 -3.30
C THR D 59 -20.58 5.31 -1.80
N ARG D 60 -20.71 6.51 -1.23
CA ARG D 60 -20.54 6.71 0.21
C ARG D 60 -21.43 5.71 0.93
N GLY D 61 -20.84 5.06 1.93
CA GLY D 61 -21.58 4.14 2.76
C GLY D 61 -21.71 2.74 2.21
N LEU D 62 -21.23 2.47 1.00
CA LEU D 62 -21.26 1.13 0.45
C LEU D 62 -19.86 0.59 0.16
N GLY D 63 -18.84 1.35 0.53
CA GLY D 63 -17.43 0.95 0.36
C GLY D 63 -16.57 2.08 0.88
N ALA D 64 -15.30 1.80 1.10
CA ALA D 64 -14.38 2.79 1.63
C ALA D 64 -13.51 3.44 0.57
N GLY D 65 -13.64 3.04 -0.69
CA GLY D 65 -12.82 3.58 -1.75
C GLY D 65 -13.21 4.97 -2.19
N SER D 66 -14.49 5.31 -2.05
CA SER D 66 -14.98 6.54 -2.61
C SER D 66 -16.33 6.97 -2.05
N ASP D 67 -16.67 8.22 -2.35
CA ASP D 67 -17.97 8.77 -2.08
C ASP D 67 -18.90 8.87 -3.28
N TYR D 68 -18.34 9.09 -4.48
CA TYR D 68 -19.12 9.04 -5.70
C TYR D 68 -18.30 8.57 -6.88
N LEU D 69 -19.05 8.16 -7.90
CA LEU D 69 -18.57 7.61 -9.16
C LEU D 69 -19.14 8.41 -10.33
N LEU D 70 -18.29 8.75 -11.30
CA LEU D 70 -18.71 9.31 -12.59
C LEU D 70 -18.40 8.33 -13.69
N ARG D 71 -19.37 8.08 -14.56
CA ARG D 71 -19.17 7.30 -15.77
C ARG D 71 -19.40 8.24 -16.94
N VAL D 72 -18.37 8.42 -17.78
CA VAL D 72 -18.40 9.39 -18.87
C VAL D 72 -18.08 8.65 -20.17
N HIS D 73 -18.88 8.87 -21.22
CA HIS D 73 -18.60 8.29 -22.54
C HIS D 73 -18.43 9.37 -23.62
N SER D 74 -17.55 9.05 -24.57
CA SER D 74 -17.36 9.86 -25.77
C SER D 74 -16.66 9.01 -26.81
N THR D 75 -16.79 9.37 -28.07
CA THR D 75 -15.97 8.74 -29.11
C THR D 75 -14.54 9.31 -29.11
N ASP D 76 -14.30 10.37 -28.33
CA ASP D 76 -12.97 11.00 -28.24
C ASP D 76 -12.50 10.89 -26.80
N MET D 77 -11.42 10.16 -26.58
CA MET D 77 -10.91 10.02 -25.22
C MET D 77 -10.59 11.36 -24.58
N ALA D 78 -9.98 12.27 -25.35
CA ALA D 78 -9.64 13.58 -24.85
C ALA D 78 -10.84 14.42 -24.43
N ALA D 79 -12.01 14.17 -25.03
CA ALA D 79 -13.24 14.85 -24.64
C ALA D 79 -13.71 14.41 -23.25
N THR D 80 -13.49 13.14 -22.91
CA THR D 80 -13.82 12.68 -21.54
C THR D 80 -12.89 13.37 -20.56
N GLN D 81 -11.62 13.49 -20.90
CA GLN D 81 -10.68 14.23 -20.07
C GLN D 81 -11.10 15.67 -19.88
N ALA D 82 -11.51 16.33 -20.96
CA ALA D 82 -11.87 17.74 -20.89
C ALA D 82 -13.05 17.99 -19.95
N PHE D 83 -14.05 17.10 -20.04
CA PHE D 83 -15.14 17.14 -19.10
C PHE D 83 -14.67 17.00 -17.65
N LEU D 84 -13.86 15.97 -17.37
CA LEU D 84 -13.36 15.77 -16.01
C LEU D 84 -12.50 16.89 -15.47
N VAL D 85 -11.72 17.53 -16.35
CA VAL D 85 -10.97 18.73 -15.98
C VAL D 85 -11.93 19.83 -15.52
N ASP D 86 -12.97 20.05 -16.31
CA ASP D 86 -13.95 21.07 -15.92
C ASP D 86 -14.75 20.70 -14.67
N TRP D 87 -15.07 19.41 -14.51
CA TRP D 87 -15.71 18.92 -13.28
C TRP D 87 -14.84 19.22 -12.08
N ARG D 88 -13.53 19.00 -12.18
CA ARG D 88 -12.63 19.21 -11.05
CA ARG D 88 -12.63 19.20 -11.03
C ARG D 88 -12.54 20.68 -10.64
N ALA D 89 -12.90 21.57 -11.55
CA ALA D 89 -12.86 23.02 -11.27
C ALA D 89 -14.17 23.53 -10.68
N THR D 90 -15.21 22.69 -10.64
CA THR D 90 -16.44 23.03 -9.92
C THR D 90 -16.21 23.03 -8.40
N LYS D 91 -17.13 23.63 -7.66
CA LYS D 91 -17.04 23.63 -6.19
C LYS D 91 -16.86 22.22 -5.60
N LEU D 92 -17.75 21.31 -5.94
CA LEU D 92 -17.62 19.94 -5.44
C LEU D 92 -16.32 19.31 -5.96
N GLY D 93 -16.00 19.56 -7.24
CA GLY D 93 -14.78 19.01 -7.84
C GLY D 93 -13.50 19.43 -7.15
N MET D 94 -13.49 20.69 -6.74
CA MET D 94 -12.33 21.24 -6.07
CA MET D 94 -12.32 21.24 -6.06
C MET D 94 -12.11 20.60 -4.70
N TYR D 95 -13.17 20.05 -4.13
CA TYR D 95 -13.12 19.39 -2.83
C TYR D 95 -13.20 17.87 -2.96
N SER D 96 -12.88 17.38 -4.16
CA SER D 96 -12.90 15.94 -4.46
C SER D 96 -11.50 15.44 -4.73
N ASP D 97 -11.13 14.33 -4.07
CA ASP D 97 -9.86 13.64 -4.32
C ASP D 97 -10.15 12.38 -5.11
N VAL D 98 -9.53 12.28 -6.30
CA VAL D 98 -9.73 11.10 -7.14
C VAL D 98 -9.03 9.89 -6.50
N THR D 99 -9.77 8.79 -6.39
CA THR D 99 -9.24 7.57 -5.80
C THR D 99 -9.02 6.45 -6.82
N GLU D 100 -9.76 6.48 -7.92
CA GLU D 100 -9.55 5.52 -9.00
C GLU D 100 -10.07 6.17 -10.29
N ASN D 101 -9.44 5.87 -11.41
CA ASN D 101 -9.84 6.48 -12.69
C ASN D 101 -9.30 5.57 -13.75
N LEU D 102 -10.25 4.86 -14.38
CA LEU D 102 -9.92 3.83 -15.37
C LEU D 102 -10.69 4.12 -16.62
N VAL D 103 -10.02 3.92 -17.76
CA VAL D 103 -10.61 4.12 -19.06
C VAL D 103 -10.54 2.85 -19.89
N GLY D 104 -11.49 2.70 -20.81
CA GLY D 104 -11.48 1.59 -21.73
C GLY D 104 -12.31 1.89 -22.97
N ILE D 105 -12.33 0.95 -23.90
CA ILE D 105 -13.04 1.14 -25.16
C ILE D 105 -14.03 -0.02 -25.33
N THR D 106 -15.19 0.29 -25.88
CA THR D 106 -16.13 -0.75 -26.22
C THR D 106 -15.71 -1.40 -27.54
N LYS D 107 -15.92 -2.72 -27.66
CA LYS D 107 -15.52 -3.46 -28.84
C LYS D 107 -16.58 -4.44 -29.27
N ALA D 108 -16.46 -4.89 -30.52
CA ALA D 108 -17.21 -6.03 -30.99
C ALA D 108 -16.93 -7.27 -30.13
N LEU D 109 -17.86 -8.22 -30.15
CA LEU D 109 -17.69 -9.48 -29.46
C LEU D 109 -16.47 -10.22 -30.01
N ASN D 110 -15.57 -10.61 -29.12
CA ASN D 110 -14.38 -11.39 -29.47
C ASN D 110 -14.60 -12.89 -29.50
N TYR D 111 -15.55 -13.37 -28.69
CA TYR D 111 -15.70 -14.80 -28.43
C TYR D 111 -17.11 -15.31 -28.73
N ILE D 112 -18.14 -14.71 -28.11
CA ILE D 112 -19.49 -15.23 -28.20
C ILE D 112 -20.23 -14.54 -29.36
N SER D 113 -19.62 -14.66 -30.54
CA SER D 113 -20.13 -14.11 -31.79
C SER D 113 -21.03 -15.12 -32.52
N LYS D 114 -21.77 -14.66 -33.50
CA LYS D 114 -22.55 -15.58 -34.35
C LYS D 114 -21.62 -16.61 -35.02
N ASP D 115 -20.47 -16.13 -35.50
CA ASP D 115 -19.43 -17.00 -36.09
C ASP D 115 -18.98 -18.13 -35.19
N LYS D 116 -18.54 -17.73 -34.01
CA LYS D 116 -17.74 -18.61 -33.18
C LYS D 116 -18.58 -19.45 -32.21
N SER D 117 -19.73 -18.91 -31.79
CA SER D 117 -20.53 -19.54 -30.73
C SER D 117 -22.00 -19.19 -30.92
N PRO D 118 -22.61 -19.70 -32.02
CA PRO D 118 -23.93 -19.19 -32.41
C PRO D 118 -25.06 -19.42 -31.41
N ASP D 119 -25.08 -20.56 -30.73
CA ASP D 119 -26.16 -20.83 -29.76
C ASP D 119 -26.12 -19.87 -28.56
N LEU D 120 -24.94 -19.71 -27.98
CA LEU D 120 -24.82 -18.77 -26.88
C LEU D 120 -25.02 -17.33 -27.34
N ASN D 121 -24.54 -16.99 -28.54
CA ASN D 121 -24.77 -15.66 -29.09
C ASN D 121 -26.27 -15.34 -29.23
N ALA D 122 -27.05 -16.32 -29.66
CA ALA D 122 -28.49 -16.16 -29.77
C ALA D 122 -29.12 -15.94 -28.41
N GLY D 123 -28.68 -16.69 -27.40
CA GLY D 123 -29.15 -16.50 -26.05
C GLY D 123 -28.85 -15.10 -25.53
N LEU D 124 -27.63 -14.63 -25.82
CA LEU D 124 -27.22 -13.30 -25.41
C LEU D 124 -28.07 -12.21 -26.05
N SER D 125 -28.26 -12.34 -27.35
CA SER D 125 -28.99 -11.35 -28.14
C SER D 125 -30.48 -11.27 -27.82
N SER D 126 -31.09 -12.39 -27.42
CA SER D 126 -32.53 -12.42 -27.18
CA SER D 126 -32.53 -12.50 -27.16
C SER D 126 -32.90 -12.17 -25.71
N ALA D 127 -31.90 -12.04 -24.83
CA ALA D 127 -32.18 -11.83 -23.42
C ALA D 127 -32.74 -10.44 -23.17
N THR D 128 -33.68 -10.36 -22.23
CA THR D 128 -34.36 -9.12 -21.88
C THR D 128 -34.35 -8.94 -20.36
N TYR D 129 -33.95 -7.76 -19.90
CA TYR D 129 -34.08 -7.37 -18.50
C TYR D 129 -35.54 -7.11 -18.22
N SER D 130 -36.08 -7.67 -17.14
N SER D 130 -36.06 -7.77 -17.20
CA SER D 130 -37.50 -7.46 -16.83
CA SER D 130 -37.43 -7.58 -16.76
C SER D 130 -37.82 -7.18 -15.35
C SER D 130 -37.44 -7.72 -15.26
N ASP D 131 -36.86 -6.73 -14.59
CA ASP D 131 -37.06 -6.53 -13.15
C ASP D 131 -37.39 -5.07 -12.92
N SER D 132 -37.58 -4.70 -11.65
CA SER D 132 -37.65 -3.31 -11.21
C SER D 132 -36.49 -2.49 -11.81
N ALA D 133 -36.71 -1.20 -12.04
CA ALA D 133 -35.67 -0.29 -12.50
C ALA D 133 -34.41 -0.50 -11.65
N PRO D 134 -33.24 -0.62 -12.28
CA PRO D 134 -32.04 -0.74 -11.39
C PRO D 134 -31.88 0.40 -10.41
N ARG D 135 -31.38 0.03 -9.23
CA ARG D 135 -31.10 0.96 -8.18
C ARG D 135 -29.61 1.03 -7.86
N TYR D 136 -28.88 -0.04 -8.17
CA TYR D 136 -27.48 -0.15 -7.81
C TYR D 136 -26.58 -0.32 -9.03
N VAL D 137 -25.34 0.15 -8.89
CA VAL D 137 -24.30 -0.04 -9.88
C VAL D 137 -23.15 -0.82 -9.22
N ILE D 138 -22.51 -1.66 -10.01
CA ILE D 138 -21.28 -2.32 -9.57
C ILE D 138 -20.27 -2.19 -10.70
N VAL D 139 -19.06 -1.75 -10.37
CA VAL D 139 -17.96 -1.71 -11.36
C VAL D 139 -16.84 -2.61 -10.83
N ILE D 140 -16.39 -3.53 -11.68
CA ILE D 140 -15.36 -4.52 -11.32
C ILE D 140 -14.24 -4.48 -12.37
N PRO D 141 -13.09 -3.88 -12.02
CA PRO D 141 -11.93 -3.96 -12.93
C PRO D 141 -11.39 -5.40 -12.95
N VAL D 142 -11.01 -5.89 -14.13
CA VAL D 142 -10.56 -7.25 -14.29
C VAL D 142 -9.23 -7.25 -15.03
N LYS D 143 -8.31 -8.08 -14.55
CA LYS D 143 -7.03 -8.30 -15.25
C LYS D 143 -6.72 -9.78 -15.20
N LYS D 144 -6.30 -10.30 -16.34
CA LYS D 144 -5.96 -11.71 -16.48
C LYS D 144 -4.45 -11.90 -16.59
N ASP D 145 -4.00 -13.02 -16.07
CA ASP D 145 -2.57 -13.34 -16.04
C ASP D 145 -1.98 -13.65 -17.45
N ALA D 146 -0.66 -13.66 -17.51
CA ALA D 146 0.01 -13.96 -18.75
C ALA D 146 -0.38 -15.34 -19.30
N ALA D 147 -0.60 -16.31 -18.42
CA ALA D 147 -0.96 -17.67 -18.86
C ALA D 147 -2.28 -17.66 -19.64
N TRP D 148 -3.24 -16.82 -19.22
CA TRP D 148 -4.50 -16.69 -19.96
C TRP D 148 -4.22 -16.21 -21.39
N TRP D 149 -3.49 -15.10 -21.50
CA TRP D 149 -3.31 -14.50 -22.81
C TRP D 149 -2.49 -15.41 -23.71
N ASN D 150 -1.60 -16.19 -23.12
CA ASN D 150 -0.77 -17.13 -23.86
C ASN D 150 -1.50 -18.38 -24.31
N MET D 151 -2.71 -18.64 -23.79
CA MET D 151 -3.54 -19.74 -24.30
C MET D 151 -4.00 -19.40 -25.72
N SER D 152 -4.38 -20.42 -26.48
CA SER D 152 -4.83 -20.22 -27.85
C SER D 152 -6.21 -19.58 -27.91
N ASP D 153 -6.56 -19.05 -29.08
CA ASP D 153 -7.89 -18.50 -29.27
C ASP D 153 -8.98 -19.52 -28.93
N GLU D 154 -8.74 -20.78 -29.32
CA GLU D 154 -9.71 -21.86 -29.12
C GLU D 154 -9.87 -22.20 -27.63
N GLN D 155 -8.74 -22.26 -26.92
CA GLN D 155 -8.77 -22.52 -25.47
C GLN D 155 -9.51 -21.43 -24.75
N ARG D 156 -9.26 -20.17 -25.12
CA ARG D 156 -9.91 -19.04 -24.47
C ARG D 156 -11.41 -19.02 -24.79
N LEU D 157 -11.77 -19.32 -26.03
CA LEU D 157 -13.18 -19.37 -26.42
C LEU D 157 -13.94 -20.36 -25.52
N LYS D 158 -13.35 -21.53 -25.30
CA LYS D 158 -14.03 -22.52 -24.47
C LYS D 158 -14.29 -22.00 -23.06
N GLU D 159 -13.30 -21.34 -22.48
CA GLU D 159 -13.46 -20.81 -21.15
C GLU D 159 -14.51 -19.70 -21.10
N ILE D 160 -14.62 -18.90 -22.16
CA ILE D 160 -15.61 -17.81 -22.18
C ILE D 160 -17.02 -18.38 -22.42
N GLU D 161 -17.10 -19.48 -23.18
CA GLU D 161 -18.39 -20.18 -23.31
C GLU D 161 -18.87 -20.69 -21.93
N VAL D 162 -17.92 -21.19 -21.14
CA VAL D 162 -18.21 -21.64 -19.78
C VAL D 162 -18.58 -20.45 -18.86
N HIS D 163 -18.00 -19.27 -19.07
CA HIS D 163 -18.41 -18.03 -18.40
C HIS D 163 -19.86 -17.70 -18.67
N THR D 164 -20.24 -17.86 -19.92
CA THR D 164 -21.50 -17.33 -20.43
C THR D 164 -22.69 -18.26 -20.13
N GLN D 165 -22.48 -19.57 -20.24
CA GLN D 165 -23.58 -20.52 -20.15
C GLN D 165 -24.38 -20.39 -18.83
N PRO D 166 -23.70 -20.27 -17.68
CA PRO D 166 -24.43 -20.21 -16.41
C PRO D 166 -24.89 -18.79 -16.02
N THR D 167 -24.54 -17.78 -16.81
CA THR D 167 -24.80 -16.38 -16.44
C THR D 167 -25.89 -15.75 -17.30
N LEU D 168 -26.21 -16.36 -18.45
CA LEU D 168 -27.29 -15.82 -19.29
C LEU D 168 -28.59 -15.62 -18.52
N GLN D 169 -28.88 -16.54 -17.60
CA GLN D 169 -30.10 -16.45 -16.80
C GLN D 169 -30.22 -15.16 -15.98
N TYR D 170 -29.08 -14.56 -15.65
CA TYR D 170 -29.08 -13.33 -14.86
C TYR D 170 -29.33 -12.07 -15.68
N LEU D 171 -29.44 -12.20 -17.00
CA LEU D 171 -29.80 -11.05 -17.81
C LEU D 171 -31.24 -10.56 -17.59
N VAL D 172 -32.06 -11.37 -16.93
CA VAL D 172 -33.41 -10.97 -16.53
CA VAL D 172 -33.40 -10.94 -16.55
C VAL D 172 -33.36 -9.87 -15.45
N ASN D 173 -32.30 -9.86 -14.64
CA ASN D 173 -32.25 -8.92 -13.52
C ASN D 173 -30.92 -8.20 -13.29
N VAL D 174 -30.00 -8.33 -14.25
CA VAL D 174 -28.69 -7.67 -14.19
C VAL D 174 -28.39 -7.19 -15.60
N LYS D 175 -28.17 -5.88 -15.73
CA LYS D 175 -27.63 -5.32 -16.97
C LYS D 175 -26.10 -5.28 -16.92
N ARG D 176 -25.45 -5.62 -18.03
CA ARG D 176 -23.98 -5.71 -18.11
C ARG D 176 -23.43 -4.88 -19.25
N LYS D 177 -22.21 -4.36 -19.05
CA LYS D 177 -21.47 -3.74 -20.14
C LYS D 177 -19.98 -3.92 -19.92
N LEU D 178 -19.31 -4.30 -21.01
CA LEU D 178 -17.87 -4.61 -21.04
C LEU D 178 -17.08 -3.53 -21.77
N TYR D 179 -15.97 -3.13 -21.16
CA TYR D 179 -15.01 -2.22 -21.76
C TYR D 179 -13.62 -2.88 -21.69
N HIS D 180 -12.79 -2.56 -22.69
CA HIS D 180 -11.46 -3.14 -22.85
C HIS D 180 -10.37 -2.10 -22.60
N SER D 181 -9.46 -2.47 -21.71
CA SER D 181 -8.53 -1.51 -21.12
C SER D 181 -7.05 -1.81 -21.22
N THR D 182 -6.65 -2.99 -21.69
CA THR D 182 -5.22 -3.31 -21.74
C THR D 182 -4.45 -2.20 -22.43
N GLY D 183 -3.36 -1.75 -21.81
CA GLY D 183 -2.57 -0.65 -22.36
C GLY D 183 -2.99 0.74 -21.97
N LEU D 184 -4.23 0.87 -21.46
CA LEU D 184 -4.81 2.19 -21.15
C LEU D 184 -4.95 2.43 -19.63
N ALA D 185 -4.78 1.37 -18.87
CA ALA D 185 -4.97 1.34 -17.42
C ALA D 185 -4.36 0.05 -16.93
N ASP D 186 -4.27 -0.10 -15.61
CA ASP D 186 -3.78 -1.33 -14.98
C ASP D 186 -4.90 -2.37 -14.85
N ALA D 187 -5.51 -2.70 -15.99
CA ALA D 187 -6.62 -3.65 -16.06
C ALA D 187 -6.71 -4.08 -17.50
N ASP D 188 -7.22 -5.28 -17.71
CA ASP D 188 -7.56 -5.71 -19.06
C ASP D 188 -8.97 -5.26 -19.46
N PHE D 189 -9.86 -5.17 -18.49
CA PHE D 189 -11.26 -4.86 -18.72
C PHE D 189 -11.81 -4.03 -17.58
N ILE D 190 -12.85 -3.25 -17.90
CA ILE D 190 -13.73 -2.66 -16.89
C ILE D 190 -15.08 -3.27 -17.15
N THR D 191 -15.69 -3.81 -16.11
CA THR D 191 -17.03 -4.40 -16.22
C THR D 191 -17.98 -3.58 -15.38
N TYR D 192 -19.18 -3.36 -15.92
CA TYR D 192 -20.16 -2.43 -15.37
C TYR D 192 -21.50 -3.16 -15.33
N PHE D 193 -22.17 -3.07 -14.18
CA PHE D 193 -23.47 -3.72 -13.96
C PHE D 193 -24.47 -2.80 -13.29
N GLU D 194 -25.74 -3.01 -13.66
CA GLU D 194 -26.86 -2.33 -12.99
C GLU D 194 -27.86 -3.39 -12.57
N THR D 195 -28.40 -3.26 -11.37
CA THR D 195 -29.39 -4.19 -10.86
C THR D 195 -30.23 -3.54 -9.77
N ALA D 196 -31.41 -4.12 -9.53
CA ALA D 196 -32.18 -3.84 -8.32
C ALA D 196 -31.97 -4.92 -7.26
N ASP D 197 -31.34 -6.04 -7.64
CA ASP D 197 -31.33 -7.26 -6.85
C ASP D 197 -29.91 -7.71 -6.51
N LEU D 198 -29.40 -7.22 -5.39
CA LEU D 198 -28.02 -7.52 -5.01
C LEU D 198 -27.86 -8.97 -4.53
N ALA D 199 -28.95 -9.60 -4.06
CA ALA D 199 -28.90 -11.02 -3.77
C ALA D 199 -28.60 -11.82 -5.05
N ALA D 200 -29.29 -11.48 -6.12
CA ALA D 200 -29.03 -12.10 -7.41
C ALA D 200 -27.59 -11.83 -7.87
N PHE D 201 -27.15 -10.59 -7.70
CA PHE D 201 -25.80 -10.22 -8.13
C PHE D 201 -24.72 -11.05 -7.42
N ASN D 202 -24.89 -11.22 -6.12
CA ASN D 202 -23.99 -12.05 -5.36
C ASN D 202 -23.94 -13.48 -5.93
N ASN D 203 -25.13 -14.01 -6.22
CA ASN D 203 -25.19 -15.36 -6.78
C ASN D 203 -24.56 -15.45 -8.19
N LEU D 204 -24.71 -14.38 -8.97
CA LEU D 204 -24.09 -14.32 -10.28
C LEU D 204 -22.55 -14.39 -10.18
N LEU D 205 -21.99 -13.62 -9.25
CA LEU D 205 -20.53 -13.57 -9.14
CA LEU D 205 -20.54 -13.53 -9.08
C LEU D 205 -19.96 -14.86 -8.54
N ILE D 206 -20.71 -15.49 -7.64
CA ILE D 206 -20.32 -16.82 -7.14
C ILE D 206 -20.27 -17.81 -8.30
N ALA D 207 -21.28 -17.76 -9.21
CA ALA D 207 -21.25 -18.66 -10.37
C ALA D 207 -19.97 -18.47 -11.19
N LEU D 208 -19.56 -17.22 -11.37
CA LEU D 208 -18.33 -16.94 -12.11
C LEU D 208 -17.05 -17.32 -11.38
N ALA D 209 -17.07 -17.26 -10.04
CA ALA D 209 -15.90 -17.67 -9.25
C ALA D 209 -15.59 -19.15 -9.47
N LYS D 210 -16.64 -19.92 -9.76
CA LYS D 210 -16.56 -21.36 -9.84
C LYS D 210 -16.02 -21.93 -11.15
N VAL D 211 -15.76 -21.09 -12.15
CA VAL D 211 -15.35 -21.58 -13.46
C VAL D 211 -13.84 -21.44 -13.66
N PRO D 212 -13.26 -22.24 -14.57
CA PRO D 212 -11.78 -22.22 -14.67
C PRO D 212 -11.19 -20.89 -15.10
N GLU D 213 -11.95 -20.09 -15.84
CA GLU D 213 -11.52 -18.72 -16.18
C GLU D 213 -11.02 -17.97 -14.95
N ASN D 214 -11.68 -18.19 -13.81
CA ASN D 214 -11.35 -17.43 -12.61
C ASN D 214 -9.95 -17.72 -12.06
N THR D 215 -9.39 -18.89 -12.38
CA THR D 215 -8.02 -19.20 -12.02
C THR D 215 -6.98 -18.27 -12.63
N HIS D 216 -7.39 -17.48 -13.62
CA HIS D 216 -6.51 -16.55 -14.32
C HIS D 216 -6.62 -15.13 -13.87
N HIS D 217 -7.54 -14.82 -12.96
CA HIS D 217 -7.68 -13.42 -12.53
C HIS D 217 -6.60 -12.98 -11.55
N VAL D 218 -5.87 -11.92 -11.90
CA VAL D 218 -4.97 -11.23 -10.98
C VAL D 218 -5.56 -9.93 -10.44
N ARG D 219 -6.62 -9.43 -11.09
CA ARG D 219 -7.46 -8.35 -10.54
C ARG D 219 -8.90 -8.73 -10.87
N TRP D 220 -9.80 -8.58 -9.91
CA TRP D 220 -11.22 -8.91 -10.08
C TRP D 220 -11.94 -8.09 -9.03
N GLY D 221 -11.82 -6.78 -9.17
CA GLY D 221 -12.17 -5.83 -8.12
C GLY D 221 -10.98 -4.96 -7.79
N ASN D 222 -10.84 -4.65 -6.50
CA ASN D 222 -9.75 -3.83 -5.99
CA ASN D 222 -9.72 -3.85 -6.01
C ASN D 222 -9.63 -2.54 -6.79
N PRO D 223 -10.69 -1.73 -6.76
CA PRO D 223 -11.89 -1.87 -5.94
C PRO D 223 -13.03 -2.56 -6.64
N THR D 224 -13.88 -3.18 -5.85
CA THR D 224 -15.23 -3.51 -6.28
C THR D 224 -16.07 -2.29 -5.91
N VAL D 225 -16.49 -1.53 -6.91
CA VAL D 225 -17.21 -0.28 -6.65
C VAL D 225 -18.71 -0.57 -6.62
N LEU D 226 -19.33 -0.34 -5.48
CA LEU D 226 -20.77 -0.51 -5.30
C LEU D 226 -21.40 0.84 -4.99
N GLY D 227 -22.44 1.19 -5.74
CA GLY D 227 -23.12 2.47 -5.49
C GLY D 227 -24.59 2.42 -5.79
N THR D 228 -25.26 3.53 -5.52
CA THR D 228 -26.64 3.72 -5.96
C THR D 228 -26.72 4.73 -7.11
N ILE D 229 -27.57 4.41 -8.07
CA ILE D 229 -27.85 5.28 -9.18
C ILE D 229 -28.57 6.54 -8.65
N GLN D 230 -28.05 7.71 -9.00
CA GLN D 230 -28.64 8.99 -8.58
C GLN D 230 -28.58 9.99 -9.71
N SER D 231 -29.51 10.94 -9.75
CA SER D 231 -29.35 12.05 -10.64
C SER D 231 -28.17 12.91 -10.18
N ALA D 232 -27.61 13.71 -11.09
CA ALA D 232 -26.51 14.60 -10.70
C ALA D 232 -26.95 15.57 -9.61
N ASP D 233 -28.18 16.08 -9.72
CA ASP D 233 -28.70 17.03 -8.73
C ASP D 233 -28.78 16.41 -7.34
N VAL D 234 -29.35 15.21 -7.26
CA VAL D 234 -29.49 14.52 -5.98
C VAL D 234 -28.11 14.17 -5.44
N LEU D 235 -27.24 13.68 -6.32
CA LEU D 235 -25.88 13.35 -5.88
C LEU D 235 -25.15 14.52 -5.23
N VAL D 236 -25.14 15.65 -5.95
CA VAL D 236 -24.40 16.82 -5.47
C VAL D 236 -25.05 17.39 -4.21
N LYS D 237 -26.39 17.46 -4.18
CA LYS D 237 -27.07 17.95 -2.99
C LYS D 237 -26.80 17.10 -1.77
N THR D 238 -26.80 15.78 -1.96
CA THR D 238 -26.55 14.83 -0.87
C THR D 238 -25.17 15.06 -0.27
N LEU D 239 -24.18 15.19 -1.13
CA LEU D 239 -22.81 15.37 -0.66
C LEU D 239 -22.51 16.77 -0.18
N SER D 240 -23.44 17.70 -0.43
CA SER D 240 -23.28 19.11 -0.02
C SER D 240 -24.16 19.52 1.15
N GLY D 241 -24.89 18.58 1.71
CA GLY D 241 -25.82 18.84 2.81
C GLY D 241 -26.97 19.74 2.42
N MET D 242 -27.42 19.61 1.17
CA MET D 242 -28.46 20.44 0.58
C MET D 242 -29.63 19.60 0.13
N MET E 1 36.39 14.02 18.55
CA MET E 1 35.78 13.92 17.20
C MET E 1 35.91 12.49 16.66
N ALA E 2 34.80 11.93 16.19
CA ALA E 2 34.79 10.61 15.57
C ALA E 2 35.61 10.64 14.28
N ASP E 3 36.36 9.56 13.99
CA ASP E 3 37.20 9.50 12.84
C ASP E 3 36.38 8.93 11.71
N ARG E 4 36.21 9.74 10.69
CA ARG E 4 35.45 9.35 9.51
CA ARG E 4 35.46 9.36 9.50
C ARG E 4 36.02 8.10 8.83
N ALA E 5 37.33 8.06 8.58
CA ALA E 5 37.93 6.91 7.90
C ALA E 5 37.68 5.64 8.70
N LYS E 6 37.87 5.70 10.01
CA LYS E 6 37.63 4.52 10.84
C LYS E 6 36.19 4.07 10.71
N LEU E 7 35.25 5.01 10.84
CA LEU E 7 33.83 4.65 10.78
C LEU E 7 33.41 4.11 9.42
N LEU E 8 34.07 4.56 8.34
CA LEU E 8 33.74 4.08 7.01
C LEU E 8 34.43 2.81 6.59
N THR E 9 35.42 2.34 7.36
CA THR E 9 36.24 1.20 6.90
C THR E 9 36.42 0.04 7.89
N THR E 10 35.73 0.08 9.01
CA THR E 10 35.85 -0.98 10.02
C THR E 10 34.55 -1.75 10.23
N PRO E 11 34.67 -2.99 10.70
CA PRO E 11 33.51 -3.87 10.88
C PRO E 11 32.40 -3.64 11.84
N GLY E 12 32.56 -3.03 12.92
CA GLY E 12 31.28 -3.06 13.82
C GLY E 12 30.53 -1.73 13.93
N VAL E 13 30.35 -1.09 12.80
CA VAL E 13 29.84 0.26 12.72
C VAL E 13 28.39 0.20 12.29
N PHE E 14 27.55 0.99 12.95
CA PHE E 14 26.16 1.11 12.55
C PHE E 14 26.01 2.21 11.51
N GLY E 15 25.35 1.85 10.43
CA GLY E 15 24.96 2.78 9.37
C GLY E 15 23.45 2.99 9.48
N ASN E 16 23.05 4.26 9.48
CA ASN E 16 21.65 4.67 9.61
C ASN E 16 21.32 5.52 8.39
N PHE E 17 20.40 5.01 7.58
CA PHE E 17 20.00 5.65 6.33
C PHE E 17 18.56 6.16 6.48
N SER E 18 18.33 7.44 6.20
CA SER E 18 16.97 7.95 6.29
C SER E 18 16.70 8.90 5.14
N THR E 19 15.50 8.79 4.60
CA THR E 19 15.06 9.63 3.52
C THR E 19 13.84 10.44 3.96
N TYR E 20 13.72 11.67 3.44
CA TYR E 20 12.68 12.60 3.90
C TYR E 20 12.09 13.33 2.71
N LYS E 21 10.80 13.63 2.80
CA LYS E 21 10.17 14.62 1.94
C LYS E 21 9.99 15.93 2.70
N VAL E 22 10.20 17.04 2.00
CA VAL E 22 10.00 18.35 2.61
C VAL E 22 8.54 18.69 2.44
N ARG E 23 7.91 19.09 3.54
CA ARG E 23 6.52 19.44 3.49
CA ARG E 23 6.51 19.46 3.52
C ARG E 23 6.29 20.74 2.75
N ALA E 24 5.13 20.81 2.12
CA ALA E 24 4.73 21.94 1.30
C ALA E 24 4.85 23.29 1.99
N ASP E 25 4.53 23.32 3.28
CA ASP E 25 4.48 24.61 3.95
C ASP E 25 5.87 25.14 4.33
N TYR E 26 6.93 24.34 4.11
CA TYR E 26 8.28 24.84 4.42
C TYR E 26 8.57 26.08 3.61
N MET E 27 8.23 26.03 2.32
CA MET E 27 8.52 27.16 1.43
C MET E 27 7.63 28.38 1.68
N LYS E 28 6.58 28.20 2.47
CA LYS E 28 5.74 29.31 2.95
C LYS E 28 6.34 30.06 4.17
N LEU E 29 7.37 29.50 4.80
CA LEU E 29 8.08 30.18 5.90
C LEU E 29 8.69 31.48 5.44
N PRO E 30 8.82 32.45 6.36
CA PRO E 30 9.52 33.67 5.99
C PRO E 30 10.94 33.37 5.54
N ALA E 31 11.44 34.16 4.60
CA ALA E 31 12.76 33.98 4.03
C ALA E 31 13.86 33.92 5.09
N ALA E 32 13.73 34.74 6.14
CA ALA E 32 14.74 34.75 7.20
C ALA E 32 14.89 33.38 7.87
N GLU E 33 13.76 32.69 8.06
CA GLU E 33 13.80 31.37 8.72
C GLU E 33 14.47 30.34 7.82
N ARG E 34 14.12 30.40 6.54
CA ARG E 34 14.75 29.53 5.56
C ARG E 34 16.22 29.86 5.36
N LYS E 35 16.57 31.14 5.40
CA LYS E 35 17.99 31.52 5.31
C LYS E 35 18.80 30.94 6.48
N ALA E 36 18.21 30.88 7.68
CA ALA E 36 18.93 30.38 8.85
C ALA E 36 19.04 28.85 8.87
N ALA E 37 18.32 28.15 7.99
CA ALA E 37 18.29 26.68 8.07
C ALA E 37 19.66 26.02 7.83
N ALA E 38 20.45 26.52 6.89
CA ALA E 38 21.75 25.90 6.63
C ALA E 38 22.70 25.92 7.84
N ALA E 39 22.75 27.05 8.54
CA ALA E 39 23.58 27.17 9.73
C ALA E 39 23.08 26.23 10.85
N GLU E 40 21.76 26.08 10.98
CA GLU E 40 21.19 25.13 11.96
C GLU E 40 21.61 23.68 11.68
N ALA E 41 21.60 23.31 10.40
CA ALA E 41 22.04 21.99 10.00
C ALA E 41 23.51 21.78 10.33
N GLN E 42 24.35 22.75 10.01
CA GLN E 42 25.76 22.70 10.35
CA GLN E 42 25.77 22.67 10.36
C GLN E 42 25.96 22.51 11.88
N MET E 43 25.20 23.25 12.66
CA MET E 43 25.37 23.23 14.11
C MET E 43 24.98 21.88 14.68
N VAL E 44 23.93 21.26 14.15
CA VAL E 44 23.51 19.96 14.67
C VAL E 44 24.50 18.85 14.32
N ILE E 45 25.06 18.89 13.11
CA ILE E 45 26.09 17.97 12.70
C ILE E 45 27.34 18.15 13.60
N ASP E 46 27.71 19.41 13.82
CA ASP E 46 28.83 19.76 14.72
C ASP E 46 28.64 19.25 16.14
N LYS E 47 27.43 19.45 16.66
CA LYS E 47 27.08 19.02 18.01
C LYS E 47 27.38 17.53 18.25
N HIS E 48 27.13 16.71 17.24
CA HIS E 48 27.23 15.27 17.34
C HIS E 48 28.54 14.71 16.78
N LYS E 49 29.51 15.58 16.47
CA LYS E 49 30.73 15.18 15.77
C LYS E 49 31.65 14.24 16.59
N ASP E 50 31.46 14.23 17.90
CA ASP E 50 32.19 13.31 18.76
C ASP E 50 31.72 11.86 18.66
N LYS E 51 30.47 11.64 18.21
CA LYS E 51 29.94 10.27 18.17
C LYS E 51 29.51 9.80 16.77
N VAL E 52 29.18 10.73 15.87
CA VAL E 52 28.63 10.31 14.56
C VAL E 52 29.28 11.08 13.43
N ILE E 53 29.27 10.51 12.23
CA ILE E 53 29.54 11.24 10.99
C ILE E 53 28.21 11.27 10.19
N VAL E 54 28.07 12.30 9.35
CA VAL E 54 26.85 12.55 8.60
C VAL E 54 27.20 12.88 7.16
N ASP E 55 26.51 12.23 6.21
CA ASP E 55 26.57 12.56 4.79
C ASP E 55 25.17 12.91 4.32
N THR E 56 25.09 13.89 3.42
CA THR E 56 23.85 14.39 2.85
C THR E 56 23.80 14.21 1.32
N TYR E 57 22.58 13.96 0.83
CA TYR E 57 22.40 13.73 -0.62
C TYR E 57 21.04 14.25 -1.04
N LEU E 58 20.98 14.82 -2.24
CA LEU E 58 19.73 15.37 -2.80
C LEU E 58 19.09 14.34 -3.70
N THR E 59 17.88 13.92 -3.31
CA THR E 59 17.16 12.91 -4.07
C THR E 59 15.96 13.48 -4.86
N ARG E 60 15.53 14.71 -4.53
CA ARG E 60 14.48 15.36 -5.26
C ARG E 60 14.78 15.33 -6.76
N GLY E 61 13.79 14.92 -7.52
CA GLY E 61 13.95 14.91 -8.96
C GLY E 61 14.55 13.68 -9.59
N LEU E 62 15.00 12.74 -8.75
CA LEU E 62 15.57 11.49 -9.22
C LEU E 62 14.81 10.24 -8.76
N GLY E 63 13.68 10.47 -8.10
CA GLY E 63 12.81 9.40 -7.61
C GLY E 63 11.68 10.06 -6.82
N ALA E 64 10.62 9.31 -6.53
CA ALA E 64 9.43 9.88 -5.88
C ALA E 64 9.38 9.58 -4.41
N GLY E 65 10.38 8.86 -3.90
CA GLY E 65 10.38 8.44 -2.52
C GLY E 65 10.77 9.52 -1.55
N SER E 66 11.56 10.50 -2.00
CA SER E 66 12.15 11.45 -1.09
C SER E 66 12.71 12.67 -1.80
N ASP E 67 13.03 13.67 -0.99
CA ASP E 67 13.78 14.83 -1.37
C ASP E 67 15.23 14.83 -0.94
N TYR E 68 15.55 14.23 0.21
CA TYR E 68 16.95 14.11 0.59
C TYR E 68 17.16 12.84 1.41
N LEU E 69 18.43 12.44 1.48
CA LEU E 69 18.91 11.26 2.18
C LEU E 69 19.99 11.69 3.17
N LEU E 70 19.94 11.13 4.39
CA LEU E 70 21.03 11.22 5.37
C LEU E 70 21.60 9.82 5.59
N ARG E 71 22.94 9.74 5.56
CA ARG E 71 23.64 8.55 5.96
C ARG E 71 24.47 8.91 7.18
N VAL E 72 24.23 8.21 8.28
CA VAL E 72 24.82 8.54 9.59
C VAL E 72 25.52 7.29 10.11
N HIS E 73 26.76 7.44 10.57
CA HIS E 73 27.51 6.28 11.13
C HIS E 73 27.90 6.52 12.58
N SER E 74 27.91 5.46 13.38
CA SER E 74 28.45 5.51 14.75
C SER E 74 28.71 4.09 15.20
N THR E 75 29.61 3.94 16.16
CA THR E 75 29.69 2.63 16.82
C THR E 75 28.55 2.37 17.81
N ASP E 76 27.74 3.38 18.12
CA ASP E 76 26.64 3.31 19.04
C ASP E 76 25.35 3.57 18.25
N MET E 77 24.48 2.58 18.17
CA MET E 77 23.22 2.75 17.41
C MET E 77 22.41 3.91 17.95
N ALA E 78 22.31 3.99 19.28
CA ALA E 78 21.54 5.06 19.90
C ALA E 78 22.08 6.46 19.59
N ALA E 79 23.38 6.59 19.35
CA ALA E 79 23.96 7.87 18.99
C ALA E 79 23.47 8.32 17.61
N THR E 80 23.27 7.35 16.70
CA THR E 80 22.70 7.74 15.40
C THR E 80 21.26 8.26 15.59
N GLN E 81 20.52 7.59 16.47
CA GLN E 81 19.16 8.05 16.83
C GLN E 81 19.18 9.45 17.42
N ALA E 82 20.09 9.67 18.34
CA ALA E 82 20.13 10.96 19.01
C ALA E 82 20.42 12.12 18.01
N PHE E 83 21.33 11.87 17.08
CA PHE E 83 21.56 12.84 16.01
C PHE E 83 20.27 13.12 15.22
N LEU E 84 19.57 12.06 14.82
CA LEU E 84 18.35 12.21 14.02
C LEU E 84 17.22 12.89 14.76
N VAL E 85 17.13 12.61 16.06
CA VAL E 85 16.19 13.34 16.91
C VAL E 85 16.51 14.84 16.88
N ASP E 86 17.78 15.19 17.05
CA ASP E 86 18.16 16.63 16.99
C ASP E 86 17.97 17.23 15.58
N TRP E 87 18.26 16.45 14.55
CA TRP E 87 18.02 16.88 13.17
C TRP E 87 16.55 17.27 12.97
N ARG E 88 15.66 16.45 13.51
CA ARG E 88 14.24 16.68 13.36
C ARG E 88 13.76 17.95 14.06
N ALA E 89 14.57 18.46 15.00
CA ALA E 89 14.25 19.67 15.75
C ALA E 89 14.72 20.95 15.04
N THR E 90 15.56 20.79 14.01
CA THR E 90 16.01 21.93 13.20
C THR E 90 14.82 22.39 12.35
N LYS E 91 14.93 23.60 11.81
CA LYS E 91 13.83 24.13 11.00
C LYS E 91 13.50 23.23 9.80
N LEU E 92 14.52 22.82 9.06
CA LEU E 92 14.29 21.91 7.93
C LEU E 92 13.71 20.57 8.44
N GLY E 93 14.28 20.05 9.53
CA GLY E 93 13.85 18.78 10.05
C GLY E 93 12.40 18.78 10.51
N MET E 94 11.97 19.91 11.10
CA MET E 94 10.59 20.12 11.55
CA MET E 94 10.59 20.07 11.53
C MET E 94 9.61 20.01 10.40
N TYR E 95 10.06 20.41 9.21
CA TYR E 95 9.27 20.38 8.02
C TYR E 95 9.60 19.20 7.10
N SER E 96 10.22 18.17 7.68
CA SER E 96 10.57 16.94 6.95
C SER E 96 9.75 15.77 7.46
N ASP E 97 9.19 15.02 6.52
CA ASP E 97 8.47 13.77 6.80
C ASP E 97 9.37 12.60 6.42
N VAL E 98 9.61 11.69 7.33
CA VAL E 98 10.46 10.55 7.03
C VAL E 98 9.69 9.56 6.14
N THR E 99 10.34 9.11 5.07
CA THR E 99 9.73 8.16 4.16
C THR E 99 10.35 6.73 4.20
N GLU E 100 11.60 6.66 4.60
CA GLU E 100 12.27 5.38 4.81
C GLU E 100 13.38 5.61 5.81
N ASN E 101 13.67 4.61 6.64
CA ASN E 101 14.73 4.72 7.62
C ASN E 101 15.15 3.30 7.96
N LEU E 102 16.32 2.93 7.49
CA LEU E 102 16.86 1.58 7.63
C LEU E 102 18.20 1.67 8.31
N VAL E 103 18.45 0.71 9.17
CA VAL E 103 19.75 0.64 9.85
C VAL E 103 20.38 -0.73 9.63
N GLY E 104 21.70 -0.76 9.76
CA GLY E 104 22.42 -1.99 9.63
C GLY E 104 23.79 -1.87 10.24
N ILE E 105 24.53 -2.99 10.26
CA ILE E 105 25.87 -3.01 10.85
C ILE E 105 26.87 -3.50 9.83
N THR E 106 28.08 -2.94 9.85
CA THR E 106 29.16 -3.43 9.01
C THR E 106 29.78 -4.68 9.64
N LYS E 107 30.21 -5.61 8.79
CA LYS E 107 30.77 -6.90 9.27
C LYS E 107 31.99 -7.27 8.48
N ALA E 108 32.79 -8.14 9.07
CA ALA E 108 33.82 -8.81 8.32
C ALA E 108 33.23 -9.58 7.13
N LEU E 109 34.08 -9.86 6.15
CA LEU E 109 33.67 -10.67 5.01
C LEU E 109 33.19 -12.07 5.43
N ASN E 110 31.98 -12.43 4.97
CA ASN E 110 31.43 -13.75 5.23
C ASN E 110 31.82 -14.81 4.22
N TYR E 111 32.07 -14.39 3.01
CA TYR E 111 32.24 -15.28 1.86
C TYR E 111 33.58 -15.09 1.16
N ILE E 112 33.80 -13.87 0.65
CA ILE E 112 34.97 -13.60 -0.19
C ILE E 112 36.19 -13.18 0.66
N SER E 113 36.50 -14.03 1.62
CA SER E 113 37.65 -13.83 2.48
C SER E 113 38.91 -14.45 1.85
N LYS E 114 40.06 -14.00 2.36
CA LYS E 114 41.34 -14.58 1.96
C LYS E 114 41.33 -16.11 2.13
N ASP E 115 40.79 -16.56 3.25
CA ASP E 115 40.73 -18.00 3.56
C ASP E 115 39.80 -18.78 2.63
N LYS E 116 38.61 -18.25 2.40
CA LYS E 116 37.60 -18.99 1.65
C LYS E 116 37.69 -18.87 0.15
N SER E 117 38.13 -17.70 -0.33
CA SER E 117 38.13 -17.43 -1.76
C SER E 117 39.29 -16.53 -2.12
N PRO E 118 40.52 -17.06 -2.07
CA PRO E 118 41.70 -16.19 -2.14
C PRO E 118 41.89 -15.38 -3.40
N ASP E 119 41.57 -15.90 -4.58
CA ASP E 119 41.80 -15.15 -5.83
C ASP E 119 40.82 -13.97 -5.93
N LEU E 120 39.55 -14.24 -5.66
CA LEU E 120 38.55 -13.17 -5.65
C LEU E 120 38.82 -12.15 -4.55
N ASN E 121 39.22 -12.62 -3.37
CA ASN E 121 39.61 -11.73 -2.30
C ASN E 121 40.78 -10.81 -2.70
N ALA E 122 41.78 -11.36 -3.38
CA ALA E 122 42.92 -10.55 -3.84
C ALA E 122 42.46 -9.47 -4.85
N GLY E 123 41.54 -9.86 -5.74
CA GLY E 123 40.98 -8.92 -6.74
C GLY E 123 40.19 -7.80 -6.09
N LEU E 124 39.43 -8.17 -5.07
CA LEU E 124 38.67 -7.19 -4.29
C LEU E 124 39.61 -6.19 -3.57
N SER E 125 40.66 -6.70 -2.92
CA SER E 125 41.58 -5.90 -2.13
C SER E 125 42.45 -4.99 -2.97
N SER E 126 42.78 -5.40 -4.19
CA SER E 126 43.71 -4.66 -5.05
C SER E 126 43.00 -3.67 -5.96
N ALA E 127 41.68 -3.75 -6.04
CA ALA E 127 40.91 -2.83 -6.89
C ALA E 127 41.07 -1.37 -6.46
N THR E 128 41.15 -0.48 -7.46
CA THR E 128 41.27 0.95 -7.23
C THR E 128 40.28 1.72 -8.09
N TYR E 129 39.50 2.58 -7.45
CA TYR E 129 38.59 3.49 -8.17
C TYR E 129 39.47 4.53 -8.90
N SER E 130 39.25 4.67 -10.21
CA SER E 130 40.10 5.54 -11.04
C SER E 130 39.34 6.58 -11.86
N ASP E 131 38.03 6.66 -11.70
CA ASP E 131 37.24 7.59 -12.47
C ASP E 131 37.27 8.94 -11.78
N SER E 132 36.61 9.91 -12.40
CA SER E 132 36.45 11.19 -11.73
CA SER E 132 36.29 11.21 -11.81
C SER E 132 35.62 11.03 -10.44
N ALA E 133 35.66 12.04 -9.60
CA ALA E 133 35.00 12.01 -8.30
C ALA E 133 33.52 11.62 -8.44
N PRO E 134 33.02 10.74 -7.56
CA PRO E 134 31.61 10.39 -7.66
C PRO E 134 30.69 11.59 -7.52
N ARG E 135 29.60 11.53 -8.26
CA ARG E 135 28.57 12.55 -8.21
C ARG E 135 27.25 12.03 -7.71
N TYR E 136 27.04 10.73 -7.82
CA TYR E 136 25.72 10.11 -7.53
C TYR E 136 25.89 9.04 -6.43
N VAL E 137 24.79 8.89 -5.69
CA VAL E 137 24.61 7.83 -4.71
C VAL E 137 23.45 6.95 -5.13
N ILE E 138 23.59 5.66 -4.87
CA ILE E 138 22.48 4.73 -5.00
C ILE E 138 22.45 3.88 -3.73
N VAL E 139 21.27 3.76 -3.14
CA VAL E 139 21.07 2.86 -1.99
C VAL E 139 20.01 1.85 -2.37
N ILE E 140 20.35 0.56 -2.18
CA ILE E 140 19.46 -0.53 -2.58
C ILE E 140 19.30 -1.47 -1.35
N PRO E 141 18.13 -1.47 -0.70
CA PRO E 141 17.82 -2.46 0.32
C PRO E 141 17.67 -3.83 -0.31
N VAL E 142 18.19 -4.87 0.33
CA VAL E 142 18.11 -6.21 -0.22
C VAL E 142 17.63 -7.17 0.85
N LYS E 143 16.71 -8.06 0.45
CA LYS E 143 16.25 -9.13 1.32
C LYS E 143 16.16 -10.41 0.51
N LYS E 144 16.69 -11.48 1.10
CA LYS E 144 16.72 -12.78 0.46
C LYS E 144 15.70 -13.73 1.09
N ASP E 145 15.17 -14.63 0.26
CA ASP E 145 14.15 -15.54 0.70
C ASP E 145 14.65 -16.63 1.66
N ALA E 146 13.71 -17.33 2.27
CA ALA E 146 14.07 -18.36 3.24
C ALA E 146 14.89 -19.47 2.56
N ALA E 147 14.61 -19.75 1.29
CA ALA E 147 15.36 -20.77 0.58
C ALA E 147 16.86 -20.43 0.51
N TRP E 148 17.18 -19.15 0.27
CA TRP E 148 18.58 -18.76 0.30
C TRP E 148 19.21 -19.12 1.63
N TRP E 149 18.60 -18.63 2.69
CA TRP E 149 19.23 -18.80 4.01
C TRP E 149 19.33 -20.27 4.44
N ASN E 150 18.41 -21.08 3.95
CA ASN E 150 18.39 -22.51 4.24
C ASN E 150 19.40 -23.29 3.41
N MET E 151 20.01 -22.69 2.38
CA MET E 151 21.11 -23.34 1.67
C MET E 151 22.35 -23.46 2.54
N SER E 152 23.23 -24.40 2.22
CA SER E 152 24.48 -24.56 2.97
C SER E 152 25.43 -23.37 2.81
N ASP E 153 26.39 -23.25 3.70
CA ASP E 153 27.43 -22.23 3.59
C ASP E 153 28.16 -22.36 2.25
N GLU E 154 28.48 -23.60 1.85
CA GLU E 154 29.14 -23.85 0.58
C GLU E 154 28.29 -23.43 -0.62
N GLN E 155 27.00 -23.77 -0.60
CA GLN E 155 26.12 -23.41 -1.73
C GLN E 155 26.09 -21.89 -1.85
N ARG E 156 25.97 -21.22 -0.71
CA ARG E 156 25.91 -19.75 -0.72
C ARG E 156 27.23 -19.10 -1.18
N LEU E 157 28.35 -19.62 -0.70
CA LEU E 157 29.65 -19.15 -1.16
C LEU E 157 29.74 -19.20 -2.68
N LYS E 158 29.34 -20.32 -3.26
CA LYS E 158 29.43 -20.46 -4.71
C LYS E 158 28.63 -19.36 -5.40
N GLU E 159 27.45 -19.07 -4.89
CA GLU E 159 26.61 -18.01 -5.50
C GLU E 159 27.20 -16.61 -5.32
N ILE E 160 27.87 -16.37 -4.21
CA ILE E 160 28.51 -15.08 -3.99
C ILE E 160 29.80 -14.94 -4.82
N GLU E 161 30.50 -16.04 -5.08
CA GLU E 161 31.62 -15.99 -6.00
C GLU E 161 31.16 -15.58 -7.40
N VAL E 162 29.99 -16.08 -7.79
CA VAL E 162 29.38 -15.77 -9.06
C VAL E 162 28.91 -14.28 -9.09
N HIS E 163 28.45 -13.77 -7.97
CA HIS E 163 28.14 -12.33 -7.81
C HIS E 163 29.38 -11.47 -8.03
N THR E 164 30.52 -11.92 -7.48
CA THR E 164 31.73 -11.13 -7.43
C THR E 164 32.55 -11.17 -8.72
N GLN E 165 32.68 -12.36 -9.33
CA GLN E 165 33.60 -12.45 -10.47
C GLN E 165 33.31 -11.43 -11.62
N PRO E 166 32.04 -11.27 -12.05
CA PRO E 166 31.70 -10.34 -13.14
C PRO E 166 31.61 -8.88 -12.73
N THR E 167 31.67 -8.61 -11.42
CA THR E 167 31.49 -7.25 -10.93
C THR E 167 32.79 -6.57 -10.45
N LEU E 168 33.86 -7.35 -10.16
CA LEU E 168 35.13 -6.72 -9.77
C LEU E 168 35.55 -5.62 -10.74
N GLN E 169 35.27 -5.81 -12.03
CA GLN E 169 35.68 -4.82 -13.03
C GLN E 169 35.08 -3.44 -12.79
N TYR E 170 33.92 -3.39 -12.14
CA TYR E 170 33.24 -2.12 -11.88
C TYR E 170 33.82 -1.35 -10.72
N LEU E 171 34.78 -1.93 -10.01
CA LEU E 171 35.38 -1.19 -8.90
C LEU E 171 36.28 -0.04 -9.40
N VAL E 172 36.55 0.02 -10.70
CA VAL E 172 37.27 1.17 -11.27
C VAL E 172 36.38 2.42 -11.28
N ASN E 173 35.07 2.23 -11.35
CA ASN E 173 34.19 3.38 -11.48
C ASN E 173 32.92 3.37 -10.58
N VAL E 174 32.85 2.42 -9.68
CA VAL E 174 31.78 2.33 -8.68
C VAL E 174 32.40 2.00 -7.32
N LYS E 175 32.09 2.79 -6.28
CA LYS E 175 32.46 2.48 -4.90
C LYS E 175 31.28 1.79 -4.25
N ARG E 176 31.55 0.77 -3.41
CA ARG E 176 30.48 -0.05 -2.81
C ARG E 176 30.69 -0.14 -1.30
N LYS E 177 29.59 -0.25 -0.58
CA LYS E 177 29.63 -0.57 0.85
C LYS E 177 28.41 -1.38 1.27
N LEU E 178 28.67 -2.44 2.04
CA LEU E 178 27.66 -3.39 2.49
C LEU E 178 27.38 -3.26 3.99
N TYR E 179 26.10 -3.24 4.33
CA TYR E 179 25.64 -3.25 5.73
C TYR E 179 24.65 -4.39 5.89
N HIS E 180 24.61 -4.94 7.11
CA HIS E 180 23.83 -6.10 7.44
C HIS E 180 22.69 -5.73 8.39
N SER E 181 21.48 -6.09 8.04
CA SER E 181 20.26 -5.55 8.65
C SER E 181 19.25 -6.56 9.19
N THR E 182 19.44 -7.86 8.95
CA THR E 182 18.46 -8.85 9.42
C THR E 182 18.19 -8.65 10.93
N GLY E 183 16.93 -8.53 11.29
CA GLY E 183 16.53 -8.30 12.65
C GLY E 183 16.44 -6.86 13.09
N LEU E 184 17.02 -5.95 12.32
CA LEU E 184 17.05 -4.54 12.65
C LEU E 184 16.15 -3.68 11.77
N ALA E 185 15.68 -4.28 10.68
CA ALA E 185 14.88 -3.61 9.66
C ALA E 185 14.26 -4.70 8.81
N ASP E 186 13.33 -4.32 7.92
CA ASP E 186 12.73 -5.26 7.00
C ASP E 186 13.60 -5.44 5.74
N ALA E 187 14.85 -5.81 5.97
CA ALA E 187 15.83 -6.09 4.93
C ALA E 187 16.90 -6.96 5.54
N ASP E 188 17.57 -7.75 4.73
CA ASP E 188 18.80 -8.46 5.18
C ASP E 188 20.05 -7.58 5.05
N PHE E 189 20.05 -6.64 4.09
CA PHE E 189 21.23 -5.85 3.78
C PHE E 189 20.81 -4.48 3.36
N ILE E 190 21.70 -3.50 3.57
CA ILE E 190 21.62 -2.20 2.90
C ILE E 190 22.88 -2.12 2.07
N THR E 191 22.73 -1.80 0.78
CA THR E 191 23.87 -1.64 -0.10
C THR E 191 23.93 -0.19 -0.55
N TYR E 192 25.15 0.30 -0.60
CA TYR E 192 25.45 1.71 -0.83
C TYR E 192 26.49 1.84 -1.93
N PHE E 193 26.24 2.71 -2.91
CA PHE E 193 27.14 2.91 -4.05
C PHE E 193 27.34 4.37 -4.34
N GLU E 194 28.57 4.70 -4.77
CA GLU E 194 28.92 6.01 -5.28
C GLU E 194 29.52 5.88 -6.68
N THR E 195 29.09 6.74 -7.60
CA THR E 195 29.64 6.70 -8.94
C THR E 195 29.49 8.03 -9.64
N ALA E 196 30.31 8.25 -10.66
CA ALA E 196 30.08 9.34 -11.61
C ALA E 196 29.36 8.85 -12.87
N ASP E 197 29.26 7.52 -13.05
CA ASP E 197 28.92 6.89 -14.32
C ASP E 197 27.69 6.00 -14.16
N LEU E 198 26.52 6.59 -14.31
CA LEU E 198 25.27 5.84 -14.19
C LEU E 198 25.03 4.84 -15.31
N ALA E 199 25.57 5.08 -16.51
CA ALA E 199 25.53 4.08 -17.54
C ALA E 199 26.26 2.79 -17.08
N ALA E 200 27.45 2.95 -16.50
CA ALA E 200 28.15 1.80 -15.95
C ALA E 200 27.33 1.14 -14.83
N PHE E 201 26.76 1.96 -13.95
CA PHE E 201 25.97 1.40 -12.86
C PHE E 201 24.79 0.55 -13.37
N ASN E 202 24.08 1.01 -14.39
CA ASN E 202 23.01 0.24 -14.99
C ASN E 202 23.55 -1.10 -15.52
N ASN E 203 24.72 -1.07 -16.16
CA ASN E 203 25.30 -2.33 -16.67
C ASN E 203 25.71 -3.27 -15.54
N LEU E 204 26.20 -2.69 -14.45
CA LEU E 204 26.57 -3.49 -13.28
C LEU E 204 25.38 -4.23 -12.70
N LEU E 205 24.27 -3.51 -12.52
CA LEU E 205 23.09 -4.15 -11.96
CA LEU E 205 23.10 -4.11 -11.94
C LEU E 205 22.45 -5.16 -12.88
N ILE E 206 22.52 -4.92 -14.20
CA ILE E 206 22.07 -5.92 -15.17
C ILE E 206 22.92 -7.20 -15.00
N ALA E 207 24.24 -7.05 -14.83
CA ALA E 207 25.07 -8.22 -14.67
C ALA E 207 24.63 -9.05 -13.46
N LEU E 208 24.28 -8.37 -12.37
CA LEU E 208 23.84 -9.04 -11.16
C LEU E 208 22.44 -9.64 -11.27
N ALA E 209 21.61 -9.05 -12.12
CA ALA E 209 20.28 -9.61 -12.37
C ALA E 209 20.37 -10.99 -13.00
N LYS E 210 21.43 -11.22 -13.78
CA LYS E 210 21.59 -12.41 -14.57
C LYS E 210 22.13 -13.64 -13.83
N VAL E 211 22.49 -13.54 -12.57
CA VAL E 211 23.08 -14.65 -11.85
C VAL E 211 22.06 -15.36 -10.95
N PRO E 212 22.33 -16.62 -10.59
CA PRO E 212 21.35 -17.35 -9.83
C PRO E 212 20.99 -16.76 -8.45
N GLU E 213 21.91 -16.06 -7.83
CA GLU E 213 21.61 -15.41 -6.57
C GLU E 213 20.34 -14.55 -6.68
N ASN E 214 20.15 -13.91 -7.83
CA ASN E 214 19.02 -12.99 -7.98
C ASN E 214 17.65 -13.70 -7.89
N THR E 215 17.61 -15.01 -8.17
CA THR E 215 16.37 -15.78 -8.00
C THR E 215 15.87 -15.79 -6.53
N HIS E 216 16.74 -15.40 -5.60
CA HIS E 216 16.42 -15.40 -4.18
C HIS E 216 16.01 -14.05 -3.63
N HIS E 217 16.05 -12.99 -4.43
CA HIS E 217 15.72 -11.67 -3.89
C HIS E 217 14.21 -11.45 -3.75
N VAL E 218 13.77 -11.09 -2.55
CA VAL E 218 12.37 -10.65 -2.32
C VAL E 218 12.26 -9.15 -2.14
N ARG E 219 13.40 -8.50 -1.90
CA ARG E 219 13.54 -7.05 -1.94
C ARG E 219 14.88 -6.76 -2.59
N TRP E 220 14.87 -5.83 -3.55
CA TRP E 220 16.08 -5.46 -4.28
C TRP E 220 15.85 -4.04 -4.79
N GLY E 221 15.71 -3.13 -3.83
CA GLY E 221 15.19 -1.81 -4.06
C GLY E 221 13.97 -1.54 -3.16
N ASN E 222 12.98 -0.88 -3.75
CA ASN E 222 11.72 -0.58 -3.07
CA ASN E 222 11.71 -0.60 -3.07
C ASN E 222 11.96 0.01 -1.68
N PRO E 223 12.62 1.19 -1.64
CA PRO E 223 13.04 2.01 -2.79
C PRO E 223 14.47 1.74 -3.29
N THR E 224 14.67 1.95 -4.59
CA THR E 224 16.01 2.20 -5.13
C THR E 224 16.23 3.71 -5.01
N VAL E 225 17.09 4.10 -4.08
CA VAL E 225 17.28 5.52 -3.77
C VAL E 225 18.42 6.05 -4.64
N LEU E 226 18.12 7.03 -5.49
CA LEU E 226 19.09 7.65 -6.38
C LEU E 226 19.19 9.13 -6.03
N GLY E 227 20.42 9.60 -5.80
CA GLY E 227 20.63 11.00 -5.48
C GLY E 227 21.94 11.52 -5.97
N THR E 228 22.13 12.82 -5.75
CA THR E 228 23.41 13.47 -5.98
C THR E 228 24.09 13.78 -4.64
N ILE E 229 25.40 13.58 -4.60
CA ILE E 229 26.20 13.90 -3.45
C ILE E 229 26.25 15.43 -3.33
N GLN E 230 25.98 15.95 -2.13
CA GLN E 230 25.98 17.41 -1.91
C GLN E 230 26.55 17.68 -0.52
N SER E 231 27.17 18.83 -0.33
CA SER E 231 27.50 19.25 1.00
C SER E 231 26.19 19.55 1.75
N ALA E 232 26.24 19.52 3.07
CA ALA E 232 25.06 19.84 3.85
C ALA E 232 24.57 21.28 3.57
N ASP E 233 25.52 22.20 3.42
CA ASP E 233 25.18 23.59 3.12
C ASP E 233 24.40 23.70 1.81
N VAL E 234 24.93 23.07 0.75
CA VAL E 234 24.26 23.16 -0.55
C VAL E 234 22.91 22.42 -0.53
N LEU E 235 22.85 21.26 0.17
CA LEU E 235 21.59 20.54 0.25
C LEU E 235 20.49 21.41 0.88
N VAL E 236 20.82 21.98 2.05
CA VAL E 236 19.81 22.72 2.79
C VAL E 236 19.42 24.01 2.05
N LYS E 237 20.40 24.71 1.51
CA LYS E 237 20.10 25.92 0.72
C LYS E 237 19.20 25.58 -0.47
N THR E 238 19.50 24.47 -1.15
CA THR E 238 18.72 24.07 -2.33
C THR E 238 17.25 23.83 -1.95
N LEU E 239 17.03 23.10 -0.86
CA LEU E 239 15.69 22.79 -0.43
C LEU E 239 14.98 23.97 0.25
N SER E 240 15.72 25.03 0.55
CA SER E 240 15.21 26.22 1.24
C SER E 240 15.03 27.43 0.32
N GLY E 241 15.34 27.27 -0.96
CA GLY E 241 15.29 28.40 -1.89
C GLY E 241 16.32 29.48 -1.60
N MET E 242 17.47 29.07 -1.09
CA MET E 242 18.55 29.96 -0.70
C MET E 242 19.81 29.64 -1.49
CHA HEM F . 12.04 -4.01 -26.66
CHB HEM F . 9.68 -3.51 -30.82
CHC HEM F . 5.79 -1.93 -28.36
CHD HEM F . 8.02 -3.06 -24.19
C1A HEM F . 11.74 -3.98 -28.00
C2A HEM F . 12.68 -4.24 -29.05
C3A HEM F . 12.01 -4.08 -30.21
C4A HEM F . 10.67 -3.74 -29.90
CMA HEM F . 12.56 -4.25 -31.61
CAA HEM F . 14.12 -4.65 -28.89
CBA HEM F . 15.06 -3.53 -28.56
CGA HEM F . 16.48 -4.02 -28.48
O1A HEM F . 17.22 -3.59 -27.56
O2A HEM F . 16.92 -4.84 -29.33
C1B HEM F . 8.43 -3.02 -30.51
C2B HEM F . 7.50 -2.58 -31.49
C3B HEM F . 6.40 -2.11 -30.84
C4B HEM F . 6.68 -2.25 -29.38
CMB HEM F . 7.71 -2.70 -32.97
CAB HEM F . 5.29 -1.45 -31.50
CBB HEM F . 4.79 -0.33 -31.00
C1C HEM F . 6.04 -2.15 -27.02
C2C HEM F . 5.09 -1.94 -25.94
C3C HEM F . 5.73 -2.29 -24.76
C4C HEM F . 7.05 -2.70 -25.10
CMC HEM F . 3.68 -1.44 -26.13
CAC HEM F . 5.25 -2.32 -23.37
CBC HEM F . 4.02 -2.47 -23.12
C1D HEM F . 9.34 -3.34 -24.54
C2D HEM F . 10.39 -3.61 -23.55
C3D HEM F . 11.51 -3.88 -24.24
C4D HEM F . 11.11 -3.78 -25.66
CMD HEM F . 10.21 -3.60 -22.05
CAD HEM F . 12.85 -4.27 -23.67
CBD HEM F . 12.89 -5.80 -23.65
CGD HEM F . 14.21 -6.35 -23.11
O1D HEM F . 15.29 -5.75 -23.34
O2D HEM F . 14.17 -7.40 -22.39
NA HEM F . 10.52 -3.69 -28.53
NB HEM F . 7.89 -2.83 -29.29
NC HEM F . 7.18 -2.63 -26.46
ND HEM F . 9.80 -3.49 -25.82
FE HEM F . 8.86 -3.20 -27.50
N1 AZI G . 9.45 -1.28 -27.53
N2 AZI G . 9.44 -0.48 -26.56
N3 AZI G . 9.43 0.33 -25.59
C1 GOL H . 18.58 5.76 -29.56
O1 GOL H . 17.24 6.29 -29.55
C2 GOL H . 18.05 4.41 -29.25
O2 GOL H . 18.24 4.03 -27.91
C3 GOL H . 18.04 3.47 -30.42
O3 GOL H . 18.09 2.10 -30.20
CHA HEM I . -19.00 -21.21 7.44
CHB HEM I . -19.38 -23.10 11.86
CHC HEM I . -16.10 -19.90 13.50
CHD HEM I . -15.33 -18.44 8.97
C1A HEM I . -19.40 -21.98 8.52
C2A HEM I . -20.45 -22.95 8.47
C3A HEM I . -20.55 -23.46 9.71
C4A HEM I . -19.57 -22.84 10.53
CMA HEM I . -21.55 -24.52 10.17
CAA HEM I . -21.25 -23.36 7.25
CBA HEM I . -22.34 -22.36 6.88
CGA HEM I . -23.14 -22.84 5.69
O1A HEM I . -23.51 -22.02 4.81
O2A HEM I . -23.46 -24.07 5.58
C1B HEM I . -18.53 -22.38 12.69
C2B HEM I . -18.48 -22.55 14.09
C3B HEM I . -17.59 -21.63 14.59
C4B HEM I . -17.08 -20.87 13.43
CMB HEM I . -19.26 -23.55 14.90
CAB HEM I . -17.38 -21.40 16.01
CBB HEM I . -17.30 -20.16 16.49
C1C HEM I . -15.53 -19.26 12.40
C2C HEM I . -14.46 -18.35 12.44
C3C HEM I . -14.24 -17.91 11.12
C4C HEM I . -15.15 -18.62 10.31
CMC HEM I . -13.76 -17.92 13.70
CAC HEM I . -13.21 -17.01 10.54
CBC HEM I . -12.03 -16.86 11.08
C1D HEM I . -16.31 -19.03 8.19
C2D HEM I . -16.51 -18.74 6.76
C3D HEM I . -17.53 -19.51 6.35
C4D HEM I . -17.96 -20.27 7.54
CMD HEM I . -15.72 -17.75 5.93
CAD HEM I . -18.11 -19.63 4.96
CBD HEM I . -17.42 -20.82 4.27
CGD HEM I . -17.83 -21.03 2.83
O1D HEM I . -16.96 -21.39 1.96
O2D HEM I . -19.04 -20.85 2.49
NA HEM I . -18.87 -21.92 9.79
NB HEM I . -17.66 -21.43 12.32
NC HEM I . -15.93 -19.43 11.11
ND HEM I . -17.19 -19.99 8.63
FE HEM I . -17.39 -20.71 10.42
N1 AZI J . -18.75 -16.84 10.20
N2 AZI J . -18.77 -18.05 10.51
N3 AZI J . -18.78 -19.26 10.82
C1 GOL K . -29.37 -16.75 7.95
O1 GOL K . -28.06 -16.45 7.60
C2 GOL K . -29.26 -17.12 9.39
O2 GOL K . -30.62 -17.22 9.84
C3 GOL K . -28.42 -18.41 9.56
O3 GOL K . -28.18 -19.24 8.39
CHA HEM L . 8.80 -19.85 19.90
CHB HEM L . 13.20 -19.96 21.90
CHC HEM L . 14.35 -15.86 19.53
CHD HEM L . 10.14 -16.10 17.15
C1A HEM L . 9.90 -20.20 20.66
C2A HEM L . 9.91 -21.28 21.60
C3A HEM L . 11.15 -21.33 22.15
C4A HEM L . 11.90 -20.26 21.57
CMA HEM L . 11.62 -22.24 23.24
CAA HEM L . 8.76 -22.22 21.86
CBA HEM L . 7.67 -21.65 22.78
CGA HEM L . 6.61 -22.69 23.05
O1A HEM L . 5.40 -22.35 23.05
O2A HEM L . 6.95 -23.91 23.28
C1B HEM L . 13.87 -18.83 21.41
C2B HEM L . 15.15 -18.44 21.90
C3B HEM L . 15.49 -17.29 21.28
C4B HEM L . 14.35 -16.96 20.39
CMB HEM L . 15.99 -19.19 22.93
CAB HEM L . 16.68 -16.51 21.62
CBB HEM L . 16.59 -15.19 21.76
C1C HEM L . 13.32 -15.61 18.62
C2C HEM L . 13.33 -14.56 17.66
C3C HEM L . 12.10 -14.62 16.97
C4C HEM L . 11.41 -15.72 17.53
CMC HEM L . 14.46 -13.58 17.49
CAC HEM L . 11.53 -13.85 15.83
CBC HEM L . 12.27 -13.22 15.01
C1D HEM L . 9.44 -17.12 17.78
C2D HEM L . 8.04 -17.42 17.39
C3D HEM L . 7.66 -18.46 18.16
C4D HEM L . 8.83 -18.78 19.00
CMD HEM L . 7.25 -16.64 16.36
CAD HEM L . 6.33 -19.18 18.16
CBD HEM L . 6.49 -20.42 17.25
CGD HEM L . 5.22 -21.21 17.11
O1D HEM L . 4.95 -21.73 16.00
O2D HEM L . 4.47 -21.43 18.09
NA HEM L . 11.13 -19.58 20.64
NB HEM L . 13.45 -17.95 20.49
NC HEM L . 12.17 -16.31 18.49
ND HEM L . 9.88 -17.99 18.71
FE HEM L . 11.63 -17.98 19.56
N1 AZI M . 9.37 -14.78 20.77
N2 AZI M . 10.17 -15.77 20.90
N3 AZI M . 10.98 -16.77 21.02
C1 GOL N . 4.67 -16.69 30.86
O1 GOL N . 5.46 -15.53 30.50
C2 GOL N . 4.56 -17.66 29.70
O2 GOL N . 3.91 -17.07 28.55
C3 GOL N . 5.96 -18.20 29.34
O3 GOL N . 5.77 -19.47 28.70
C1 GOL O . -10.82 11.74 24.26
O1 GOL O . -10.46 13.11 24.27
C2 GOL O . -9.71 10.92 23.57
O2 GOL O . -9.47 11.42 22.25
C3 GOL O . -10.20 9.47 23.55
O3 GOL O . -9.11 8.59 23.30
CHA HEM P . -17.00 -11.34 -21.27
CHB HEM P . -21.60 -12.74 -20.65
CHC HEM P . -21.43 -11.18 -16.08
CHD HEM P . -16.70 -10.29 -16.58
C1A HEM P . -18.27 -11.85 -21.50
C2A HEM P . -18.74 -12.28 -22.79
C3A HEM P . -20.05 -12.66 -22.61
C4A HEM P . -20.35 -12.48 -21.23
CMA HEM P . -21.02 -13.19 -23.63
CAA HEM P . -17.95 -12.35 -24.08
CBA HEM P . -17.83 -11.00 -24.79
CGA HEM P . -17.05 -11.21 -26.06
O1A HEM P . -16.17 -10.38 -26.40
O2A HEM P . -17.25 -12.21 -26.80
C1B HEM P . -21.93 -12.41 -19.33
C2B HEM P . -23.26 -12.56 -18.84
C3B HEM P . -23.27 -12.09 -17.57
C4B HEM P . -21.87 -11.67 -17.29
CMB HEM P . -24.45 -13.08 -19.60
CAB HEM P . -24.48 -11.95 -16.77
CBB HEM P . -24.65 -10.81 -16.08
C1C HEM P . -20.10 -10.86 -15.75
C2C HEM P . -19.61 -10.45 -14.49
C3C HEM P . -18.24 -10.18 -14.64
C4C HEM P . -17.93 -10.46 -16.00
CMC HEM P . -20.48 -10.30 -13.27
CAC HEM P . -17.18 -9.81 -13.67
CBC HEM P . -17.31 -10.18 -12.45
C1D HEM P . -16.42 -10.45 -17.92
C2D HEM P . -15.10 -10.17 -18.49
C3D HEM P . -15.19 -10.46 -19.81
C4D HEM P . -16.57 -10.91 -20.03
CMD HEM P . -13.92 -9.62 -17.74
CAD HEM P . -14.13 -10.35 -20.88
CBD HEM P . -13.45 -11.72 -20.98
CGD HEM P . -12.32 -11.80 -21.98
O1D HEM P . -11.31 -12.51 -21.70
O2D HEM P . -12.40 -11.17 -23.07
NA HEM P . -19.24 -11.95 -20.55
NB HEM P . -21.13 -11.93 -18.36
NC HEM P . -19.07 -10.86 -16.63
ND HEM P . -17.28 -10.93 -18.87
FE HEM P . -19.14 -11.45 -18.62
N1 AZI Q . -18.72 -7.38 -18.41
N2 AZI Q . -19.20 -8.49 -18.74
N3 AZI Q . -19.69 -9.62 -19.09
C1 GOL R . -23.56 15.99 3.91
O1 GOL R . -23.48 17.05 4.86
C2 GOL R . -22.95 14.72 4.52
O2 GOL R . -21.52 14.89 4.58
C3 GOL R . -23.37 13.55 3.64
O3 GOL R . -22.88 12.33 4.19
C1 GOL S . -21.39 -2.27 -28.05
O1 GOL S . -21.89 -2.02 -26.72
C2 GOL S . -20.48 -3.46 -28.05
O2 GOL S . -19.37 -3.19 -27.18
C3 GOL S . -21.27 -4.71 -27.59
O3 GOL S . -20.53 -5.89 -27.98
CHA HEM T . 28.07 -9.03 -1.14
CHB HEM T . 31.31 -7.66 -4.45
CHC HEM T . 27.96 -4.68 -6.37
CHD HEM T . 24.61 -6.49 -3.37
C1A HEM T . 29.22 -8.89 -1.87
C2A HEM T . 30.49 -9.51 -1.52
C3A HEM T . 31.38 -9.12 -2.46
C4A HEM T . 30.70 -8.26 -3.37
CMA HEM T . 32.84 -9.48 -2.52
CAA HEM T . 30.73 -10.50 -0.39
CBA HEM T . 30.90 -9.86 0.97
CGA HEM T . 31.19 -10.88 2.02
O1A HEM T . 32.00 -11.83 1.77
O2A HEM T . 30.62 -10.80 3.13
C1B HEM T . 30.65 -6.72 -5.25
C2B HEM T . 31.33 -6.00 -6.27
C3B HEM T . 30.43 -5.11 -6.81
C4B HEM T . 29.16 -5.32 -6.08
CMB HEM T . 32.79 -6.20 -6.65
CAB HEM T . 30.81 -4.07 -7.78
CBB HEM T . 30.38 -2.82 -7.63
C1C HEM T . 26.75 -4.95 -5.76
C2C HEM T . 25.49 -4.38 -6.12
C3C HEM T . 24.53 -4.89 -5.26
C4C HEM T . 25.21 -5.82 -4.40
CMC HEM T . 25.33 -3.35 -7.21
CAC HEM T . 23.05 -4.68 -5.17
CBC HEM T . 22.39 -4.42 -6.23
C1D HEM T . 25.33 -7.30 -2.48
C2D HEM T . 24.68 -7.95 -1.33
C3D HEM T . 25.65 -8.66 -0.69
C4D HEM T . 26.86 -8.43 -1.49
CMD HEM T . 23.24 -7.85 -0.95
CAD HEM T . 25.49 -9.57 0.52
CBD HEM T . 25.32 -11.00 -0.02
CGD HEM T . 25.09 -12.02 1.10
O1D HEM T . 24.21 -12.94 0.94
O2D HEM T . 25.74 -11.95 2.16
NA HEM T . 29.39 -8.12 -2.98
NB HEM T . 29.36 -6.34 -5.21
NC HEM T . 26.52 -5.83 -4.74
ND HEM T . 26.66 -7.62 -2.57
FE HEM T . 27.97 -7.02 -3.87
N1 AZI U . 27.00 -4.08 -1.37
N2 AZI U . 27.76 -4.82 -2.05
N3 AZI U . 28.52 -5.57 -2.74
C1 GOL V . 34.56 -2.71 6.82
O1 GOL V . 34.11 -1.76 5.86
C2 GOL V . 33.98 -4.07 6.52
O2 GOL V . 32.55 -4.11 6.65
C3 GOL V . 34.45 -4.47 5.12
O3 GOL V . 34.31 -5.88 5.00
C1 GOL W . 13.31 25.69 -3.69
O1 GOL W . 12.28 26.61 -3.37
C2 GOL W . 12.87 24.23 -3.57
O2 GOL W . 11.43 24.03 -3.48
C3 GOL W . 13.65 23.49 -4.70
O3 GOL W . 12.97 22.49 -5.44
#